data_9DMH
#
_entry.id   9DMH
#
_cell.length_a   1.00
_cell.length_b   1.00
_cell.length_c   1.00
_cell.angle_alpha   90.00
_cell.angle_beta   90.00
_cell.angle_gamma   90.00
#
_symmetry.space_group_name_H-M   'P 1'
#
loop_
_entity.id
_entity.type
_entity.pdbx_description
1 polymer 'Acetylcholine receptor subunit alpha'
2 polymer 'Acetylcholine receptor subunit beta'
3 polymer 'Acetylcholine receptor subunit delta'
4 polymer 'Acetylcholine receptor subunit epsilon'
5 branched alpha-D-mannopyranose-(1-6)-beta-D-mannopyranose-(1-4)-2-acetamido-2-deoxy-beta-D-glucopyranose-(1-4)-2-acetamido-2-deoxy-beta-D-glucopyranose
6 branched alpha-D-mannopyranose-(1-3)-[alpha-D-mannopyranose-(1-6)]beta-D-mannopyranose-(1-4)-2-acetamido-2-deoxy-beta-D-glucopyranose-(1-4)-2-acetamido-2-deoxy-beta-D-glucopyranose
7 branched alpha-D-mannopyranose-(1-3)-beta-D-mannopyranose-(1-4)-2-acetamido-2-deoxy-beta-D-glucopyranose-(1-4)-2-acetamido-2-deoxy-beta-D-glucopyranose
8 branched beta-D-mannopyranose-(1-3)-[alpha-D-mannopyranose-(1-6)]beta-D-mannopyranose-(1-4)-2-acetamido-2-deoxy-beta-D-glucopyranose-(1-4)-2-acetamido-2-deoxy-beta-D-glucopyranose
9 branched 2-acetamido-2-deoxy-beta-D-glucopyranose-(1-4)-2-acetamido-2-deoxy-beta-D-glucopyranose
10 non-polymer ACETYLCHOLINE
11 non-polymer '(2S)-3-(hexadecanoyloxy)-2-[(9Z)-octadec-9-enoyloxy]propyl 2-(trimethylammonio)ethyl phosphate'
12 water water
#
loop_
_entity_poly.entity_id
_entity_poly.type
_entity_poly.pdbx_seq_one_letter_code
_entity_poly.pdbx_strand_id
1 'polypeptide(L)'
;MEPWPLLLLFSLCSAGLVLGSEHETRLVAKLFKDYSSVVRPVEDHRQVVEVTVGLQLIQLINVDEVNQIVTTNVRLKQQW
VDYNLKWNPDDYGGVKKIHIPSEKIWRPDLVLYNNADGDFAIVKFTKVLLQYTGHITWTPPAIFKSYCEIIVTHFPFDEQ
NCSMKLGTWTYDGSVVAINPESDQPDLSNFMESGEWVIKESRGWKHSVTYSCCPDTPYLDITYHFVMQRLPLYFIVNVII
PCLLFSFLTGLVFYLPTDSGEKMTLSISVLLSLTVFLLVIVELIPSTSSAVPLIGKYMLFTMVFVIASIIITVIVINTHH
RSPSTHVMPNWVRKVFIDTIPNIMFFSTMKRPSREKQDKKIFTEDIDISDISGKPGPPPMGFHSPLIKHPEVKSAIEGIK
YIAETMKSDQESNNAAAEWKYVAMVMDHILLGVFMLVCIIGTLAVFAGRLIELNQQG
;
A,C
2 'polypeptide(L)'
;MTPGALLMLLGALGAPLAPGVRGSEAEGRLREKLFSGYDSSVRPAREVGDRVRVSVGLILAQLISLNEKDEEMSTKVYLD
LEWTDYRLSWDPAEHDGIDSLRITAESVWLPDVVLLNNNDGNFDVALDISVVVSSDGSVRWQPPGIYRSSCSIQVTYFPF
DWQNCTMVFSSYSYDSSEVSLQTGLGPDGQGHQEIHIHEGTFIENGQWEIIHKPSRLIQPPGDPRGGREGQRQEVIFYLI
IRRKPLFYLVNVIAPCILITLLAIFVFYLPPDAGEKMGLSIFALLTLTVFLLLLADKVPETSLSVPIIIKYLMFTMVLVT
FSVILSVVVLNLHHRSPHTHQMPLWVRQIFIHKLPLYLRLKRPKPERDLMPEPPHCSSPGSGWGRGTDEYFIRKPPSDFL
FPKPNRFQPELSAPDLRRFIDGPNRAVALLPELREVVSSISYIARQLQEQEDHDALKEDWQFVAMVVDRLFLWTFIIFTS
VGTLVIFLDATYHLPPPDPFPSR
;
E
3 'polypeptide(L)'
;MEGPVLTLGLLAALAVCGSWGLNEEERLIRHLFQEKGYNKELRPVAHKEESVDVALALTLSNLISLKEVEETLTTNVWIE
HGWTDNRLKWNAEEFGNISVLRLPPDMVWLPEIVLENNNDGSFQISYSCNVLVYHYGFVYWLPPAIFRSSCPISVTYFPF
DWQNCSLKFSSLKYTAKEITLSLKQDAKENRTYPVEWIIIDPEGFTENGEWEIVHRPARVNVDPRAPLDSPSRQDITFYL
IIRRKPLFYIINILVPCVLISFMVNLVFYLPADSGEKTSVAISVLLAQSVFLLLISKRLPATSMAIPLIGKFLLFGMVLV
TMVVVICVIVLNIHFRTPSTHVLSEGVKKLFLETLPELLHMSRPAEDGPSPGALVRRSSSLGYISKAEEYFLLKSRSDLM
FEKQSERHGLARRLTTARRPPASSEQAQQELFNELKPAVDGANFIVNHMRDQNNYNEEKDSWNRVARTVDRLCLFVVTPV
MVVGTAWIFLQGVYNQPPPQPFPGDPYSYNVQDKRFI
;
D
4 'polypeptide(L)'
;MARAPLGVLLLLGLLGRGVGKNEELRLYHHLFNNYDPGSRPVREPEDTVTISLKVTLTNLISLNEKEETLTTSVWIGIDW
QDYRLNYSKDDFGGIETLRVPSELVWLPEIVLENNIDGQFGVAYDANVLVYEGGSVTWLPPAIYRSVCAVEVTYFPFDWQ
NCSLIFRSQTYNAEEVEFTFAVDNDGKTINKIDIDTEAYTENGEWAIDFCPGVIRRHHGGATDGPGETDVIYSLIIRRKP
LFYVINIIVPCVLISGLVLLAYFLPAQAGGQKCTVSINVLLAQTVFLFLIAQKIPETSLSVPLLGRFLIFVMVVATLIVM
NCVIVLNVSQRTPTTHAMSPRLRHVLLELLPRLLGSPPPPEAPRAASPPRRASSVGLLLRAEELILKKPRSELVFEGQRH
RQGTWTAAFCQSLGAAAPEVRCCVDAVNFVAESTRDQEATGEEVSDWVRMGNALDNICFWAALVLFSVGSSLIFLGAYFN
RVPDLPYAPCIQP
;
B
#
# COMPACT_ATOMS: atom_id res chain seq x y z
N SER A 21 28.98 18.25 -45.21
CA SER A 21 29.32 18.70 -43.83
C SER A 21 29.98 20.07 -43.85
N GLU A 22 31.05 20.22 -44.62
CA GLU A 22 31.55 21.56 -44.92
C GLU A 22 30.50 22.36 -45.68
N HIS A 23 29.91 21.74 -46.71
CA HIS A 23 28.81 22.37 -47.42
C HIS A 23 27.63 22.61 -46.50
N GLU A 24 27.28 21.62 -45.68
CA GLU A 24 26.17 21.78 -44.75
C GLU A 24 26.51 22.74 -43.61
N THR A 25 27.76 22.81 -43.19
CA THR A 25 28.16 23.82 -42.21
C THR A 25 27.96 25.22 -42.77
N ARG A 26 28.39 25.44 -44.01
CA ARG A 26 28.19 26.74 -44.65
C ARG A 26 26.70 27.05 -44.80
N LEU A 27 25.92 26.04 -45.19
CA LEU A 27 24.48 26.22 -45.35
C LEU A 27 23.82 26.61 -44.02
N VAL A 28 24.18 25.91 -42.94
CA VAL A 28 23.57 26.18 -41.65
C VAL A 28 23.96 27.57 -41.16
N ALA A 29 25.22 27.95 -41.40
CA ALA A 29 25.65 29.30 -41.05
C ALA A 29 24.85 30.35 -41.82
N LYS A 30 24.58 30.10 -43.11
CA LYS A 30 23.84 31.06 -43.91
C LYS A 30 22.38 31.15 -43.49
N LEU A 31 21.76 30.00 -43.22
CA LEU A 31 20.31 29.96 -43.00
C LEU A 31 19.91 30.72 -41.74
N PHE A 32 20.74 30.70 -40.70
CA PHE A 32 20.43 31.29 -39.41
C PHE A 32 21.24 32.56 -39.14
N LYS A 33 21.74 33.21 -40.20
CA LYS A 33 22.49 34.45 -40.01
C LYS A 33 21.58 35.57 -39.52
N ASP A 34 20.45 35.76 -40.19
CA ASP A 34 19.47 36.81 -39.88
C ASP A 34 18.08 36.22 -39.70
N TYR A 35 18.02 35.02 -39.12
CA TYR A 35 16.75 34.32 -38.93
C TYR A 35 16.07 34.78 -37.65
N SER A 36 14.74 34.80 -37.68
CA SER A 36 13.92 35.11 -36.53
C SER A 36 12.92 33.99 -36.29
N SER A 37 12.92 33.46 -35.07
CA SER A 37 11.94 32.45 -34.65
C SER A 37 10.73 33.07 -33.95
N VAL A 38 10.66 34.40 -33.88
CA VAL A 38 9.52 35.05 -33.24
C VAL A 38 8.35 35.18 -34.21
N VAL A 39 8.62 35.63 -35.42
CA VAL A 39 7.57 35.90 -36.40
C VAL A 39 7.10 34.59 -37.02
N ARG A 40 5.88 34.61 -37.55
CA ARG A 40 5.38 33.46 -38.28
C ARG A 40 6.16 33.32 -39.59
N PRO A 41 6.39 32.09 -40.08
CA PRO A 41 7.28 31.96 -41.25
C PRO A 41 6.52 32.04 -42.57
N VAL A 42 6.11 33.25 -42.94
CA VAL A 42 5.40 33.51 -44.19
C VAL A 42 6.03 34.72 -44.86
N GLU A 43 5.96 34.73 -46.19
CA GLU A 43 6.46 35.88 -46.95
C GLU A 43 5.65 37.13 -46.63
N ASP A 44 4.33 36.99 -46.51
CA ASP A 44 3.41 38.08 -46.22
C ASP A 44 2.62 37.77 -44.96
N HIS A 45 2.47 38.76 -44.10
CA HIS A 45 1.78 38.56 -42.83
C HIS A 45 0.31 38.20 -43.02
N ARG A 46 -0.29 38.59 -44.14
CA ARG A 46 -1.69 38.26 -44.40
C ARG A 46 -1.91 36.79 -44.73
N GLN A 47 -0.85 36.01 -44.95
CA GLN A 47 -0.99 34.60 -45.24
C GLN A 47 -1.12 33.79 -43.95
N VAL A 48 -1.61 32.56 -44.11
CA VAL A 48 -1.83 31.63 -43.02
C VAL A 48 -0.78 30.53 -43.11
N VAL A 49 -0.17 30.20 -41.97
CA VAL A 49 0.76 29.08 -41.91
C VAL A 49 -0.05 27.79 -41.91
N GLU A 50 0.17 26.95 -42.92
CA GLU A 50 -0.56 25.70 -43.07
C GLU A 50 0.26 24.59 -42.43
N VAL A 51 -0.27 24.02 -41.35
CA VAL A 51 0.39 22.98 -40.57
C VAL A 51 -0.42 21.70 -40.71
N THR A 52 0.25 20.61 -41.08
CA THR A 52 -0.36 19.29 -41.08
C THR A 52 0.05 18.57 -39.81
N VAL A 53 -0.94 18.05 -39.08
CA VAL A 53 -0.73 17.43 -37.78
C VAL A 53 -1.22 15.99 -37.86
N GLY A 54 -0.37 15.06 -37.44
CA GLY A 54 -0.72 13.66 -37.37
C GLY A 54 -0.24 13.03 -36.08
N LEU A 55 -1.15 12.43 -35.34
CA LEU A 55 -0.82 11.74 -34.10
C LEU A 55 -0.52 10.28 -34.39
N GLN A 56 0.59 9.78 -33.85
CA GLN A 56 0.93 8.36 -33.89
C GLN A 56 0.91 7.85 -32.46
N LEU A 57 0.12 6.81 -32.21
CA LEU A 57 0.02 6.20 -30.89
C LEU A 57 0.96 5.01 -30.82
N ILE A 58 2.00 5.13 -29.99
CA ILE A 58 2.97 4.06 -29.83
C ILE A 58 2.53 3.07 -28.77
N GLN A 59 1.94 3.55 -27.67
CA GLN A 59 1.62 2.70 -26.54
C GLN A 59 0.53 3.35 -25.71
N LEU A 60 -0.44 2.54 -25.27
CA LEU A 60 -1.42 2.94 -24.26
C LEU A 60 -0.86 2.51 -22.91
N ILE A 61 -0.20 3.44 -22.23
CA ILE A 61 0.55 3.09 -21.02
C ILE A 61 -0.42 2.69 -19.90
N ASN A 62 -1.45 3.49 -19.68
CA ASN A 62 -2.30 3.23 -18.51
C ASN A 62 -3.66 3.89 -18.69
N VAL A 63 -4.66 3.28 -18.06
CA VAL A 63 -6.00 3.86 -17.94
C VAL A 63 -6.35 3.82 -16.46
N ASP A 64 -6.01 4.88 -15.73
CA ASP A 64 -6.35 5.01 -14.32
C ASP A 64 -7.82 5.34 -14.19
N GLU A 65 -8.61 4.34 -13.77
CA GLU A 65 -10.05 4.51 -13.61
C GLU A 65 -10.39 5.35 -12.39
N VAL A 66 -9.65 5.16 -11.29
CA VAL A 66 -9.96 5.88 -10.06
C VAL A 66 -9.73 7.38 -10.26
N ASN A 67 -8.58 7.75 -10.82
CA ASN A 67 -8.24 9.14 -11.05
C ASN A 67 -8.70 9.64 -12.41
N GLN A 68 -9.26 8.78 -13.26
CA GLN A 68 -9.84 9.18 -14.54
C GLN A 68 -8.79 9.84 -15.44
N ILE A 69 -7.64 9.18 -15.59
CA ILE A 69 -6.52 9.71 -16.37
C ILE A 69 -6.02 8.60 -17.29
N VAL A 70 -5.73 8.96 -18.54
CA VAL A 70 -5.17 8.03 -19.51
C VAL A 70 -3.76 8.49 -19.87
N THR A 71 -2.80 7.58 -19.73
CA THR A 71 -1.40 7.81 -20.05
C THR A 71 -1.05 7.10 -21.34
N THR A 72 -0.58 7.86 -22.33
CA THR A 72 -0.22 7.33 -23.64
C THR A 72 1.15 7.83 -24.05
N ASN A 73 1.83 7.02 -24.85
CA ASN A 73 3.09 7.38 -25.49
C ASN A 73 2.77 7.67 -26.95
N VAL A 74 3.12 8.87 -27.42
CA VAL A 74 2.69 9.36 -28.72
C VAL A 74 3.86 10.04 -29.44
N ARG A 75 3.70 10.19 -30.75
CA ARG A 75 4.58 10.98 -31.60
C ARG A 75 3.69 11.98 -32.32
N LEU A 76 3.99 13.27 -32.19
CA LEU A 76 3.12 14.32 -32.73
C LEU A 76 3.75 14.90 -33.99
N LYS A 77 3.54 14.22 -35.12
CA LYS A 77 4.17 14.65 -36.36
C LYS A 77 3.54 15.95 -36.85
N GLN A 78 4.38 16.96 -37.07
CA GLN A 78 3.96 18.29 -37.48
C GLN A 78 4.76 18.68 -38.72
N GLN A 79 4.05 19.04 -39.78
CA GLN A 79 4.67 19.39 -41.06
C GLN A 79 4.25 20.80 -41.47
N TRP A 80 5.23 21.60 -41.89
CA TRP A 80 4.89 22.94 -42.37
C TRP A 80 6.07 23.51 -43.13
N VAL A 81 5.80 24.54 -43.93
CA VAL A 81 6.80 25.18 -44.77
C VAL A 81 7.29 26.45 -44.09
N ASP A 82 8.61 26.61 -44.01
CA ASP A 82 9.23 27.85 -43.55
C ASP A 82 9.77 28.59 -44.77
N TYR A 83 9.27 29.82 -44.97
CA TYR A 83 9.61 30.55 -46.18
C TYR A 83 11.09 30.91 -46.24
N ASN A 84 11.70 31.19 -45.09
CA ASN A 84 13.07 31.69 -45.02
C ASN A 84 14.12 30.60 -44.86
N LEU A 85 13.74 29.32 -44.89
CA LEU A 85 14.66 28.20 -44.76
C LEU A 85 14.73 27.38 -46.04
N LYS A 86 14.77 28.06 -47.18
CA LYS A 86 14.96 27.45 -48.48
C LYS A 86 16.37 27.71 -48.98
N TRP A 87 16.86 26.82 -49.84
CA TRP A 87 18.16 27.00 -50.47
C TRP A 87 18.19 26.20 -51.77
N ASN A 88 19.14 26.55 -52.62
CA ASN A 88 19.40 25.81 -53.84
C ASN A 88 20.45 24.75 -53.56
N PRO A 89 20.17 23.45 -53.73
CA PRO A 89 21.22 22.44 -53.46
C PRO A 89 22.47 22.61 -54.31
N ASP A 90 22.33 23.14 -55.53
CA ASP A 90 23.49 23.30 -56.41
C ASP A 90 24.55 24.21 -55.82
N ASP A 91 24.17 25.13 -54.93
CA ASP A 91 25.11 26.03 -54.28
C ASP A 91 25.75 25.44 -53.03
N TYR A 92 25.36 24.23 -52.62
CA TYR A 92 25.85 23.62 -51.39
C TYR A 92 26.16 22.15 -51.60
N GLY A 93 26.81 21.83 -52.72
CA GLY A 93 27.27 20.48 -52.97
C GLY A 93 26.19 19.45 -53.19
N GLY A 94 24.97 19.87 -53.51
CA GLY A 94 23.87 18.95 -53.70
C GLY A 94 23.16 18.54 -52.43
N VAL A 95 23.44 19.17 -51.30
CA VAL A 95 22.74 18.86 -50.06
C VAL A 95 21.28 19.26 -50.22
N LYS A 96 20.39 18.26 -50.15
CA LYS A 96 18.96 18.47 -50.38
C LYS A 96 18.12 18.42 -49.12
N LYS A 97 18.60 17.79 -48.06
CA LYS A 97 17.89 17.73 -46.79
C LYS A 97 18.90 17.76 -45.66
N ILE A 98 18.53 18.40 -44.55
CA ILE A 98 19.38 18.48 -43.37
C ILE A 98 18.53 18.22 -42.12
N HIS A 99 19.23 18.00 -41.01
CA HIS A 99 18.61 17.86 -39.70
C HIS A 99 19.14 18.98 -38.83
N ILE A 100 18.24 19.75 -38.21
CA ILE A 100 18.64 20.90 -37.41
C ILE A 100 17.91 20.86 -36.07
N PRO A 101 18.46 21.51 -35.03
CA PRO A 101 17.75 21.57 -33.75
C PRO A 101 16.43 22.31 -33.89
N SER A 102 15.39 21.78 -33.23
CA SER A 102 14.07 22.39 -33.32
C SER A 102 13.95 23.66 -32.51
N GLU A 103 14.79 23.85 -31.49
CA GLU A 103 14.67 25.02 -30.64
C GLU A 103 15.04 26.32 -31.35
N LYS A 104 15.77 26.24 -32.46
CA LYS A 104 16.23 27.43 -33.18
C LYS A 104 15.16 28.07 -34.05
N ILE A 105 14.11 27.33 -34.42
CA ILE A 105 13.16 27.77 -35.43
C ILE A 105 11.80 28.06 -34.79
N TRP A 106 11.01 28.86 -35.50
CA TRP A 106 9.60 28.99 -35.18
C TRP A 106 8.93 27.62 -35.30
N ARG A 107 8.06 27.30 -34.35
CA ARG A 107 7.27 26.09 -34.36
C ARG A 107 5.83 26.42 -33.99
N PRO A 108 4.86 25.62 -34.44
CA PRO A 108 3.50 25.77 -33.88
C PRO A 108 3.46 25.34 -32.43
N ASP A 109 2.65 26.04 -31.64
CA ASP A 109 2.57 25.81 -30.20
C ASP A 109 1.34 24.95 -29.86
N LEU A 110 1.44 23.67 -30.21
CA LEU A 110 0.35 22.75 -29.96
C LEU A 110 0.28 22.42 -28.47
N VAL A 111 -0.93 22.50 -27.91
CA VAL A 111 -1.19 22.24 -26.51
C VAL A 111 -2.32 21.23 -26.43
N LEU A 112 -2.20 20.30 -25.49
CA LEU A 112 -3.24 19.34 -25.14
C LEU A 112 -4.19 20.03 -24.17
N TYR A 113 -5.39 20.37 -24.66
CA TYR A 113 -6.36 21.09 -23.85
C TYR A 113 -6.72 20.32 -22.58
N ASN A 114 -6.98 19.03 -22.72
CA ASN A 114 -7.48 18.20 -21.62
C ASN A 114 -6.35 17.49 -20.87
N ASN A 115 -5.16 18.08 -20.83
CA ASN A 115 -4.09 17.61 -19.97
C ASN A 115 -4.55 17.56 -18.51
N ALA A 116 -4.30 16.43 -17.85
CA ALA A 116 -4.76 16.21 -16.48
C ALA A 116 -3.65 16.43 -15.45
N ASP A 117 -2.57 15.65 -15.52
CA ASP A 117 -1.46 15.76 -14.58
C ASP A 117 -0.12 15.60 -15.26
N GLY A 118 0.00 16.03 -16.51
CA GLY A 118 1.24 15.99 -17.26
C GLY A 118 1.61 17.38 -17.77
N ASP A 119 2.22 17.40 -18.96
CA ASP A 119 2.62 18.63 -19.61
C ASP A 119 1.59 19.04 -20.65
N PHE A 120 1.41 20.36 -20.80
CA PHE A 120 0.46 20.86 -21.79
C PHE A 120 1.02 20.74 -23.20
N ALA A 121 2.31 21.04 -23.37
CA ALA A 121 2.95 21.14 -24.67
C ALA A 121 4.10 20.14 -24.78
N ILE A 122 4.68 20.09 -25.98
CA ILE A 122 5.87 19.28 -26.19
C ILE A 122 7.01 19.82 -25.35
N VAL A 123 7.76 18.93 -24.70
CA VAL A 123 8.94 19.29 -23.94
C VAL A 123 10.20 18.61 -24.45
N LYS A 124 10.09 17.58 -25.28
CA LYS A 124 11.23 16.88 -25.86
C LYS A 124 11.48 17.48 -27.24
N PHE A 125 12.53 18.30 -27.34
CA PHE A 125 12.80 19.06 -28.56
C PHE A 125 13.82 18.30 -29.42
N THR A 126 13.29 17.35 -30.19
CA THR A 126 14.10 16.57 -31.10
C THR A 126 14.34 17.36 -32.39
N LYS A 127 15.21 16.84 -33.24
CA LYS A 127 15.60 17.53 -34.46
C LYS A 127 14.43 17.60 -35.44
N VAL A 128 14.46 18.61 -36.30
CA VAL A 128 13.55 18.72 -37.43
C VAL A 128 14.32 18.37 -38.70
N LEU A 129 13.61 17.72 -39.62
CA LEU A 129 14.10 17.43 -40.96
C LEU A 129 13.66 18.55 -41.89
N LEU A 130 14.63 19.25 -42.46
CA LEU A 130 14.38 20.41 -43.32
C LEU A 130 14.82 20.07 -44.74
N GLN A 131 13.88 20.15 -45.67
CA GLN A 131 14.17 19.99 -47.08
C GLN A 131 14.60 21.33 -47.68
N TYR A 132 15.25 21.27 -48.85
CA TYR A 132 15.71 22.48 -49.52
C TYR A 132 14.56 23.37 -49.94
N THR A 133 13.36 22.81 -50.14
CA THR A 133 12.19 23.60 -50.49
C THR A 133 11.64 24.41 -49.32
N GLY A 134 12.16 24.22 -48.11
CA GLY A 134 11.64 24.86 -46.92
C GLY A 134 10.68 24.01 -46.12
N HIS A 135 10.34 22.83 -46.62
CA HIS A 135 9.44 21.93 -45.90
C HIS A 135 10.12 21.40 -44.65
N ILE A 136 9.38 21.37 -43.55
CA ILE A 136 9.87 20.92 -42.25
C ILE A 136 8.95 19.80 -41.79
N THR A 137 9.58 18.73 -41.28
CA THR A 137 8.88 17.63 -40.61
C THR A 137 9.51 17.51 -39.22
N TRP A 138 8.73 17.79 -38.18
CA TRP A 138 9.16 17.66 -36.79
C TRP A 138 8.28 16.61 -36.12
N THR A 139 8.89 15.57 -35.57
CA THR A 139 8.17 14.41 -35.02
C THR A 139 8.58 14.19 -33.56
N PRO A 140 8.18 15.08 -32.66
CA PRO A 140 8.60 14.96 -31.28
C PRO A 140 7.86 13.83 -30.58
N PRO A 141 8.46 13.22 -29.56
CA PRO A 141 7.73 12.27 -28.73
C PRO A 141 7.07 12.97 -27.55
N ALA A 142 6.09 12.28 -26.97
CA ALA A 142 5.41 12.85 -25.80
C ALA A 142 4.78 11.74 -24.99
N ILE A 143 4.68 11.97 -23.69
CA ILE A 143 3.88 11.17 -22.78
C ILE A 143 2.69 12.04 -22.40
N PHE A 144 1.53 11.74 -22.98
CA PHE A 144 0.32 12.51 -22.71
C PHE A 144 -0.42 11.87 -21.53
N LYS A 145 -0.76 12.70 -20.56
CA LYS A 145 -1.61 12.32 -19.43
C LYS A 145 -2.88 13.14 -19.53
N SER A 146 -3.93 12.54 -20.09
CA SER A 146 -5.13 13.25 -20.49
C SER A 146 -6.32 12.85 -19.62
N TYR A 147 -7.24 13.81 -19.44
CA TYR A 147 -8.47 13.54 -18.71
C TYR A 147 -9.35 12.63 -19.55
N CYS A 148 -10.08 11.73 -18.88
CA CYS A 148 -11.11 10.93 -19.53
C CYS A 148 -12.20 10.59 -18.53
N GLU A 149 -13.42 11.01 -18.83
CA GLU A 149 -14.56 10.59 -18.02
C GLU A 149 -14.74 9.09 -18.14
N ILE A 150 -14.48 8.36 -17.07
CA ILE A 150 -14.51 6.90 -17.07
C ILE A 150 -15.93 6.47 -16.70
N ILE A 151 -16.63 5.86 -17.66
CA ILE A 151 -17.97 5.32 -17.43
C ILE A 151 -17.79 3.90 -16.92
N VAL A 152 -18.19 3.65 -15.67
CA VAL A 152 -18.05 2.35 -15.03
C VAL A 152 -19.37 1.59 -14.99
N THR A 153 -20.36 2.00 -15.79
CA THR A 153 -21.69 1.39 -15.72
C THR A 153 -21.64 -0.10 -16.03
N HIS A 154 -20.69 -0.53 -16.86
CA HIS A 154 -20.55 -1.93 -17.26
C HIS A 154 -19.22 -2.54 -16.86
N PHE A 155 -18.50 -1.94 -15.91
CA PHE A 155 -17.23 -2.50 -15.44
C PHE A 155 -17.48 -3.89 -14.85
N PRO A 156 -16.62 -4.90 -15.12
CA PRO A 156 -15.37 -4.90 -15.91
C PRO A 156 -15.57 -5.12 -17.40
N PHE A 157 -16.80 -5.03 -17.90
CA PHE A 157 -17.12 -5.25 -19.30
C PHE A 157 -17.39 -3.92 -20.02
N ASP A 158 -16.63 -2.89 -19.65
CA ASP A 158 -16.91 -1.52 -20.05
C ASP A 158 -16.13 -1.13 -21.30
N GLU A 159 -16.67 -0.13 -22.00
CA GLU A 159 -16.02 0.49 -23.15
C GLU A 159 -15.84 1.97 -22.84
N GLN A 160 -14.63 2.49 -23.08
CA GLN A 160 -14.24 3.89 -22.74
C GLN A 160 -13.95 4.71 -24.00
N ASN A 161 -14.67 5.82 -24.22
CA ASN A 161 -14.43 6.74 -25.37
C ASN A 161 -13.56 7.90 -24.87
N CYS A 162 -12.24 7.78 -24.93
CA CYS A 162 -11.30 8.84 -24.48
C CYS A 162 -10.96 9.74 -25.65
N SER A 163 -10.31 10.88 -25.42
CA SER A 163 -10.00 11.87 -26.49
C SER A 163 -8.70 12.61 -26.18
N MET A 164 -8.13 13.29 -27.16
CA MET A 164 -6.89 14.09 -27.00
C MET A 164 -7.04 15.35 -27.84
N LYS A 165 -7.53 16.45 -27.27
CA LYS A 165 -7.80 17.68 -28.00
C LYS A 165 -6.50 18.48 -28.08
N LEU A 166 -6.03 18.74 -29.31
CA LEU A 166 -4.74 19.37 -29.55
C LEU A 166 -4.96 20.62 -30.39
N GLY A 167 -4.37 21.74 -29.97
CA GLY A 167 -4.54 22.96 -30.74
C GLY A 167 -3.48 24.00 -30.44
N THR A 168 -3.29 24.90 -31.40
CA THR A 168 -2.37 26.02 -31.19
C THR A 168 -2.95 26.96 -30.13
N TRP A 169 -2.19 27.19 -29.06
CA TRP A 169 -2.73 27.92 -27.93
C TRP A 169 -2.94 29.41 -28.25
N THR A 170 -1.92 30.06 -28.80
CA THR A 170 -1.92 31.50 -28.95
C THR A 170 -2.24 31.99 -30.36
N TYR A 171 -2.19 31.11 -31.36
CA TYR A 171 -2.47 31.47 -32.75
C TYR A 171 -3.89 31.04 -33.10
N ASP A 172 -4.69 31.99 -33.54
CA ASP A 172 -6.04 31.69 -34.01
C ASP A 172 -6.00 31.17 -35.45
N GLY A 173 -7.14 30.67 -35.91
CA GLY A 173 -7.22 30.05 -37.23
C GLY A 173 -6.92 30.98 -38.39
N SER A 174 -6.97 32.30 -38.17
CA SER A 174 -6.71 33.26 -39.24
C SER A 174 -5.22 33.50 -39.49
N VAL A 175 -4.32 33.01 -38.62
CA VAL A 175 -2.88 33.21 -38.77
C VAL A 175 -2.16 31.87 -38.86
N VAL A 176 -2.72 30.83 -38.25
CA VAL A 176 -2.17 29.47 -38.32
C VAL A 176 -3.33 28.51 -38.44
N ALA A 177 -3.31 27.66 -39.48
CA ALA A 177 -4.34 26.67 -39.73
C ALA A 177 -3.74 25.28 -39.59
N ILE A 178 -4.36 24.45 -38.74
CA ILE A 178 -3.94 23.06 -38.58
C ILE A 178 -4.93 22.17 -39.32
N ASN A 179 -4.41 21.18 -40.04
CA ASN A 179 -5.22 20.21 -40.78
C ASN A 179 -4.77 18.81 -40.38
N PRO A 180 -5.68 17.84 -40.21
CA PRO A 180 -5.22 16.48 -39.91
C PRO A 180 -4.46 15.88 -41.08
N GLU A 181 -3.38 15.17 -40.76
CA GLU A 181 -2.65 14.43 -41.79
C GLU A 181 -3.51 13.31 -42.37
N SER A 182 -4.22 12.61 -41.51
CA SER A 182 -5.06 11.48 -41.90
C SER A 182 -6.37 11.54 -41.10
N ASP A 183 -7.38 10.84 -41.59
CA ASP A 183 -8.64 10.77 -40.86
C ASP A 183 -8.49 10.03 -39.53
N GLN A 184 -7.52 9.13 -39.41
CA GLN A 184 -7.35 8.28 -38.26
C GLN A 184 -5.96 8.50 -37.66
N PRO A 185 -5.77 8.23 -36.37
CA PRO A 185 -4.41 8.21 -35.84
C PRO A 185 -3.62 7.05 -36.44
N ASP A 186 -2.31 7.24 -36.53
CA ASP A 186 -1.42 6.22 -37.08
C ASP A 186 -1.14 5.20 -35.98
N LEU A 187 -1.66 3.98 -36.15
CA LEU A 187 -1.44 2.88 -35.23
C LEU A 187 -0.50 1.82 -35.80
N SER A 188 0.29 2.19 -36.81
CA SER A 188 1.15 1.20 -37.47
C SER A 188 2.25 0.70 -36.54
N ASN A 189 2.74 1.55 -35.63
CA ASN A 189 3.76 1.17 -34.66
C ASN A 189 3.17 0.97 -33.26
N PHE A 190 1.85 0.79 -33.16
CA PHE A 190 1.22 0.64 -31.86
C PHE A 190 1.62 -0.68 -31.21
N MET A 191 2.03 -0.63 -29.94
CA MET A 191 2.30 -1.82 -29.15
C MET A 191 0.99 -2.36 -28.62
N GLU A 192 0.77 -3.66 -28.77
CA GLU A 192 -0.46 -4.26 -28.30
C GLU A 192 -0.54 -4.21 -26.78
N SER A 193 -1.73 -3.89 -26.28
CA SER A 193 -1.97 -3.78 -24.85
C SER A 193 -2.55 -5.08 -24.30
N GLY A 194 -2.13 -5.42 -23.09
CA GLY A 194 -2.66 -6.58 -22.40
C GLY A 194 -3.94 -6.36 -21.64
N GLU A 195 -4.52 -5.15 -21.73
CA GLU A 195 -5.73 -4.79 -20.99
C GLU A 195 -6.81 -4.15 -21.85
N TRP A 196 -6.47 -3.61 -23.01
CA TRP A 196 -7.39 -2.79 -23.80
C TRP A 196 -7.22 -3.10 -25.28
N VAL A 197 -8.33 -3.08 -26.01
CA VAL A 197 -8.35 -3.23 -27.46
C VAL A 197 -8.98 -1.98 -28.05
N ILE A 198 -8.28 -1.35 -28.99
CA ILE A 198 -8.76 -0.12 -29.62
C ILE A 198 -9.75 -0.52 -30.70
N LYS A 199 -11.05 -0.38 -30.41
CA LYS A 199 -12.08 -0.73 -31.38
C LYS A 199 -12.08 0.23 -32.56
N GLU A 200 -12.08 1.53 -32.28
CA GLU A 200 -12.18 2.56 -33.31
C GLU A 200 -11.32 3.74 -32.90
N SER A 201 -10.82 4.46 -33.90
CA SER A 201 -10.04 5.65 -33.66
C SER A 201 -10.27 6.63 -34.80
N ARG A 202 -10.52 7.88 -34.47
CA ARG A 202 -10.83 8.88 -35.50
C ARG A 202 -10.16 10.19 -35.11
N GLY A 203 -9.99 11.11 -36.04
CA GLY A 203 -9.48 12.45 -35.81
C GLY A 203 -10.35 13.50 -36.46
N TRP A 204 -10.98 14.36 -35.68
CA TRP A 204 -11.91 15.37 -36.17
C TRP A 204 -11.37 16.77 -35.91
N LYS A 205 -11.47 17.64 -36.91
CA LYS A 205 -11.07 19.03 -36.79
C LYS A 205 -12.29 19.86 -36.39
N HIS A 206 -12.07 20.79 -35.47
CA HIS A 206 -13.14 21.66 -34.97
C HIS A 206 -12.69 23.10 -34.95
N SER A 207 -13.61 24.01 -35.14
CA SER A 207 -13.41 25.45 -34.97
C SER A 207 -14.32 25.91 -33.84
N VAL A 208 -13.74 26.58 -32.84
CA VAL A 208 -14.45 26.91 -31.60
C VAL A 208 -14.18 28.36 -31.25
N THR A 209 -15.24 29.09 -30.90
CA THR A 209 -15.13 30.46 -30.41
C THR A 209 -15.14 30.44 -28.89
N TYR A 210 -14.08 30.94 -28.27
CA TYR A 210 -13.93 30.99 -26.83
C TYR A 210 -14.28 32.37 -26.32
N SER A 211 -14.84 32.43 -25.10
CA SER A 211 -15.27 33.70 -24.53
C SER A 211 -14.11 34.68 -24.36
N CYS A 212 -12.90 34.16 -24.17
CA CYS A 212 -11.73 35.03 -24.03
C CYS A 212 -11.45 35.82 -25.30
N CYS A 213 -11.74 35.24 -26.47
CA CYS A 213 -11.44 35.83 -27.77
C CYS A 213 -12.73 35.84 -28.59
N PRO A 214 -13.54 36.91 -28.46
CA PRO A 214 -14.92 36.82 -29.00
C PRO A 214 -15.03 36.59 -30.50
N ASP A 215 -14.13 37.17 -31.31
CA ASP A 215 -14.30 37.23 -32.76
C ASP A 215 -13.26 36.43 -33.54
N THR A 216 -12.40 35.66 -32.85
CA THR A 216 -11.34 34.88 -33.50
C THR A 216 -11.52 33.41 -33.13
N PRO A 217 -12.20 32.61 -33.94
CA PRO A 217 -12.29 31.17 -33.63
C PRO A 217 -10.92 30.51 -33.67
N TYR A 218 -10.68 29.64 -32.70
CA TYR A 218 -9.47 28.85 -32.60
C TYR A 218 -9.75 27.44 -33.05
N LEU A 219 -8.78 26.82 -33.73
CA LEU A 219 -8.93 25.48 -34.27
C LEU A 219 -8.36 24.45 -33.31
N ASP A 220 -8.88 23.23 -33.42
CA ASP A 220 -8.31 22.10 -32.71
C ASP A 220 -8.53 20.85 -33.55
N ILE A 221 -7.72 19.84 -33.28
CA ILE A 221 -7.91 18.49 -33.81
C ILE A 221 -8.06 17.60 -32.59
N THR A 222 -9.18 16.90 -32.49
CA THR A 222 -9.46 15.99 -31.40
C THR A 222 -9.34 14.57 -31.94
N TYR A 223 -8.46 13.78 -31.32
CA TYR A 223 -8.31 12.37 -31.64
C TYR A 223 -9.08 11.56 -30.61
N HIS A 224 -10.06 10.82 -31.10
CA HIS A 224 -10.93 9.97 -30.25
C HIS A 224 -10.43 8.54 -30.35
N PHE A 225 -10.43 7.82 -29.25
CA PHE A 225 -10.09 6.39 -29.17
C PHE A 225 -11.22 5.71 -28.39
N VAL A 226 -11.90 4.77 -29.04
CA VAL A 226 -12.84 3.89 -28.35
C VAL A 226 -12.14 2.58 -28.05
N MET A 227 -12.10 2.20 -26.76
CA MET A 227 -11.33 1.06 -26.30
C MET A 227 -12.19 0.17 -25.43
N GLN A 228 -12.08 -1.14 -25.65
CA GLN A 228 -12.81 -2.15 -24.90
C GLN A 228 -11.85 -2.85 -23.96
N ARG A 229 -12.25 -2.98 -22.69
CA ARG A 229 -11.40 -3.65 -21.71
C ARG A 229 -11.40 -5.16 -21.94
N LEU A 230 -10.23 -5.77 -21.75
CA LEU A 230 -10.14 -7.22 -21.73
C LEU A 230 -10.49 -7.71 -20.33
N PRO A 231 -11.59 -8.46 -20.14
CA PRO A 231 -12.09 -8.69 -18.77
C PRO A 231 -11.56 -9.93 -18.07
N LEU A 232 -10.58 -10.66 -18.63
CA LEU A 232 -10.17 -11.93 -18.05
C LEU A 232 -9.60 -11.75 -16.65
N TYR A 233 -8.75 -10.73 -16.46
CA TYR A 233 -8.08 -10.55 -15.18
C TYR A 233 -9.08 -10.29 -14.06
N PHE A 234 -10.03 -9.38 -14.28
CA PHE A 234 -11.01 -9.08 -13.25
C PHE A 234 -12.01 -10.22 -13.07
N ILE A 235 -12.30 -10.98 -14.13
CA ILE A 235 -13.15 -12.15 -13.98
C ILE A 235 -12.49 -13.16 -13.05
N VAL A 236 -11.22 -13.47 -13.31
CA VAL A 236 -10.55 -14.53 -12.57
C VAL A 236 -10.27 -14.09 -11.14
N ASN A 237 -9.82 -12.85 -10.95
CA ASN A 237 -9.32 -12.43 -9.65
C ASN A 237 -10.40 -11.86 -8.72
N VAL A 238 -11.57 -11.50 -9.25
CA VAL A 238 -12.61 -10.86 -8.44
C VAL A 238 -13.93 -11.62 -8.56
N ILE A 239 -14.42 -11.79 -9.79
CA ILE A 239 -15.81 -12.27 -9.96
C ILE A 239 -15.95 -13.70 -9.47
N ILE A 240 -15.01 -14.58 -9.80
CA ILE A 240 -15.15 -16.01 -9.52
C ILE A 240 -15.22 -16.25 -8.01
N PRO A 241 -14.34 -15.66 -7.19
CA PRO A 241 -14.53 -15.80 -5.73
C PRO A 241 -15.88 -15.31 -5.23
N CYS A 242 -16.37 -14.19 -5.76
CA CYS A 242 -17.67 -13.68 -5.34
C CYS A 242 -18.78 -14.65 -5.73
N LEU A 243 -18.70 -15.23 -6.92
CA LEU A 243 -19.66 -16.24 -7.32
C LEU A 243 -19.61 -17.45 -6.40
N LEU A 244 -18.40 -17.87 -6.01
CA LEU A 244 -18.27 -19.02 -5.13
C LEU A 244 -18.91 -18.77 -3.77
N PHE A 245 -18.62 -17.61 -3.16
CA PHE A 245 -19.21 -17.30 -1.87
C PHE A 245 -20.72 -17.10 -1.96
N SER A 246 -21.19 -16.41 -3.02
CA SER A 246 -22.62 -16.19 -3.19
C SER A 246 -23.36 -17.49 -3.47
N PHE A 247 -22.68 -18.48 -4.04
CA PHE A 247 -23.28 -19.80 -4.18
C PHE A 247 -23.31 -20.53 -2.85
N LEU A 248 -22.24 -20.39 -2.06
CA LEU A 248 -22.22 -20.98 -0.73
C LEU A 248 -23.29 -20.39 0.19
N THR A 249 -23.77 -19.18 -0.12
CA THR A 249 -24.79 -18.53 0.69
C THR A 249 -26.04 -19.41 0.80
N GLY A 250 -26.52 -19.94 -0.33
CA GLY A 250 -27.77 -20.68 -0.34
C GLY A 250 -27.72 -22.02 0.35
N LEU A 251 -26.53 -22.52 0.64
CA LEU A 251 -26.36 -23.86 1.21
C LEU A 251 -26.63 -23.91 2.70
N VAL A 252 -26.78 -22.76 3.37
CA VAL A 252 -27.19 -22.76 4.77
C VAL A 252 -28.56 -23.41 4.93
N PHE A 253 -29.41 -23.34 3.90
CA PHE A 253 -30.77 -23.84 3.98
C PHE A 253 -30.87 -25.35 3.82
N TYR A 254 -29.84 -26.01 3.29
CA TYR A 254 -29.74 -27.47 3.30
C TYR A 254 -28.98 -27.99 4.51
N LEU A 255 -28.37 -27.10 5.30
CA LEU A 255 -27.59 -27.51 6.45
C LEU A 255 -28.51 -27.67 7.66
N PRO A 256 -28.49 -28.81 8.37
CA PRO A 256 -29.43 -28.98 9.49
C PRO A 256 -29.22 -27.97 10.61
N THR A 257 -30.31 -27.63 11.29
CA THR A 257 -30.22 -26.80 12.47
C THR A 257 -29.41 -27.48 13.57
N ASP A 258 -29.59 -28.79 13.75
CA ASP A 258 -28.90 -29.51 14.81
C ASP A 258 -27.40 -29.60 14.59
N SER A 259 -26.91 -29.28 13.39
CA SER A 259 -25.47 -29.19 13.17
C SER A 259 -24.83 -28.15 14.07
N GLY A 260 -25.55 -27.06 14.34
CA GLY A 260 -25.00 -25.97 15.11
C GLY A 260 -23.98 -25.13 14.38
N GLU A 261 -24.03 -25.12 13.04
CA GLU A 261 -23.04 -24.43 12.21
C GLU A 261 -23.66 -23.56 11.11
N LYS A 262 -24.97 -23.31 11.17
CA LYS A 262 -25.60 -22.45 10.17
C LYS A 262 -25.03 -21.05 10.22
N MET A 263 -24.95 -20.48 11.43
CA MET A 263 -24.44 -19.14 11.59
C MET A 263 -22.98 -19.06 11.17
N THR A 264 -22.20 -20.10 11.45
CA THR A 264 -20.79 -20.13 11.04
C THR A 264 -20.65 -19.91 9.55
N LEU A 265 -21.36 -20.71 8.75
CA LEU A 265 -21.31 -20.60 7.30
C LEU A 265 -21.77 -19.24 6.84
N SER A 266 -22.96 -18.82 7.28
CA SER A 266 -23.54 -17.58 6.75
C SER A 266 -22.69 -16.37 7.12
N ILE A 267 -22.25 -16.27 8.37
CA ILE A 267 -21.53 -15.10 8.83
C ILE A 267 -20.14 -15.07 8.21
N SER A 268 -19.48 -16.22 8.05
CA SER A 268 -18.19 -16.24 7.39
C SER A 268 -18.32 -15.79 5.93
N VAL A 269 -19.39 -16.22 5.26
CA VAL A 269 -19.62 -15.75 3.89
C VAL A 269 -19.79 -14.23 3.88
N LEU A 270 -20.55 -13.70 4.84
CA LEU A 270 -20.74 -12.25 4.93
C LEU A 270 -19.41 -11.52 5.09
N LEU A 271 -18.56 -12.01 5.99
CA LEU A 271 -17.26 -11.36 6.20
C LEU A 271 -16.39 -11.42 4.95
N SER A 272 -16.40 -12.56 4.25
CA SER A 272 -15.64 -12.65 3.01
C SER A 272 -16.13 -11.64 1.98
N LEU A 273 -17.45 -11.49 1.86
CA LEU A 273 -17.96 -10.53 0.88
C LEU A 273 -17.64 -9.09 1.29
N THR A 274 -17.58 -8.81 2.60
CA THR A 274 -17.13 -7.49 3.02
C THR A 274 -15.68 -7.23 2.62
N VAL A 275 -14.82 -8.23 2.85
CA VAL A 275 -13.42 -8.10 2.47
C VAL A 275 -13.28 -7.92 0.96
N PHE A 276 -14.21 -8.49 0.18
CA PHE A 276 -14.16 -8.27 -1.27
C PHE A 276 -14.74 -6.92 -1.65
N LEU A 277 -15.67 -6.40 -0.87
CA LEU A 277 -16.12 -5.02 -1.07
C LEU A 277 -14.95 -4.06 -0.94
N LEU A 278 -14.00 -4.35 -0.04
CA LEU A 278 -12.79 -3.52 0.06
C LEU A 278 -12.10 -3.39 -1.29
N VAL A 279 -11.81 -4.53 -1.92
CA VAL A 279 -11.08 -4.54 -3.19
C VAL A 279 -11.91 -3.84 -4.27
N ILE A 280 -13.20 -4.17 -4.34
CA ILE A 280 -14.02 -3.62 -5.41
C ILE A 280 -14.16 -2.11 -5.28
N VAL A 281 -14.25 -1.59 -4.06
CA VAL A 281 -14.40 -0.14 -3.92
C VAL A 281 -13.07 0.57 -4.15
N GLU A 282 -11.93 -0.10 -3.93
CA GLU A 282 -10.68 0.55 -4.35
C GLU A 282 -10.47 0.50 -5.85
N LEU A 283 -11.18 -0.38 -6.58
CA LEU A 283 -10.94 -0.52 -8.01
C LEU A 283 -11.65 0.48 -8.91
N ILE A 284 -12.53 1.34 -8.38
CA ILE A 284 -13.38 2.21 -9.21
C ILE A 284 -13.29 3.66 -8.75
N PRO A 285 -13.60 4.64 -9.61
CA PRO A 285 -13.66 6.03 -9.14
C PRO A 285 -14.87 6.25 -8.25
N SER A 286 -14.79 7.33 -7.46
CA SER A 286 -15.84 7.66 -6.49
C SER A 286 -16.85 8.66 -7.06
N THR A 287 -17.08 8.62 -8.37
CA THR A 287 -18.03 9.53 -9.01
C THR A 287 -19.46 9.05 -8.78
N SER A 288 -20.40 9.97 -8.98
CA SER A 288 -21.83 9.73 -8.79
C SER A 288 -22.61 9.73 -10.10
N SER A 289 -21.94 9.73 -11.25
CA SER A 289 -22.66 9.74 -12.52
C SER A 289 -23.44 8.45 -12.74
N ALA A 290 -22.94 7.33 -12.23
CA ALA A 290 -23.64 6.06 -12.35
C ALA A 290 -23.05 5.08 -11.36
N VAL A 291 -23.83 4.07 -11.02
CA VAL A 291 -23.39 3.03 -10.09
C VAL A 291 -22.83 1.90 -10.95
N PRO A 292 -21.65 1.33 -10.66
CA PRO A 292 -21.11 0.31 -11.56
C PRO A 292 -21.90 -0.98 -11.52
N LEU A 293 -21.70 -1.80 -12.56
CA LEU A 293 -22.31 -3.12 -12.59
C LEU A 293 -21.80 -3.98 -11.45
N ILE A 294 -20.48 -3.95 -11.20
CA ILE A 294 -19.91 -4.74 -10.12
C ILE A 294 -20.41 -4.24 -8.77
N GLY A 295 -20.61 -2.92 -8.63
CA GLY A 295 -21.15 -2.36 -7.41
C GLY A 295 -22.58 -2.79 -7.18
N LYS A 296 -23.40 -2.76 -8.24
CA LYS A 296 -24.77 -3.25 -8.13
C LYS A 296 -24.81 -4.71 -7.74
N TYR A 297 -23.94 -5.53 -8.36
CA TYR A 297 -23.89 -6.94 -8.00
C TYR A 297 -23.48 -7.15 -6.55
N MET A 298 -22.48 -6.40 -6.08
CA MET A 298 -22.01 -6.56 -4.71
C MET A 298 -23.08 -6.13 -3.72
N LEU A 299 -23.78 -5.03 -3.99
CA LEU A 299 -24.86 -4.64 -3.07
C LEU A 299 -26.00 -5.66 -3.10
N PHE A 300 -26.35 -6.17 -4.27
CA PHE A 300 -27.39 -7.18 -4.37
C PHE A 300 -27.01 -8.44 -3.58
N THR A 301 -25.77 -8.90 -3.72
CA THR A 301 -25.37 -10.14 -3.05
C THR A 301 -25.18 -9.93 -1.56
N MET A 302 -24.78 -8.72 -1.13
CA MET A 302 -24.73 -8.45 0.30
C MET A 302 -26.13 -8.45 0.90
N VAL A 303 -27.09 -7.82 0.22
CA VAL A 303 -28.47 -7.87 0.71
C VAL A 303 -28.99 -9.29 0.69
N PHE A 304 -28.58 -10.08 -0.30
CA PHE A 304 -28.95 -11.48 -0.40
C PHE A 304 -28.44 -12.28 0.80
N VAL A 305 -27.17 -12.08 1.14
CA VAL A 305 -26.58 -12.76 2.30
C VAL A 305 -27.27 -12.34 3.58
N ILE A 306 -27.56 -11.05 3.71
CA ILE A 306 -28.16 -10.55 4.95
C ILE A 306 -29.59 -11.07 5.10
N ALA A 307 -30.35 -11.11 4.01
CA ALA A 307 -31.68 -11.73 4.07
C ALA A 307 -31.58 -13.20 4.42
N SER A 308 -30.58 -13.90 3.87
CA SER A 308 -30.38 -15.29 4.21
C SER A 308 -30.08 -15.46 5.70
N ILE A 309 -29.26 -14.56 6.26
CA ILE A 309 -28.94 -14.63 7.68
C ILE A 309 -30.19 -14.41 8.52
N ILE A 310 -31.00 -13.40 8.18
CA ILE A 310 -32.19 -13.10 8.95
C ILE A 310 -33.16 -14.28 8.90
N ILE A 311 -33.38 -14.83 7.71
CA ILE A 311 -34.31 -15.94 7.57
C ILE A 311 -33.77 -17.19 8.24
N THR A 312 -32.45 -17.38 8.22
CA THR A 312 -31.85 -18.52 8.91
C THR A 312 -32.04 -18.40 10.42
N VAL A 313 -31.92 -17.19 10.96
CA VAL A 313 -32.17 -16.99 12.39
C VAL A 313 -33.62 -17.29 12.71
N ILE A 314 -34.54 -16.86 11.85
CA ILE A 314 -35.96 -17.19 12.05
C ILE A 314 -36.16 -18.70 12.01
N VAL A 315 -35.51 -19.39 11.07
CA VAL A 315 -35.67 -20.83 10.95
C VAL A 315 -35.12 -21.53 12.19
N ILE A 316 -33.96 -21.09 12.69
CA ILE A 316 -33.38 -21.70 13.89
C ILE A 316 -34.30 -21.48 15.08
N ASN A 317 -34.86 -20.27 15.20
CA ASN A 317 -35.78 -19.99 16.30
C ASN A 317 -37.02 -20.86 16.20
N THR A 318 -37.51 -21.10 14.99
CA THR A 318 -38.66 -22.00 14.81
C THR A 318 -38.29 -23.43 15.19
N HIS A 319 -37.08 -23.86 14.85
CA HIS A 319 -36.68 -25.25 15.09
C HIS A 319 -36.60 -25.56 16.58
N HIS A 320 -36.14 -24.60 17.39
CA HIS A 320 -35.93 -24.80 18.82
C HIS A 320 -37.14 -24.36 19.66
N ARG A 321 -38.31 -24.17 19.03
CA ARG A 321 -39.54 -23.76 19.76
C ARG A 321 -39.85 -24.79 20.85
N SER A 322 -39.80 -24.40 22.13
CA SER A 322 -40.15 -25.29 23.22
C SER A 322 -41.64 -25.58 23.18
N PRO A 323 -42.07 -26.85 23.14
CA PRO A 323 -43.51 -27.12 23.14
C PRO A 323 -44.20 -26.70 24.43
N SER A 324 -43.46 -26.65 25.55
CA SER A 324 -44.06 -26.24 26.81
C SER A 324 -44.39 -24.75 26.81
N THR A 325 -43.47 -23.92 26.30
CA THR A 325 -43.64 -22.47 26.34
C THR A 325 -44.40 -21.93 25.13
N HIS A 326 -44.30 -22.60 23.99
CA HIS A 326 -44.95 -22.18 22.75
C HIS A 326 -45.95 -23.23 22.29
N VAL A 327 -47.01 -22.77 21.62
CA VAL A 327 -48.06 -23.62 21.09
C VAL A 327 -48.17 -23.34 19.59
N MET A 328 -48.27 -24.40 18.80
CA MET A 328 -48.33 -24.25 17.36
C MET A 328 -49.61 -23.52 16.96
N PRO A 329 -49.53 -22.37 16.27
CA PRO A 329 -50.77 -21.75 15.78
C PRO A 329 -51.45 -22.60 14.73
N ASN A 330 -52.76 -22.45 14.61
CA ASN A 330 -53.52 -23.20 13.62
C ASN A 330 -53.11 -22.83 12.20
N TRP A 331 -52.82 -21.54 11.96
CA TRP A 331 -52.41 -21.13 10.63
C TRP A 331 -51.06 -21.75 10.24
N VAL A 332 -50.14 -21.89 11.20
CA VAL A 332 -48.89 -22.57 10.93
C VAL A 332 -49.14 -24.02 10.55
N ARG A 333 -50.02 -24.70 11.30
CA ARG A 333 -50.34 -26.09 11.02
C ARG A 333 -51.07 -26.26 9.69
N LYS A 334 -51.75 -25.22 9.22
CA LYS A 334 -52.44 -25.28 7.94
C LYS A 334 -51.49 -24.99 6.77
N VAL A 335 -50.57 -24.04 6.96
CA VAL A 335 -49.72 -23.62 5.86
C VAL A 335 -48.55 -24.58 5.66
N PHE A 336 -47.85 -24.93 6.75
CA PHE A 336 -46.59 -25.64 6.65
C PHE A 336 -46.70 -27.15 6.83
N ILE A 337 -47.81 -27.65 7.41
CA ILE A 337 -47.97 -29.08 7.64
C ILE A 337 -49.01 -29.69 6.70
N ASP A 338 -49.97 -28.91 6.20
CA ASP A 338 -51.06 -29.42 5.37
C ASP A 338 -50.93 -29.05 3.90
N THR A 339 -50.63 -27.80 3.58
CA THR A 339 -50.63 -27.32 2.20
C THR A 339 -49.26 -27.41 1.54
N ILE A 340 -48.24 -26.80 2.14
CA ILE A 340 -46.91 -26.78 1.52
C ILE A 340 -46.35 -28.19 1.32
N PRO A 341 -46.45 -29.13 2.28
CA PRO A 341 -45.86 -30.46 2.05
C PRO A 341 -46.43 -31.18 0.83
N ASN A 342 -47.69 -30.92 0.48
CA ASN A 342 -48.24 -31.48 -0.75
C ASN A 342 -47.55 -30.91 -1.97
N ILE A 343 -47.26 -29.60 -1.94
CA ILE A 343 -46.67 -28.94 -3.10
C ILE A 343 -45.27 -29.50 -3.38
N MET A 344 -44.46 -29.65 -2.34
CA MET A 344 -43.12 -30.20 -2.49
C MET A 344 -43.20 -31.71 -2.68
N PHE A 346 -39.92 -36.04 5.03
CA PHE A 346 -40.77 -36.59 3.98
C PHE A 346 -42.20 -36.80 4.48
N SER A 347 -42.36 -37.57 5.56
CA SER A 347 -43.69 -37.79 6.12
C SER A 347 -44.27 -36.50 6.66
N THR A 348 -45.59 -36.36 6.52
CA THR A 348 -46.30 -35.22 7.08
C THR A 348 -46.33 -35.33 8.61
N MET A 349 -46.46 -34.17 9.25
CA MET A 349 -46.48 -34.06 10.71
C MET A 349 -45.22 -34.68 11.33
N HIS A 389 -49.85 -53.03 53.21
CA HIS A 389 -48.48 -52.55 53.24
C HIS A 389 -48.34 -51.26 52.43
N PRO A 390 -47.97 -50.13 53.07
CA PRO A 390 -47.78 -48.90 52.27
C PRO A 390 -46.70 -49.01 51.21
N GLU A 391 -45.66 -49.82 51.45
CA GLU A 391 -44.53 -49.86 50.53
C GLU A 391 -44.91 -50.44 49.17
N VAL A 392 -45.70 -51.51 49.16
CA VAL A 392 -46.09 -52.13 47.89
C VAL A 392 -46.96 -51.18 47.07
N LYS A 393 -47.93 -50.54 47.71
CA LYS A 393 -48.78 -49.57 47.02
C LYS A 393 -47.99 -48.36 46.54
N SER A 394 -47.01 -47.90 47.32
CA SER A 394 -46.14 -46.82 46.88
C SER A 394 -45.31 -47.24 45.67
N ALA A 395 -44.81 -48.48 45.65
CA ALA A 395 -44.09 -48.96 44.47
C ALA A 395 -44.98 -49.01 43.25
N ILE A 396 -46.24 -49.45 43.43
CA ILE A 396 -47.18 -49.50 42.31
C ILE A 396 -47.43 -48.08 41.78
N GLU A 397 -47.63 -47.13 42.70
CA GLU A 397 -47.77 -45.73 42.28
C GLU A 397 -46.51 -45.24 41.58
N GLY A 398 -45.34 -45.74 42.00
CA GLY A 398 -44.11 -45.34 41.33
C GLY A 398 -44.03 -45.83 39.89
N ILE A 399 -44.42 -47.08 39.65
CA ILE A 399 -44.46 -47.60 38.29
C ILE A 399 -45.45 -46.81 37.45
N LYS A 400 -46.63 -46.52 38.02
CA LYS A 400 -47.62 -45.73 37.30
C LYS A 400 -47.08 -44.33 36.98
N TYR A 401 -46.38 -43.72 37.93
CA TYR A 401 -45.78 -42.41 37.70
C TYR A 401 -44.73 -42.47 36.60
N ILE A 402 -43.92 -43.53 36.57
CA ILE A 402 -42.92 -43.66 35.52
C ILE A 402 -43.60 -43.76 34.16
N ALA A 403 -44.68 -44.54 34.07
CA ALA A 403 -45.41 -44.65 32.80
C ALA A 403 -45.99 -43.30 32.39
N GLU A 404 -46.56 -42.56 33.35
CA GLU A 404 -47.11 -41.25 33.02
C GLU A 404 -46.02 -40.27 32.58
N THR A 405 -44.86 -40.34 33.22
CA THR A 405 -43.75 -39.47 32.83
C THR A 405 -43.29 -39.77 31.42
N MET A 406 -43.21 -41.06 31.06
CA MET A 406 -42.88 -41.42 29.69
C MET A 406 -43.94 -40.93 28.71
N LYS A 407 -45.21 -41.01 29.09
CA LYS A 407 -46.27 -40.47 28.24
C LYS A 407 -46.08 -38.97 28.00
N SER A 408 -45.82 -38.22 29.07
CA SER A 408 -45.64 -36.78 28.93
C SER A 408 -44.42 -36.46 28.08
N ASP A 409 -43.33 -37.20 28.27
CA ASP A 409 -42.12 -36.99 27.48
C ASP A 409 -42.38 -37.26 26.01
N GLN A 410 -43.13 -38.34 25.71
CA GLN A 410 -43.43 -38.67 24.32
C GLN A 410 -44.28 -37.57 23.67
N GLU A 411 -45.29 -37.07 24.39
CA GLU A 411 -46.10 -35.99 23.83
C GLU A 411 -45.28 -34.72 23.60
N SER A 412 -44.42 -34.37 24.55
CA SER A 412 -43.57 -33.20 24.37
C SER A 412 -42.64 -33.38 23.18
N ASN A 413 -42.07 -34.57 23.03
CA ASN A 413 -41.20 -34.86 21.90
C ASN A 413 -41.96 -34.75 20.58
N ASN A 414 -43.21 -35.21 20.55
CA ASN A 414 -44.00 -35.11 19.33
C ASN A 414 -44.28 -33.66 18.96
N ALA A 415 -44.61 -32.82 19.95
CA ALA A 415 -44.84 -31.41 19.66
C ALA A 415 -43.56 -30.74 19.17
N ALA A 416 -42.43 -31.04 19.81
CA ALA A 416 -41.15 -30.50 19.36
C ALA A 416 -40.84 -30.96 17.94
N ALA A 417 -41.16 -32.22 17.61
CA ALA A 417 -40.95 -32.72 16.26
C ALA A 417 -41.83 -32.00 15.26
N GLU A 418 -43.05 -31.63 15.65
CA GLU A 418 -43.89 -30.84 14.76
C GLU A 418 -43.24 -29.49 14.46
N TRP A 419 -42.72 -28.83 15.51
CA TRP A 419 -42.03 -27.56 15.29
C TRP A 419 -40.82 -27.72 14.38
N LYS A 420 -40.04 -28.78 14.60
CA LYS A 420 -38.87 -29.03 13.78
C LYS A 420 -39.25 -29.32 12.34
N TYR A 421 -40.35 -30.05 12.12
CA TYR A 421 -40.83 -30.31 10.78
C TYR A 421 -41.22 -29.02 10.08
N VAL A 422 -41.87 -28.11 10.79
CA VAL A 422 -42.23 -26.82 10.19
C VAL A 422 -40.96 -26.06 9.78
N ALA A 423 -39.98 -26.01 10.68
CA ALA A 423 -38.72 -25.33 10.37
C ALA A 423 -38.04 -25.95 9.16
N MET A 424 -38.13 -27.28 9.03
CA MET A 424 -37.46 -27.96 7.93
C MET A 424 -38.16 -27.74 6.60
N VAL A 425 -39.50 -27.72 6.61
CA VAL A 425 -40.25 -27.39 5.40
C VAL A 425 -39.89 -25.97 4.95
N MET A 426 -39.77 -25.06 5.90
CA MET A 426 -39.30 -23.72 5.58
C MET A 426 -37.91 -23.77 4.95
N ASP A 427 -37.02 -24.60 5.50
CA ASP A 427 -35.67 -24.73 4.94
C ASP A 427 -35.71 -25.23 3.51
N HIS A 428 -36.56 -26.21 3.21
CA HIS A 428 -36.63 -26.75 1.85
C HIS A 428 -37.10 -25.69 0.87
N ILE A 429 -38.20 -25.01 1.20
CA ILE A 429 -38.72 -23.97 0.31
C ILE A 429 -37.68 -22.86 0.15
N LEU A 430 -36.96 -22.52 1.22
CA LEU A 430 -35.98 -21.47 1.15
C LEU A 430 -34.76 -21.87 0.33
N LEU A 431 -34.33 -23.13 0.41
CA LEU A 431 -33.25 -23.60 -0.45
C LEU A 431 -33.62 -23.45 -1.92
N GLY A 432 -34.82 -23.89 -2.28
CA GLY A 432 -35.25 -23.74 -3.66
C GLY A 432 -35.30 -22.29 -4.09
N VAL A 433 -35.94 -21.44 -3.26
CA VAL A 433 -36.12 -20.04 -3.61
C VAL A 433 -34.78 -19.33 -3.72
N PHE A 434 -33.85 -19.60 -2.80
CA PHE A 434 -32.58 -18.90 -2.80
C PHE A 434 -31.65 -19.37 -3.91
N MET A 435 -31.65 -20.66 -4.25
CA MET A 435 -30.88 -21.06 -5.42
C MET A 435 -31.43 -20.42 -6.69
N LEU A 436 -32.76 -20.36 -6.84
CA LEU A 436 -33.34 -19.72 -8.02
C LEU A 436 -33.01 -18.23 -8.04
N VAL A 437 -33.12 -17.56 -6.89
CA VAL A 437 -32.89 -16.12 -6.84
C VAL A 437 -31.42 -15.81 -7.13
N CYS A 438 -30.50 -16.60 -6.57
CA CYS A 438 -29.08 -16.39 -6.85
C CYS A 438 -28.79 -16.52 -8.34
N ILE A 439 -29.25 -17.62 -8.95
CA ILE A 439 -28.97 -17.83 -10.37
C ILE A 439 -29.58 -16.72 -11.22
N ILE A 440 -30.84 -16.39 -10.97
CA ILE A 440 -31.54 -15.42 -11.80
C ILE A 440 -31.02 -14.00 -11.58
N GLY A 441 -30.62 -13.65 -10.35
CA GLY A 441 -30.03 -12.35 -10.12
C GLY A 441 -28.68 -12.20 -10.78
N THR A 442 -27.85 -13.25 -10.69
CA THR A 442 -26.56 -13.21 -11.38
C THR A 442 -26.74 -13.02 -12.87
N LEU A 443 -27.67 -13.78 -13.46
CA LEU A 443 -27.95 -13.62 -14.89
C LEU A 443 -28.55 -12.25 -15.21
N ALA A 444 -29.49 -11.76 -14.42
CA ALA A 444 -30.09 -10.46 -14.67
C ALA A 444 -29.09 -9.32 -14.56
N VAL A 445 -27.99 -9.51 -13.81
CA VAL A 445 -26.98 -8.49 -13.69
C VAL A 445 -25.89 -8.60 -14.76
N PHE A 446 -25.57 -9.81 -15.24
CA PHE A 446 -24.45 -10.01 -16.15
C PHE A 446 -24.84 -10.26 -17.61
N ALA A 447 -25.90 -11.05 -17.84
CA ALA A 447 -26.21 -11.52 -19.19
C ALA A 447 -26.57 -10.37 -20.11
N GLY A 448 -27.21 -9.32 -19.58
CA GLY A 448 -27.61 -8.19 -20.39
C GLY A 448 -26.45 -7.54 -21.12
N ARG A 449 -25.31 -7.41 -20.43
CA ARG A 449 -24.11 -6.85 -21.05
C ARG A 449 -23.33 -7.92 -21.82
N LEU A 450 -23.29 -9.15 -21.31
CA LEU A 450 -22.52 -10.19 -21.98
C LEU A 450 -23.10 -10.52 -23.35
N ILE A 451 -24.43 -10.55 -23.47
CA ILE A 451 -25.07 -10.81 -24.75
C ILE A 451 -24.73 -9.70 -25.74
N GLU A 452 -24.76 -8.45 -25.28
CA GLU A 452 -24.43 -7.33 -26.15
C GLU A 452 -22.99 -7.43 -26.64
N LEU A 453 -22.06 -7.76 -25.74
CA LEU A 453 -20.66 -7.87 -26.16
C LEU A 453 -20.47 -9.03 -27.13
N ASN A 454 -21.18 -10.14 -26.92
CA ASN A 454 -21.10 -11.24 -27.87
C ASN A 454 -21.70 -10.86 -29.22
N GLN A 455 -22.72 -10.00 -29.20
CA GLN A 455 -23.35 -9.56 -30.45
C GLN A 455 -22.46 -8.57 -31.20
N GLN A 456 -21.59 -7.83 -30.49
CA GLN A 456 -20.81 -6.78 -31.14
C GLN A 456 -19.76 -7.31 -32.12
N GLY A 457 -19.61 -8.63 -32.23
CA GLY A 457 -18.74 -9.19 -33.25
C GLY A 457 -17.26 -9.16 -32.91
N SER B 21 10.66 52.09 -17.57
CA SER B 21 11.51 53.00 -16.75
C SER B 21 12.93 53.05 -17.29
N GLU B 22 13.22 54.08 -18.08
CA GLU B 22 14.53 54.24 -18.68
C GLU B 22 15.61 54.50 -17.63
N HIS B 23 15.24 55.21 -16.56
CA HIS B 23 16.20 55.45 -15.48
C HIS B 23 16.67 54.14 -14.86
N GLU B 24 15.74 53.21 -14.62
CA GLU B 24 16.12 51.91 -14.07
C GLU B 24 16.98 51.12 -15.03
N THR B 25 16.72 51.21 -16.33
CA THR B 25 17.56 50.54 -17.31
C THR B 25 18.99 51.07 -17.26
N ARG B 26 19.13 52.39 -17.25
CA ARG B 26 20.47 52.99 -17.17
C ARG B 26 21.16 52.60 -15.87
N LEU B 27 20.41 52.59 -14.76
CA LEU B 27 20.98 52.22 -13.46
C LEU B 27 21.49 50.79 -13.48
N VAL B 28 20.69 49.87 -14.01
CA VAL B 28 21.09 48.46 -14.02
C VAL B 28 22.28 48.25 -14.94
N ALA B 29 22.33 49.00 -16.06
CA ALA B 29 23.50 48.92 -16.92
C ALA B 29 24.75 49.42 -16.20
N LYS B 30 24.62 50.50 -15.42
CA LYS B 30 25.77 51.04 -14.70
C LYS B 30 26.23 50.09 -13.60
N LEU B 31 25.29 49.52 -12.85
CA LEU B 31 25.66 48.76 -11.65
C LEU B 31 26.47 47.52 -11.98
N PHE B 32 26.15 46.85 -13.10
CA PHE B 32 26.77 45.59 -13.47
C PHE B 32 27.78 45.74 -14.62
N LYS B 33 28.33 46.95 -14.80
CA LYS B 33 29.31 47.14 -15.85
C LYS B 33 30.58 46.34 -15.60
N ASP B 34 31.08 46.35 -14.36
CA ASP B 34 32.28 45.62 -13.98
C ASP B 34 32.06 44.94 -12.62
N TYR B 35 30.90 44.32 -12.47
CA TYR B 35 30.51 43.68 -11.23
C TYR B 35 30.96 42.22 -11.24
N SER B 36 31.34 41.71 -10.07
CA SER B 36 31.69 40.32 -9.87
C SER B 36 30.77 39.70 -8.82
N SER B 37 30.14 38.58 -9.17
CA SER B 37 29.32 37.81 -8.24
C SER B 37 30.12 36.74 -7.50
N VAL B 38 31.37 36.52 -7.88
CA VAL B 38 32.23 35.58 -7.17
C VAL B 38 32.82 36.22 -5.91
N VAL B 39 33.13 37.50 -6.00
CA VAL B 39 33.85 38.21 -4.96
C VAL B 39 32.87 38.63 -3.86
N ARG B 40 33.30 38.53 -2.61
CA ARG B 40 32.43 38.92 -1.50
C ARG B 40 32.18 40.43 -1.56
N PRO B 41 30.96 40.91 -1.21
CA PRO B 41 30.63 42.32 -1.43
C PRO B 41 30.83 43.23 -0.21
N VAL B 42 32.09 43.42 0.19
CA VAL B 42 32.47 44.50 1.10
C VAL B 42 33.70 45.19 0.54
N GLU B 43 33.96 46.40 1.05
CA GLU B 43 34.95 47.27 0.44
C GLU B 43 36.37 46.71 0.54
N ASP B 44 36.73 46.13 1.69
CA ASP B 44 38.06 45.57 1.93
C ASP B 44 37.92 44.12 2.32
N HIS B 45 38.84 43.27 1.85
CA HIS B 45 38.66 41.84 1.98
C HIS B 45 38.78 41.35 3.42
N ARG B 46 39.36 42.15 4.31
CA ARG B 46 39.48 41.76 5.70
C ARG B 46 38.17 41.93 6.47
N GLN B 47 37.18 42.61 5.91
CA GLN B 47 35.89 42.78 6.56
C GLN B 47 35.05 41.51 6.41
N VAL B 48 34.11 41.34 7.34
CA VAL B 48 33.20 40.20 7.36
C VAL B 48 31.87 40.65 6.79
N VAL B 49 31.32 39.85 5.88
CA VAL B 49 29.99 40.12 5.35
C VAL B 49 28.95 39.73 6.40
N GLU B 50 28.14 40.70 6.82
CA GLU B 50 27.11 40.47 7.82
C GLU B 50 25.81 40.13 7.14
N VAL B 51 25.27 38.95 7.43
CA VAL B 51 24.03 38.46 6.86
C VAL B 51 23.03 38.26 7.99
N THR B 52 21.84 38.80 7.85
CA THR B 52 20.74 38.55 8.76
C THR B 52 19.85 37.47 8.15
N VAL B 53 19.67 36.37 8.87
CA VAL B 53 18.91 35.21 8.40
C VAL B 53 17.66 35.09 9.25
N GLY B 54 16.52 34.95 8.59
CA GLY B 54 15.27 34.67 9.26
C GLY B 54 14.51 33.59 8.52
N LEU B 55 13.79 32.76 9.26
CA LEU B 55 13.03 31.65 8.71
C LEU B 55 11.54 31.91 8.96
N GLN B 56 10.74 31.80 7.90
CA GLN B 56 9.28 31.89 8.00
C GLN B 56 8.71 30.54 7.63
N LEU B 57 7.98 29.93 8.57
CA LEU B 57 7.33 28.65 8.33
C LEU B 57 5.91 28.91 7.82
N ILE B 58 5.66 28.53 6.56
CA ILE B 58 4.36 28.75 5.97
C ILE B 58 3.42 27.55 6.20
N GLN B 59 3.95 26.34 6.17
CA GLN B 59 3.13 25.15 6.37
C GLN B 59 4.02 24.00 6.80
N LEU B 60 3.55 23.23 7.78
CA LEU B 60 4.13 21.94 8.13
C LEU B 60 3.43 20.90 7.27
N ILE B 61 4.03 20.60 6.12
CA ILE B 61 3.35 19.77 5.12
C ILE B 61 3.13 18.36 5.66
N ASN B 62 4.18 17.75 6.22
CA ASN B 62 4.05 16.35 6.62
C ASN B 62 5.12 15.99 7.63
N VAL B 63 4.80 15.03 8.49
CA VAL B 63 5.75 14.40 9.40
C VAL B 63 5.66 12.89 9.14
N ASP B 64 6.65 12.36 8.44
CA ASP B 64 6.72 10.92 8.13
C ASP B 64 7.47 10.26 9.27
N GLU B 65 6.70 9.61 10.15
CA GLU B 65 7.29 8.95 11.32
C GLU B 65 8.15 7.76 10.92
N VAL B 66 7.65 6.96 9.97
CA VAL B 66 8.34 5.73 9.61
C VAL B 66 9.71 6.03 9.00
N ASN B 67 9.76 6.98 8.06
CA ASN B 67 11.00 7.40 7.44
C ASN B 67 11.68 8.53 8.20
N GLN B 68 11.05 9.08 9.23
CA GLN B 68 11.66 10.08 10.12
C GLN B 68 12.07 11.32 9.34
N ILE B 69 11.15 11.82 8.50
CA ILE B 69 11.42 12.97 7.64
C ILE B 69 10.30 13.98 7.78
N VAL B 70 10.65 15.25 7.95
CA VAL B 70 9.70 16.34 8.12
C VAL B 70 9.73 17.21 6.86
N THR B 71 8.56 17.37 6.24
CA THR B 71 8.40 18.20 5.06
C THR B 71 7.72 19.50 5.45
N THR B 72 8.42 20.62 5.26
CA THR B 72 7.92 21.96 5.57
C THR B 72 8.07 22.86 4.35
N ASN B 73 7.16 23.81 4.24
CA ASN B 73 7.24 24.88 3.25
C ASN B 73 7.69 26.15 3.97
N VAL B 74 8.78 26.77 3.49
CA VAL B 74 9.44 27.84 4.21
C VAL B 74 9.84 28.96 3.26
N ARG B 75 10.01 30.15 3.84
CA ARG B 75 10.65 31.28 3.19
C ARG B 75 11.92 31.60 3.97
N LEU B 76 13.06 31.64 3.27
CA LEU B 76 14.36 31.83 3.95
C LEU B 76 14.86 33.24 3.70
N LYS B 77 14.35 34.18 4.50
CA LYS B 77 14.70 35.58 4.33
C LYS B 77 16.17 35.83 4.68
N GLN B 78 16.88 36.49 3.78
CA GLN B 78 18.30 36.76 3.92
C GLN B 78 18.55 38.21 3.54
N GLN B 79 19.19 38.95 4.45
CA GLN B 79 19.43 40.37 4.27
C GLN B 79 20.91 40.68 4.41
N TRP B 80 21.43 41.50 3.49
CA TRP B 80 22.83 41.91 3.60
C TRP B 80 23.08 43.09 2.69
N VAL B 81 24.11 43.86 3.03
CA VAL B 81 24.50 45.02 2.22
C VAL B 81 25.55 44.58 1.21
N ASP B 82 25.33 44.93 -0.05
CA ASP B 82 26.34 44.77 -1.10
C ASP B 82 26.99 46.14 -1.31
N TYR B 83 28.30 46.20 -1.06
CA TYR B 83 28.98 47.49 -1.07
C TYR B 83 28.99 48.13 -2.46
N ASN B 84 29.04 47.32 -3.51
CA ASN B 84 29.19 47.81 -4.87
C ASN B 84 27.87 48.08 -5.58
N LEU B 85 26.74 47.92 -4.90
CA LEU B 85 25.41 48.07 -5.49
C LEU B 85 24.65 49.25 -4.89
N LYS B 86 25.32 50.38 -4.74
CA LYS B 86 24.73 51.61 -4.23
C LYS B 86 24.66 52.65 -5.35
N TRP B 87 23.71 53.57 -5.22
CA TRP B 87 23.58 54.68 -6.17
C TRP B 87 22.85 55.82 -5.48
N ASN B 88 22.96 57.00 -6.09
CA ASN B 88 22.22 58.17 -5.63
C ASN B 88 20.89 58.23 -6.38
N PRO B 89 19.73 58.19 -5.69
CA PRO B 89 18.46 58.24 -6.44
C PRO B 89 18.28 59.51 -7.27
N ASP B 90 18.82 60.64 -6.82
CA ASP B 90 18.66 61.89 -7.57
C ASP B 90 19.29 61.82 -8.95
N ASP B 91 20.27 60.93 -9.16
CA ASP B 91 20.89 60.74 -10.46
C ASP B 91 20.11 59.81 -11.38
N TYR B 92 19.02 59.20 -10.89
CA TYR B 92 18.28 58.20 -11.66
C TYR B 92 16.78 58.40 -11.50
N GLY B 93 16.34 59.66 -11.51
CA GLY B 93 14.92 59.97 -11.52
C GLY B 93 14.17 59.50 -10.30
N GLY B 94 14.80 59.51 -9.13
CA GLY B 94 14.14 59.13 -7.91
C GLY B 94 14.00 57.64 -7.68
N VAL B 95 14.61 56.80 -8.51
CA VAL B 95 14.55 55.36 -8.29
C VAL B 95 15.30 55.03 -7.00
N LYS B 96 14.55 54.51 -6.01
CA LYS B 96 15.10 54.19 -4.70
C LYS B 96 15.18 52.70 -4.43
N LYS B 97 14.54 51.86 -5.25
CA LYS B 97 14.66 50.42 -5.12
C LYS B 97 14.43 49.77 -6.47
N ILE B 98 15.06 48.61 -6.67
CA ILE B 98 14.92 47.84 -7.89
C ILE B 98 14.81 46.36 -7.55
N HIS B 99 14.44 45.57 -8.56
CA HIS B 99 14.28 44.13 -8.44
C HIS B 99 15.22 43.46 -9.42
N ILE B 100 16.12 42.62 -8.91
CA ILE B 100 17.23 42.08 -9.71
C ILE B 100 17.15 40.56 -9.68
N PRO B 101 17.47 39.85 -10.77
CA PRO B 101 17.59 38.39 -10.66
C PRO B 101 18.70 37.99 -9.69
N SER B 102 18.36 37.08 -8.77
CA SER B 102 19.30 36.70 -7.73
C SER B 102 20.54 36.00 -8.30
N GLU B 103 20.42 35.39 -9.48
CA GLU B 103 21.56 34.73 -10.10
C GLU B 103 22.67 35.70 -10.50
N LYS B 104 22.39 36.99 -10.59
CA LYS B 104 23.38 37.96 -11.06
C LYS B 104 24.33 38.45 -9.97
N ILE B 105 24.03 38.23 -8.71
CA ILE B 105 24.77 38.83 -7.60
C ILE B 105 25.41 37.74 -6.75
N TRP B 106 26.40 38.16 -5.96
CA TRP B 106 26.87 37.31 -4.87
C TRP B 106 25.74 37.06 -3.89
N ARG B 107 25.71 35.86 -3.34
CA ARG B 107 24.72 35.46 -2.35
C ARG B 107 25.41 34.64 -1.28
N PRO B 108 24.87 34.60 -0.06
CA PRO B 108 25.34 33.59 0.89
C PRO B 108 24.87 32.21 0.48
N ASP B 109 25.74 31.22 0.66
CA ASP B 109 25.48 29.85 0.23
C ASP B 109 24.95 29.05 1.42
N LEU B 110 23.74 29.38 1.85
CA LEU B 110 23.12 28.67 2.96
C LEU B 110 22.78 27.25 2.55
N VAL B 111 23.05 26.31 3.46
CA VAL B 111 22.81 24.89 3.25
C VAL B 111 22.12 24.35 4.50
N LEU B 112 21.13 23.49 4.28
CA LEU B 112 20.47 22.74 5.35
C LEU B 112 21.31 21.50 5.62
N TYR B 113 21.98 21.46 6.77
CA TYR B 113 22.89 20.37 7.10
C TYR B 113 22.15 19.03 7.14
N ASN B 114 20.98 19.00 7.78
CA ASN B 114 20.23 17.77 8.02
C ASN B 114 19.18 17.51 6.94
N ASN B 115 19.46 17.91 5.70
CA ASN B 115 18.62 17.52 4.57
C ASN B 115 18.60 16.01 4.45
N ALA B 116 17.39 15.45 4.30
CA ALA B 116 17.21 14.00 4.19
C ALA B 116 16.98 13.56 2.74
N ASP B 117 15.90 14.01 2.12
CA ASP B 117 15.61 13.67 0.72
C ASP B 117 15.09 14.89 -0.03
N GLY B 118 15.71 16.04 0.22
CA GLY B 118 15.41 17.27 -0.50
C GLY B 118 16.64 17.86 -1.15
N ASP B 119 16.69 19.19 -1.20
CA ASP B 119 17.85 19.91 -1.69
C ASP B 119 18.63 20.48 -0.50
N PHE B 120 19.95 20.53 -0.66
CA PHE B 120 20.79 21.13 0.38
C PHE B 120 20.65 22.65 0.40
N ALA B 121 20.62 23.27 -0.78
CA ALA B 121 20.60 24.71 -0.93
C ALA B 121 19.31 25.16 -1.62
N ILE B 122 19.12 26.48 -1.65
CA ILE B 122 17.98 27.06 -2.36
C ILE B 122 18.09 26.75 -3.84
N VAL B 123 16.98 26.34 -4.44
CA VAL B 123 16.90 26.10 -5.88
C VAL B 123 15.97 27.08 -6.58
N LYS B 124 15.03 27.72 -5.87
CA LYS B 124 14.11 28.70 -6.46
C LYS B 124 14.78 30.06 -6.37
N PHE B 125 15.37 30.51 -7.48
CA PHE B 125 16.11 31.77 -7.51
C PHE B 125 15.16 32.90 -7.90
N THR B 126 14.42 33.37 -6.89
CA THR B 126 13.54 34.52 -7.05
C THR B 126 14.37 35.80 -7.05
N LYS B 127 13.72 36.90 -7.43
CA LYS B 127 14.40 38.18 -7.51
C LYS B 127 14.69 38.73 -6.12
N VAL B 128 15.73 39.55 -6.04
CA VAL B 128 16.12 40.27 -4.83
C VAL B 128 15.62 41.70 -4.94
N LEU B 129 15.25 42.26 -3.79
CA LEU B 129 14.92 43.67 -3.65
C LEU B 129 16.19 44.41 -3.22
N LEU B 130 16.65 45.35 -4.04
CA LEU B 130 17.87 46.09 -3.81
C LEU B 130 17.53 47.56 -3.59
N GLN B 131 17.89 48.10 -2.43
CA GLN B 131 17.73 49.52 -2.14
C GLN B 131 18.94 50.30 -2.63
N TYR B 132 18.76 51.63 -2.74
CA TYR B 132 19.85 52.48 -3.21
C TYR B 132 21.02 52.50 -2.23
N THR B 133 20.77 52.21 -0.95
CA THR B 133 21.85 52.14 0.03
C THR B 133 22.74 50.91 -0.13
N GLY B 134 22.37 49.97 -1.00
CA GLY B 134 23.08 48.71 -1.15
C GLY B 134 22.48 47.56 -0.39
N HIS B 135 21.45 47.80 0.43
CA HIS B 135 20.81 46.73 1.16
C HIS B 135 20.07 45.81 0.20
N ILE B 136 20.20 44.50 0.43
CA ILE B 136 19.55 43.47 -0.36
C ILE B 136 18.70 42.65 0.60
N THR B 137 17.46 42.38 0.18
CA THR B 137 16.56 41.43 0.83
C THR B 137 16.21 40.38 -0.19
N TRP B 138 16.48 39.12 0.13
CA TRP B 138 16.17 37.97 -0.72
C TRP B 138 15.35 36.99 0.09
N THR B 139 14.15 36.67 -0.38
CA THR B 139 13.19 35.84 0.35
C THR B 139 12.76 34.65 -0.50
N PRO B 140 13.68 33.74 -0.81
CA PRO B 140 13.34 32.61 -1.65
C PRO B 140 12.44 31.62 -0.91
N PRO B 141 11.56 30.92 -1.62
CA PRO B 141 10.83 29.81 -1.00
C PRO B 141 11.60 28.51 -1.12
N ALA B 142 11.22 27.56 -0.27
CA ALA B 142 11.80 26.23 -0.33
C ALA B 142 10.82 25.25 0.29
N ILE B 143 10.97 23.99 -0.10
CA ILE B 143 10.35 22.86 0.58
C ILE B 143 11.50 22.06 1.19
N PHE B 144 11.62 22.12 2.51
CA PHE B 144 12.66 21.40 3.23
C PHE B 144 12.14 20.02 3.61
N LYS B 145 12.87 18.98 3.23
CA LYS B 145 12.62 17.61 3.68
C LYS B 145 13.78 17.24 4.59
N SER B 146 13.65 17.58 5.87
CA SER B 146 14.73 17.49 6.83
C SER B 146 14.61 16.23 7.69
N TYR B 147 15.73 15.81 8.24
CA TYR B 147 15.76 14.66 9.14
C TYR B 147 15.30 15.10 10.53
N CYS B 148 14.45 14.29 11.15
CA CYS B 148 14.01 14.50 12.52
C CYS B 148 13.93 13.14 13.20
N GLU B 149 14.75 12.93 14.22
CA GLU B 149 14.66 11.70 15.00
C GLU B 149 13.31 11.67 15.73
N ILE B 150 12.56 10.60 15.50
CA ILE B 150 11.21 10.46 16.04
C ILE B 150 11.28 9.69 17.34
N ILE B 151 10.86 10.33 18.42
CA ILE B 151 10.78 9.70 19.74
C ILE B 151 9.42 9.01 19.82
N VAL B 152 9.42 7.68 19.76
CA VAL B 152 8.18 6.92 19.71
C VAL B 152 7.61 6.59 21.07
N THR B 153 8.24 7.07 22.16
CA THR B 153 7.90 6.59 23.50
C THR B 153 6.43 6.85 23.85
N HIS B 154 5.94 8.05 23.56
CA HIS B 154 4.60 8.47 23.99
C HIS B 154 3.58 8.50 22.85
N PHE B 155 3.90 7.91 21.70
CA PHE B 155 2.95 7.88 20.60
C PHE B 155 1.70 7.12 21.02
N PRO B 156 0.48 7.60 20.66
CA PRO B 156 0.10 8.75 19.82
C PRO B 156 -0.05 10.06 20.59
N PHE B 157 0.42 10.15 21.83
CA PHE B 157 0.41 11.38 22.61
C PHE B 157 1.80 11.99 22.68
N ASP B 158 2.56 11.89 21.60
CA ASP B 158 3.98 12.21 21.61
C ASP B 158 4.23 13.67 21.25
N GLU B 159 5.37 14.18 21.71
CA GLU B 159 5.87 15.50 21.37
C GLU B 159 7.19 15.32 20.64
N GLN B 160 7.28 15.88 19.44
CA GLN B 160 8.49 15.84 18.58
C GLN B 160 9.26 17.14 18.79
N ASN B 161 10.53 17.15 18.37
CA ASN B 161 11.45 18.30 18.44
C ASN B 161 12.33 18.27 17.18
N CYS B 162 11.88 18.91 16.11
CA CYS B 162 12.44 18.78 14.74
C CYS B 162 13.16 20.08 14.37
N SER B 163 14.44 19.97 14.04
CA SER B 163 15.35 21.08 13.84
C SER B 163 15.70 21.25 12.37
N MET B 164 16.07 22.48 12.02
CA MET B 164 16.56 22.86 10.71
C MET B 164 17.85 23.63 10.97
N LYS B 165 18.98 22.98 10.72
CA LYS B 165 20.29 23.59 10.89
C LYS B 165 20.72 24.20 9.55
N LEU B 166 20.81 25.53 9.50
CA LEU B 166 21.12 26.26 8.27
C LEU B 166 22.41 27.01 8.46
N GLY B 167 23.35 26.85 7.54
CA GLY B 167 24.61 27.57 7.64
C GLY B 167 25.27 27.74 6.29
N THR B 168 26.08 28.78 6.17
CA THR B 168 26.90 28.93 4.97
C THR B 168 27.88 27.77 4.88
N TRP B 169 27.96 27.16 3.70
CA TRP B 169 28.69 25.90 3.57
C TRP B 169 30.19 26.13 3.45
N THR B 170 30.61 27.01 2.54
CA THR B 170 32.03 27.18 2.23
C THR B 170 32.67 28.36 2.95
N TYR B 171 31.88 29.31 3.45
CA TYR B 171 32.41 30.49 4.14
C TYR B 171 32.41 30.26 5.65
N ASP B 172 33.59 30.37 6.25
CA ASP B 172 33.71 30.30 7.70
C ASP B 172 33.34 31.63 8.33
N GLY B 173 33.24 31.63 9.67
CA GLY B 173 32.76 32.80 10.39
C GLY B 173 33.64 34.02 10.26
N SER B 174 34.90 33.84 9.83
CA SER B 174 35.82 34.96 9.71
C SER B 174 35.65 35.74 8.41
N VAL B 175 34.90 35.22 7.44
CA VAL B 175 34.66 35.90 6.17
C VAL B 175 33.19 36.26 6.00
N VAL B 176 32.28 35.41 6.47
CA VAL B 176 30.84 35.65 6.41
C VAL B 176 30.24 35.32 7.77
N ALA B 177 29.52 36.27 8.35
CA ALA B 177 28.84 36.08 9.63
C ALA B 177 27.33 36.10 9.41
N ILE B 178 26.65 35.11 9.96
CA ILE B 178 25.19 35.02 9.91
C ILE B 178 24.64 35.31 11.31
N ASN B 179 23.56 36.08 11.37
CA ASN B 179 22.91 36.46 12.62
C ASN B 179 21.42 36.17 12.50
N PRO B 180 20.75 35.66 13.54
CA PRO B 180 19.29 35.51 13.46
C PRO B 180 18.60 36.86 13.34
N GLU B 181 17.61 36.93 12.45
CA GLU B 181 16.78 38.12 12.37
C GLU B 181 15.92 38.27 13.62
N SER B 182 15.38 37.16 14.11
CA SER B 182 14.55 37.13 15.30
C SER B 182 14.94 35.94 16.16
N ASP B 183 14.62 36.03 17.44
CA ASP B 183 14.87 34.90 18.34
C ASP B 183 14.04 33.69 17.94
N GLN B 184 12.84 33.88 17.42
CA GLN B 184 11.90 32.83 17.09
C GLN B 184 11.67 32.78 15.59
N PRO B 185 11.27 31.63 15.03
CA PRO B 185 10.82 31.61 13.64
C PRO B 185 9.56 32.46 13.47
N ASP B 186 9.40 33.01 12.28
CA ASP B 186 8.23 33.82 11.95
C ASP B 186 7.08 32.90 11.59
N LEU B 187 6.05 32.88 12.43
CA LEU B 187 4.86 32.05 12.23
C LEU B 187 3.63 32.89 11.91
N SER B 188 3.81 34.14 11.47
CA SER B 188 2.67 35.02 11.23
C SER B 188 1.82 34.52 10.06
N ASN B 189 2.45 33.92 9.06
CA ASN B 189 1.77 33.40 7.88
C ASN B 189 1.61 31.87 7.93
N PHE B 190 1.73 31.28 9.12
CA PHE B 190 1.68 29.82 9.24
C PHE B 190 0.27 29.31 8.98
N MET B 191 0.16 28.32 8.11
CA MET B 191 -1.11 27.65 7.86
C MET B 191 -1.38 26.65 8.98
N GLU B 192 -2.64 26.57 9.41
CA GLU B 192 -3.01 25.65 10.48
C GLU B 192 -2.80 24.21 10.04
N SER B 193 -2.30 23.39 10.96
CA SER B 193 -2.12 21.96 10.74
C SER B 193 -3.25 21.18 11.40
N GLY B 194 -3.70 20.13 10.70
CA GLY B 194 -4.71 19.25 11.24
C GLY B 194 -4.18 18.09 12.05
N GLU B 195 -2.87 18.03 12.28
CA GLU B 195 -2.23 16.91 12.96
C GLU B 195 -1.22 17.33 14.02
N TRP B 196 -0.79 18.58 14.05
CA TRP B 196 0.29 19.01 14.92
C TRP B 196 0.02 20.43 15.41
N VAL B 197 0.37 20.69 16.67
CA VAL B 197 0.35 22.02 17.26
C VAL B 197 1.77 22.36 17.67
N ILE B 198 2.27 23.49 17.19
CA ILE B 198 3.64 23.94 17.49
C ILE B 198 3.60 24.56 18.88
N LYS B 199 4.03 23.80 19.88
CA LYS B 199 4.05 24.30 21.25
C LYS B 199 5.11 25.39 21.41
N GLU B 200 6.29 25.19 20.85
CA GLU B 200 7.37 26.15 21.02
C GLU B 200 8.24 26.15 19.76
N SER B 201 8.93 27.27 19.55
CA SER B 201 9.85 27.39 18.43
C SER B 201 10.95 28.37 18.81
N ARG B 202 12.19 28.09 18.44
CA ARG B 202 13.32 28.95 18.87
C ARG B 202 14.50 28.79 17.93
N GLY B 203 15.18 29.89 17.61
CA GLY B 203 16.36 29.92 16.76
C GLY B 203 17.62 30.22 17.54
N TRP B 204 18.61 29.33 17.45
CA TRP B 204 19.86 29.44 18.21
C TRP B 204 21.04 29.49 17.24
N LYS B 205 21.94 30.44 17.44
CA LYS B 205 23.16 30.53 16.66
C LYS B 205 24.27 29.73 17.34
N HIS B 206 25.08 29.04 16.53
CA HIS B 206 26.17 28.20 17.01
C HIS B 206 27.41 28.44 16.19
N SER B 207 28.57 28.33 16.83
CA SER B 207 29.87 28.34 16.18
C SER B 207 30.51 26.97 16.42
N VAL B 208 30.79 26.24 15.35
CA VAL B 208 31.17 24.83 15.42
C VAL B 208 32.50 24.64 14.70
N THR B 209 33.41 23.91 15.33
CA THR B 209 34.66 23.49 14.71
C THR B 209 34.51 22.05 14.24
N TYR B 210 34.59 21.84 12.93
CA TYR B 210 34.46 20.53 12.31
C TYR B 210 35.84 19.95 12.06
N SER B 211 35.93 18.61 12.11
CA SER B 211 37.22 17.94 11.96
C SER B 211 37.84 18.21 10.59
N CYS B 212 37.02 18.49 9.58
CA CYS B 212 37.55 18.79 8.25
C CYS B 212 38.33 20.10 8.22
N CYS B 213 37.90 21.09 9.01
CA CYS B 213 38.45 22.44 8.97
C CYS B 213 38.84 22.88 10.38
N PRO B 214 39.95 22.39 10.92
CA PRO B 214 40.44 22.91 12.20
C PRO B 214 40.86 24.38 12.05
N ASP B 215 40.80 25.10 13.17
CA ASP B 215 41.15 26.51 13.37
C ASP B 215 40.30 27.47 12.53
N THR B 216 39.18 27.03 11.96
CA THR B 216 38.23 27.91 11.28
C THR B 216 36.82 27.48 11.66
N PRO B 217 36.25 28.05 12.73
CA PRO B 217 34.86 27.72 13.07
C PRO B 217 33.89 28.17 11.97
N TYR B 218 32.86 27.35 11.77
CA TYR B 218 31.77 27.64 10.85
C TYR B 218 30.51 27.90 11.66
N LEU B 219 29.74 28.91 11.24
CA LEU B 219 28.55 29.30 11.96
C LEU B 219 27.33 28.59 11.40
N ASP B 220 26.33 28.41 12.26
CA ASP B 220 25.02 27.92 11.82
C ASP B 220 23.97 28.58 12.69
N ILE B 221 22.73 28.57 12.19
CA ILE B 221 21.56 28.94 12.95
C ILE B 221 20.62 27.75 12.87
N THR B 222 20.25 27.21 14.02
CA THR B 222 19.36 26.06 14.11
C THR B 222 18.00 26.53 14.60
N TYR B 223 16.98 26.30 13.79
CA TYR B 223 15.59 26.58 14.16
C TYR B 223 14.95 25.26 14.58
N HIS B 224 14.56 25.18 15.84
CA HIS B 224 13.91 23.99 16.38
C HIS B 224 12.44 24.29 16.68
N PHE B 225 11.59 23.30 16.39
CA PHE B 225 10.15 23.37 16.58
C PHE B 225 9.77 22.21 17.49
N VAL B 226 9.24 22.54 18.67
CA VAL B 226 8.62 21.56 19.55
C VAL B 226 7.13 21.53 19.25
N MET B 227 6.65 20.39 18.75
CA MET B 227 5.31 20.23 18.22
C MET B 227 4.64 19.03 18.88
N GLN B 228 3.41 19.22 19.35
CA GLN B 228 2.62 18.18 20.00
C GLN B 228 1.62 17.60 19.01
N ARG B 229 1.54 16.28 18.95
CA ARG B 229 0.58 15.63 18.08
C ARG B 229 -0.84 15.85 18.58
N LEU B 230 -1.77 16.00 17.63
CA LEU B 230 -3.20 16.02 17.96
C LEU B 230 -3.69 14.57 17.92
N PRO B 231 -4.04 13.95 19.06
CA PRO B 231 -4.20 12.50 19.08
C PRO B 231 -5.60 11.99 18.73
N LEU B 232 -6.52 12.84 18.29
CA LEU B 232 -7.92 12.43 18.16
C LEU B 232 -8.08 11.31 17.13
N TYR B 233 -7.37 11.41 15.99
CA TYR B 233 -7.51 10.42 14.94
C TYR B 233 -7.10 9.04 15.44
N PHE B 234 -5.92 8.94 16.05
CA PHE B 234 -5.44 7.64 16.53
C PHE B 234 -6.26 7.15 17.71
N ILE B 235 -6.85 8.06 18.50
CA ILE B 235 -7.76 7.63 19.54
C ILE B 235 -8.99 6.98 18.93
N VAL B 236 -9.54 7.59 17.89
CA VAL B 236 -10.78 7.06 17.29
C VAL B 236 -10.51 5.76 16.56
N ASN B 237 -9.41 5.69 15.79
CA ASN B 237 -9.21 4.62 14.83
C ASN B 237 -8.38 3.46 15.34
N VAL B 238 -7.65 3.62 16.46
CA VAL B 238 -6.76 2.59 16.96
C VAL B 238 -7.08 2.25 18.41
N ILE B 239 -7.06 3.25 19.29
CA ILE B 239 -7.10 2.98 20.72
C ILE B 239 -8.47 2.45 21.13
N ILE B 240 -9.54 3.06 20.62
CA ILE B 240 -10.88 2.66 21.07
C ILE B 240 -11.21 1.22 20.70
N PRO B 241 -11.02 0.77 19.45
CA PRO B 241 -11.23 -0.66 19.17
C PRO B 241 -10.37 -1.57 20.03
N CYS B 242 -9.12 -1.17 20.27
CA CYS B 242 -8.24 -1.96 21.11
C CYS B 242 -8.80 -2.10 22.51
N LEU B 243 -9.29 -0.99 23.07
CA LEU B 243 -9.90 -1.03 24.40
C LEU B 243 -11.15 -1.89 24.41
N LEU B 244 -11.95 -1.82 23.36
CA LEU B 244 -13.17 -2.63 23.30
C LEU B 244 -12.83 -4.12 23.32
N PHE B 245 -11.85 -4.53 22.52
CA PHE B 245 -11.48 -5.94 22.50
C PHE B 245 -10.80 -6.36 23.81
N SER B 246 -9.98 -5.48 24.38
CA SER B 246 -9.33 -5.75 25.66
C SER B 246 -10.32 -5.75 26.83
N PHE B 247 -11.49 -5.16 26.66
CA PHE B 247 -12.58 -5.33 27.61
C PHE B 247 -13.35 -6.63 27.35
N LEU B 248 -13.45 -7.04 26.09
CA LEU B 248 -14.20 -8.25 25.75
C LEU B 248 -13.46 -9.53 26.12
N THR B 249 -12.13 -9.49 26.20
CA THR B 249 -11.39 -10.72 26.50
C THR B 249 -11.81 -11.32 27.84
N GLY B 250 -12.21 -10.48 28.80
CA GLY B 250 -12.54 -10.98 30.11
C GLY B 250 -13.94 -11.51 30.28
N LEU B 251 -14.83 -11.25 29.33
CA LEU B 251 -16.17 -11.83 29.38
C LEU B 251 -16.14 -13.34 29.15
N VAL B 252 -15.02 -13.90 28.69
CA VAL B 252 -14.89 -15.35 28.56
C VAL B 252 -15.06 -16.04 29.91
N PHE B 253 -14.65 -15.38 30.99
CA PHE B 253 -14.71 -15.99 32.32
C PHE B 253 -16.11 -16.03 32.90
N TYR B 254 -17.05 -15.24 32.37
CA TYR B 254 -18.46 -15.35 32.73
C TYR B 254 -19.25 -16.23 31.76
N LEU B 255 -18.64 -16.67 30.66
CA LEU B 255 -19.31 -17.58 29.75
C LEU B 255 -19.35 -18.98 30.36
N PRO B 256 -20.47 -19.70 30.26
CA PRO B 256 -20.47 -21.09 30.73
C PRO B 256 -19.58 -21.97 29.87
N THR B 257 -19.03 -23.00 30.50
CA THR B 257 -18.28 -24.01 29.75
C THR B 257 -19.17 -24.73 28.75
N ASP B 258 -20.41 -25.04 29.17
CA ASP B 258 -21.36 -25.75 28.30
C ASP B 258 -21.84 -24.90 27.14
N SER B 259 -21.57 -23.60 27.12
CA SER B 259 -21.91 -22.79 25.96
C SER B 259 -21.11 -23.22 24.74
N GLY B 260 -19.92 -23.75 24.93
CA GLY B 260 -19.08 -24.15 23.82
C GLY B 260 -18.63 -23.01 22.95
N GLU B 261 -18.38 -21.84 23.54
CA GLU B 261 -18.02 -20.63 22.80
C GLU B 261 -16.90 -19.83 23.48
N LYS B 262 -16.30 -20.35 24.55
CA LYS B 262 -15.23 -19.62 25.22
C LYS B 262 -14.03 -19.44 24.30
N MET B 263 -13.60 -20.52 23.66
CA MET B 263 -12.45 -20.45 22.76
C MET B 263 -12.75 -19.53 21.59
N THR B 264 -13.97 -19.60 21.07
CA THR B 264 -14.37 -18.73 19.96
C THR B 264 -14.16 -17.26 20.30
N LEU B 265 -14.72 -16.83 21.44
CA LEU B 265 -14.62 -15.44 21.86
C LEU B 265 -13.17 -15.04 22.12
N SER B 266 -12.45 -15.83 22.91
CA SER B 266 -11.09 -15.45 23.28
C SER B 266 -10.15 -15.43 22.08
N ILE B 267 -10.26 -16.42 21.19
CA ILE B 267 -9.41 -16.47 20.01
C ILE B 267 -9.75 -15.34 19.04
N SER B 268 -11.04 -14.99 18.91
CA SER B 268 -11.40 -13.85 18.07
C SER B 268 -10.79 -12.57 18.62
N VAL B 269 -10.84 -12.38 19.94
CA VAL B 269 -10.27 -11.18 20.55
C VAL B 269 -8.77 -11.15 20.31
N LEU B 270 -8.10 -12.29 20.49
CA LEU B 270 -6.66 -12.35 20.28
C LEU B 270 -6.30 -12.03 18.83
N LEU B 271 -7.05 -12.56 17.88
CA LEU B 271 -6.79 -12.27 16.47
C LEU B 271 -6.98 -10.80 16.16
N SER B 272 -8.03 -10.18 16.70
CA SER B 272 -8.25 -8.76 16.47
C SER B 272 -7.11 -7.92 17.04
N LEU B 273 -6.69 -8.22 18.27
CA LEU B 273 -5.61 -7.45 18.88
C LEU B 273 -4.30 -7.64 18.13
N THR B 274 -4.06 -8.86 17.64
CA THR B 274 -2.86 -9.10 16.84
C THR B 274 -2.88 -8.30 15.55
N VAL B 275 -4.03 -8.23 14.88
CA VAL B 275 -4.13 -7.44 13.65
C VAL B 275 -3.85 -5.96 13.96
N PHE B 276 -4.42 -5.46 15.05
CA PHE B 276 -4.22 -4.05 15.40
C PHE B 276 -2.76 -3.77 15.76
N LEU B 277 -2.09 -4.70 16.45
CA LEU B 277 -0.68 -4.50 16.77
C LEU B 277 0.15 -4.34 15.51
N LEU B 278 -0.16 -5.12 14.47
CA LEU B 278 0.57 -4.99 13.22
C LEU B 278 0.26 -3.69 12.50
N VAL B 279 -0.98 -3.19 12.62
CA VAL B 279 -1.26 -1.85 12.10
C VAL B 279 -0.38 -0.81 12.80
N ILE B 280 -0.28 -0.89 14.13
CA ILE B 280 0.60 0.02 14.86
C ILE B 280 2.04 -0.17 14.42
N VAL B 281 2.46 -1.40 14.13
CA VAL B 281 3.82 -1.63 13.66
C VAL B 281 4.07 -0.88 12.36
N GLU B 282 3.11 -0.94 11.45
CA GLU B 282 3.23 -0.16 10.22
C GLU B 282 3.16 1.35 10.47
N LEU B 283 2.67 1.79 11.62
CA LEU B 283 2.51 3.23 11.88
C LEU B 283 3.74 3.92 12.47
N ILE B 284 4.77 3.19 12.88
CA ILE B 284 5.88 3.77 13.65
C ILE B 284 7.19 3.42 12.96
N PRO B 285 8.27 4.17 13.20
CA PRO B 285 9.58 3.77 12.69
C PRO B 285 10.06 2.51 13.37
N SER B 286 10.85 1.72 12.62
CA SER B 286 11.41 0.47 13.13
C SER B 286 12.78 0.68 13.77
N THR B 287 12.87 1.60 14.72
CA THR B 287 14.10 1.85 15.47
C THR B 287 14.02 1.20 16.85
N SER B 288 15.18 1.04 17.48
CA SER B 288 15.30 0.42 18.79
C SER B 288 15.80 1.39 19.85
N SER B 289 15.67 2.70 19.61
CA SER B 289 16.06 3.67 20.63
C SER B 289 15.10 3.65 21.81
N ALA B 290 13.83 3.38 21.54
CA ALA B 290 12.82 3.28 22.59
C ALA B 290 11.69 2.38 22.12
N VAL B 291 10.91 1.91 23.07
CA VAL B 291 9.72 1.09 22.82
C VAL B 291 8.50 1.99 23.01
N PRO B 292 7.57 2.07 22.05
CA PRO B 292 6.38 2.90 22.30
C PRO B 292 5.52 2.33 23.42
N LEU B 293 4.88 3.23 24.17
CA LEU B 293 3.97 2.79 25.22
C LEU B 293 2.72 2.15 24.64
N ILE B 294 2.32 2.56 23.43
CA ILE B 294 1.22 1.88 22.74
C ILE B 294 1.62 0.46 22.36
N GLY B 295 2.85 0.27 21.91
CA GLY B 295 3.32 -1.08 21.61
C GLY B 295 3.44 -1.93 22.86
N LYS B 296 3.87 -1.32 23.96
CA LYS B 296 3.91 -2.04 25.23
C LYS B 296 2.51 -2.42 25.69
N TYR B 297 1.54 -1.52 25.50
CA TYR B 297 0.15 -1.84 25.79
C TYR B 297 -0.29 -3.05 24.98
N MET B 298 0.00 -3.05 23.68
CA MET B 298 -0.44 -4.14 22.82
C MET B 298 0.21 -5.46 23.23
N LEU B 299 1.52 -5.46 23.46
CA LEU B 299 2.17 -6.71 23.82
C LEU B 299 1.70 -7.22 25.18
N PHE B 300 1.55 -6.32 26.16
CA PHE B 300 1.09 -6.76 27.47
C PHE B 300 -0.34 -7.29 27.41
N THR B 301 -1.22 -6.61 26.68
CA THR B 301 -2.61 -7.08 26.64
C THR B 301 -2.74 -8.36 25.85
N MET B 302 -1.88 -8.56 24.83
CA MET B 302 -1.92 -9.81 24.09
C MET B 302 -1.36 -10.96 24.91
N VAL B 303 -0.31 -10.71 25.69
CA VAL B 303 0.17 -11.71 26.64
C VAL B 303 -0.90 -12.05 27.66
N PHE B 304 -1.65 -11.04 28.10
CA PHE B 304 -2.73 -11.27 29.05
C PHE B 304 -3.86 -12.10 28.43
N VAL B 305 -4.20 -11.82 27.18
CA VAL B 305 -5.21 -12.63 26.48
C VAL B 305 -4.72 -14.06 26.29
N ILE B 306 -3.43 -14.24 26.00
CA ILE B 306 -2.93 -15.60 25.84
C ILE B 306 -2.93 -16.34 27.17
N ALA B 307 -2.61 -15.65 28.27
CA ALA B 307 -2.75 -16.26 29.59
C ALA B 307 -4.20 -16.61 29.88
N SER B 308 -5.12 -15.74 29.48
CA SER B 308 -6.55 -16.02 29.62
C SER B 308 -6.95 -17.25 28.83
N ILE B 309 -6.42 -17.41 27.62
CA ILE B 309 -6.72 -18.58 26.80
C ILE B 309 -6.17 -19.84 27.46
N ILE B 310 -4.95 -19.80 27.98
CA ILE B 310 -4.37 -20.97 28.64
C ILE B 310 -5.21 -21.36 29.85
N ILE B 311 -5.60 -20.37 30.66
CA ILE B 311 -6.36 -20.66 31.87
C ILE B 311 -7.77 -21.12 31.50
N THR B 312 -8.31 -20.60 30.39
CA THR B 312 -9.62 -21.04 29.92
C THR B 312 -9.58 -22.50 29.48
N VAL B 313 -8.50 -22.89 28.79
CA VAL B 313 -8.35 -24.29 28.40
C VAL B 313 -8.26 -25.17 29.64
N ILE B 314 -7.51 -24.72 30.65
CA ILE B 314 -7.43 -25.46 31.90
C ILE B 314 -8.81 -25.58 32.55
N VAL B 315 -9.58 -24.49 32.54
CA VAL B 315 -10.91 -24.50 33.17
C VAL B 315 -11.84 -25.46 32.44
N ILE B 316 -11.80 -25.45 31.10
CA ILE B 316 -12.64 -26.36 30.34
C ILE B 316 -12.23 -27.81 30.60
N ASN B 317 -10.92 -28.06 30.70
CA ASN B 317 -10.45 -29.40 31.02
C ASN B 317 -10.97 -29.84 32.38
N THR B 318 -10.90 -28.95 33.38
CA THR B 318 -11.37 -29.28 34.71
C THR B 318 -12.88 -29.53 34.73
N HIS B 319 -13.64 -28.75 33.96
CA HIS B 319 -15.09 -28.87 33.96
C HIS B 319 -15.54 -30.23 33.46
N HIS B 320 -14.80 -30.84 32.53
CA HIS B 320 -15.18 -32.10 31.90
C HIS B 320 -14.66 -33.32 32.64
N ARG B 321 -13.98 -33.15 33.77
CA ARG B 321 -13.46 -34.30 34.50
C ARG B 321 -14.59 -35.08 35.17
N SER B 322 -14.44 -36.40 35.17
CA SER B 322 -15.46 -37.33 35.66
C SER B 322 -14.74 -38.47 36.40
N PRO B 323 -15.43 -39.23 37.26
CA PRO B 323 -14.77 -40.40 37.87
C PRO B 323 -14.30 -41.43 36.85
N SER B 324 -14.85 -41.45 35.64
CA SER B 324 -14.45 -42.39 34.62
C SER B 324 -13.03 -42.15 34.10
N THR B 325 -12.43 -40.99 34.39
CA THR B 325 -11.06 -40.69 33.96
C THR B 325 -10.16 -40.23 35.10
N HIS B 326 -10.66 -39.41 36.02
CA HIS B 326 -9.86 -38.83 37.10
C HIS B 326 -10.49 -39.14 38.44
N VAL B 327 -9.81 -38.71 39.50
CA VAL B 327 -10.32 -38.77 40.87
C VAL B 327 -9.96 -37.45 41.54
N MET B 328 -10.90 -36.89 42.30
CA MET B 328 -10.71 -35.58 42.90
C MET B 328 -9.56 -35.63 43.91
N PRO B 329 -8.49 -34.85 43.73
CA PRO B 329 -7.48 -34.76 44.79
C PRO B 329 -8.04 -34.05 46.01
N ASN B 330 -7.55 -34.45 47.19
CA ASN B 330 -8.04 -33.88 48.43
C ASN B 330 -7.68 -32.41 48.53
N TRP B 331 -6.50 -32.03 48.01
CA TRP B 331 -6.10 -30.63 48.05
C TRP B 331 -7.02 -29.76 47.21
N VAL B 332 -7.44 -30.25 46.05
CA VAL B 332 -8.35 -29.49 45.19
C VAL B 332 -9.67 -29.26 45.92
N ARG B 333 -10.20 -30.31 46.56
CA ARG B 333 -11.44 -30.18 47.31
C ARG B 333 -11.29 -29.17 48.43
N LYS B 334 -10.21 -29.27 49.21
CA LYS B 334 -10.00 -28.35 50.33
C LYS B 334 -9.91 -26.90 49.84
N VAL B 335 -9.15 -26.64 48.79
CA VAL B 335 -8.95 -25.27 48.35
C VAL B 335 -10.22 -24.71 47.72
N PHE B 336 -10.80 -25.42 46.74
CA PHE B 336 -11.82 -24.83 45.89
C PHE B 336 -13.24 -25.08 46.34
N ILE B 337 -13.48 -25.99 47.29
CA ILE B 337 -14.84 -26.28 47.76
C ILE B 337 -15.06 -25.84 49.20
N ASP B 338 -14.00 -25.68 50.00
CA ASP B 338 -14.12 -25.28 51.40
C ASP B 338 -13.64 -23.86 51.66
N THR B 339 -12.46 -23.49 51.16
CA THR B 339 -11.85 -22.20 51.49
C THR B 339 -12.31 -21.08 50.56
N ILE B 340 -12.14 -21.26 49.24
CA ILE B 340 -12.51 -20.20 48.31
C ILE B 340 -13.99 -19.84 48.37
N PRO B 341 -14.94 -20.79 48.39
CA PRO B 341 -16.35 -20.39 48.47
C PRO B 341 -16.73 -19.64 49.74
N ASN B 342 -15.89 -19.64 50.77
CA ASN B 342 -16.18 -18.85 51.96
C ASN B 342 -16.01 -17.36 51.70
N ILE B 343 -15.21 -16.97 50.70
CA ILE B 343 -15.06 -15.55 50.34
C ILE B 343 -15.97 -15.21 49.15
N MET B 344 -17.00 -16.03 48.93
CA MET B 344 -17.90 -15.88 47.79
C MET B 344 -19.23 -15.31 48.26
N PHE B 345 -20.08 -14.94 47.31
CA PHE B 345 -21.41 -14.39 47.58
C PHE B 345 -22.43 -15.47 47.97
N PHE B 346 -22.06 -16.75 47.90
CA PHE B 346 -22.95 -17.85 48.27
C PHE B 346 -24.21 -17.87 47.42
N SER B 347 -24.04 -17.69 46.11
CA SER B 347 -25.11 -17.83 45.13
C SER B 347 -25.12 -19.19 44.45
N THR B 348 -24.26 -20.12 44.88
CA THR B 348 -24.13 -21.45 44.28
C THR B 348 -24.51 -22.52 45.28
N MET B 349 -25.14 -23.58 44.76
CA MET B 349 -25.48 -24.76 45.57
C MET B 349 -24.27 -25.69 45.64
N LYS B 350 -23.42 -25.44 46.63
CA LYS B 350 -22.22 -26.25 46.85
C LYS B 350 -22.61 -27.69 47.13
N ILE B 387 -41.72 -67.90 41.19
CA ILE B 387 -40.85 -67.84 42.35
C ILE B 387 -39.64 -68.75 42.14
N LYS B 388 -39.83 -69.82 41.36
CA LYS B 388 -38.72 -70.59 40.81
C LYS B 388 -38.65 -70.56 39.30
N HIS B 389 -39.61 -69.92 38.63
CA HIS B 389 -39.58 -69.82 37.18
C HIS B 389 -38.34 -69.02 36.77
N PRO B 390 -37.55 -69.48 35.78
CA PRO B 390 -36.33 -68.72 35.44
C PRO B 390 -36.61 -67.29 34.99
N GLU B 391 -37.73 -67.07 34.29
CA GLU B 391 -38.10 -65.73 33.86
C GLU B 391 -38.31 -64.80 35.04
N VAL B 392 -38.98 -65.30 36.09
CA VAL B 392 -39.26 -64.47 37.26
C VAL B 392 -37.97 -64.09 37.97
N LYS B 393 -37.07 -65.06 38.16
CA LYS B 393 -35.79 -64.79 38.79
C LYS B 393 -34.98 -63.79 37.99
N SER B 394 -34.95 -63.97 36.66
CA SER B 394 -34.26 -63.01 35.80
C SER B 394 -34.88 -61.62 35.92
N ALA B 395 -36.20 -61.53 36.01
CA ALA B 395 -36.86 -60.23 36.09
C ALA B 395 -36.51 -59.51 37.38
N ILE B 396 -36.54 -60.22 38.51
CA ILE B 396 -36.21 -59.56 39.79
C ILE B 396 -34.73 -59.17 39.80
N GLU B 397 -33.84 -60.05 39.34
CA GLU B 397 -32.43 -59.71 39.28
C GLU B 397 -32.20 -58.51 38.38
N GLY B 398 -32.96 -58.42 37.29
CA GLY B 398 -32.82 -57.28 36.40
C GLY B 398 -33.30 -55.98 37.01
N ILE B 399 -34.41 -56.03 37.75
CA ILE B 399 -34.88 -54.82 38.43
C ILE B 399 -33.82 -54.34 39.42
N LYS B 400 -33.20 -55.29 40.14
CA LYS B 400 -32.11 -54.91 41.05
C LYS B 400 -30.95 -54.31 40.28
N TYR B 401 -30.62 -54.88 39.11
CA TYR B 401 -29.55 -54.34 38.29
C TYR B 401 -29.83 -52.91 37.84
N ILE B 402 -31.08 -52.64 37.44
CA ILE B 402 -31.45 -51.28 37.04
C ILE B 402 -31.28 -50.32 38.22
N ALA B 403 -31.75 -50.73 39.41
CA ALA B 403 -31.64 -49.86 40.56
C ALA B 403 -30.19 -49.55 40.90
N GLU B 404 -29.32 -50.57 40.91
CA GLU B 404 -27.91 -50.33 41.21
C GLU B 404 -27.24 -49.50 40.13
N THR B 405 -27.62 -49.69 38.87
CA THR B 405 -27.06 -48.87 37.79
C THR B 405 -27.42 -47.40 37.99
N MET B 406 -28.67 -47.12 38.35
CA MET B 406 -29.07 -45.74 38.60
C MET B 406 -28.32 -45.16 39.80
N LYS B 407 -28.11 -45.96 40.85
CA LYS B 407 -27.37 -45.49 42.01
C LYS B 407 -25.93 -45.12 41.63
N SER B 408 -25.26 -46.00 40.87
CA SER B 408 -23.90 -45.71 40.44
C SER B 408 -23.84 -44.49 39.53
N ASP B 409 -24.80 -44.35 38.62
CA ASP B 409 -24.84 -43.17 37.75
C ASP B 409 -25.05 -41.90 38.54
N GLN B 410 -25.89 -41.94 39.59
CA GLN B 410 -26.07 -40.77 40.44
C GLN B 410 -24.76 -40.40 41.14
N GLU B 411 -24.03 -41.40 41.64
CA GLU B 411 -22.75 -41.10 42.30
C GLU B 411 -21.76 -40.49 41.32
N SER B 412 -21.68 -41.04 40.10
CA SER B 412 -20.77 -40.49 39.09
C SER B 412 -21.17 -39.07 38.73
N ASN B 413 -22.47 -38.82 38.60
CA ASN B 413 -22.94 -37.47 38.28
C ASN B 413 -22.60 -36.49 39.40
N ASN B 414 -22.69 -36.93 40.66
CA ASN B 414 -22.31 -36.06 41.77
C ASN B 414 -20.83 -35.72 41.75
N ALA B 415 -19.97 -36.71 41.45
CA ALA B 415 -18.54 -36.41 41.34
C ALA B 415 -18.26 -35.44 40.19
N ALA B 416 -18.91 -35.65 39.05
CA ALA B 416 -18.77 -34.73 37.94
C ALA B 416 -19.27 -33.33 38.30
N ALA B 417 -20.34 -33.26 39.10
CA ALA B 417 -20.82 -31.96 39.57
C ALA B 417 -19.81 -31.27 40.47
N GLU B 418 -19.11 -32.04 41.30
CA GLU B 418 -18.05 -31.45 42.12
C GLU B 418 -16.95 -30.86 41.24
N TRP B 419 -16.54 -31.61 40.21
CA TRP B 419 -15.54 -31.09 39.28
C TRP B 419 -16.02 -29.82 38.58
N LYS B 420 -17.29 -29.82 38.14
CA LYS B 420 -17.86 -28.66 37.48
C LYS B 420 -17.93 -27.46 38.42
N TYR B 421 -18.23 -27.69 39.69
CA TYR B 421 -18.24 -26.62 40.69
C TYR B 421 -16.85 -26.03 40.87
N VAL B 422 -15.81 -26.88 40.89
CA VAL B 422 -14.45 -26.38 40.99
C VAL B 422 -14.12 -25.50 39.79
N ALA B 423 -14.51 -25.95 38.59
CA ALA B 423 -14.28 -25.15 37.38
C ALA B 423 -15.00 -23.80 37.47
N MET B 424 -16.24 -23.81 37.96
CA MET B 424 -17.02 -22.57 38.10
C MET B 424 -16.34 -21.61 39.07
N VAL B 425 -15.83 -22.13 40.19
CA VAL B 425 -15.18 -21.28 41.18
C VAL B 425 -13.91 -20.67 40.59
N MET B 426 -13.12 -21.46 39.85
CA MET B 426 -11.96 -20.89 39.18
C MET B 426 -12.36 -19.81 38.18
N ASP B 427 -13.50 -20.01 37.52
CA ASP B 427 -14.01 -19.04 36.51
C ASP B 427 -14.40 -17.74 37.19
N HIS B 428 -14.98 -17.78 38.40
CA HIS B 428 -15.34 -16.57 39.13
C HIS B 428 -14.10 -15.82 39.61
N ILE B 429 -13.16 -16.55 40.20
CA ILE B 429 -11.94 -15.91 40.69
C ILE B 429 -11.21 -15.26 39.53
N LEU B 430 -11.15 -15.93 38.37
CA LEU B 430 -10.48 -15.37 37.22
C LEU B 430 -11.22 -14.16 36.65
N LEU B 431 -12.55 -14.14 36.75
CA LEU B 431 -13.30 -12.97 36.31
C LEU B 431 -12.90 -11.74 37.13
N GLY B 432 -12.91 -11.87 38.45
CA GLY B 432 -12.50 -10.75 39.29
C GLY B 432 -11.06 -10.32 39.03
N VAL B 433 -10.18 -11.32 38.85
CA VAL B 433 -8.79 -11.03 38.56
C VAL B 433 -8.68 -10.26 37.24
N PHE B 434 -9.48 -10.66 36.23
CA PHE B 434 -9.47 -9.93 34.97
C PHE B 434 -9.88 -8.48 35.18
N MET B 435 -10.95 -8.25 35.95
CA MET B 435 -11.47 -6.90 36.10
C MET B 435 -10.38 -5.98 36.64
N LEU B 436 -9.80 -6.39 37.77
CA LEU B 436 -8.77 -5.53 38.38
C LEU B 436 -7.52 -5.45 37.52
N VAL B 437 -7.07 -6.58 36.97
CA VAL B 437 -5.79 -6.60 36.23
C VAL B 437 -5.91 -5.74 34.98
N CYS B 438 -6.97 -5.95 34.19
CA CYS B 438 -7.11 -5.19 32.95
C CYS B 438 -7.28 -3.70 33.23
N ILE B 439 -8.11 -3.34 34.22
CA ILE B 439 -8.36 -1.93 34.50
C ILE B 439 -7.06 -1.25 34.92
N ILE B 440 -6.35 -1.85 35.89
CA ILE B 440 -5.14 -1.19 36.38
C ILE B 440 -4.00 -1.27 35.38
N GLY B 441 -3.99 -2.26 34.48
CA GLY B 441 -2.96 -2.29 33.44
C GLY B 441 -3.16 -1.19 32.42
N THR B 442 -4.41 -1.02 31.95
CA THR B 442 -4.70 0.08 31.05
C THR B 442 -4.36 1.42 31.69
N LEU B 443 -4.72 1.57 32.97
CA LEU B 443 -4.37 2.79 33.68
C LEU B 443 -2.85 2.95 33.80
N ALA B 444 -2.15 1.89 34.17
CA ALA B 444 -0.70 1.96 34.35
C ALA B 444 0.02 2.33 33.07
N VAL B 445 -0.52 1.96 31.91
CA VAL B 445 0.10 2.30 30.64
C VAL B 445 -0.26 3.72 30.17
N PHE B 446 -1.54 4.11 30.25
CA PHE B 446 -1.98 5.37 29.63
C PHE B 446 -2.07 6.54 30.60
N ALA B 447 -2.53 6.31 31.83
CA ALA B 447 -2.79 7.41 32.76
C ALA B 447 -1.54 8.19 33.07
N GLY B 448 -0.36 7.56 33.01
CA GLY B 448 0.88 8.27 33.23
C GLY B 448 1.05 9.42 32.24
N ARG B 449 0.98 9.09 30.95
CA ARG B 449 1.15 10.13 29.93
C ARG B 449 -0.02 11.10 29.93
N LEU B 450 -1.24 10.61 30.20
CA LEU B 450 -2.39 11.51 30.24
C LEU B 450 -2.26 12.53 31.37
N ILE B 451 -1.85 12.08 32.55
CA ILE B 451 -1.64 12.97 33.68
C ILE B 451 -0.48 13.92 33.39
N GLU B 452 0.55 13.42 32.70
CA GLU B 452 1.68 14.27 32.34
C GLU B 452 1.23 15.41 31.43
N LEU B 453 0.39 15.11 30.44
CA LEU B 453 -0.13 16.15 29.56
C LEU B 453 -1.03 17.11 30.33
N ASN B 454 -1.88 16.59 31.20
CA ASN B 454 -2.79 17.44 31.95
C ASN B 454 -2.02 18.38 32.89
N GLN B 455 -0.92 17.89 33.46
CA GLN B 455 -0.14 18.71 34.38
C GLN B 455 0.53 19.88 33.64
N GLN B 456 0.89 19.67 32.38
CA GLN B 456 1.56 20.69 31.58
C GLN B 456 0.72 21.95 31.45
N SER C 24 47.97 20.94 -20.73
CA SER C 24 49.15 21.19 -21.59
C SER C 24 48.86 22.27 -22.63
N GLU C 25 49.83 23.17 -22.84
CA GLU C 25 49.66 24.19 -23.87
C GLU C 25 49.55 23.58 -25.26
N ALA C 26 50.26 22.48 -25.51
CA ALA C 26 50.14 21.79 -26.80
C ALA C 26 48.74 21.21 -26.98
N GLU C 27 48.19 20.62 -25.92
CA GLU C 27 46.82 20.11 -26.00
C GLU C 27 45.84 21.24 -26.25
N GLY C 28 46.04 22.39 -25.59
CA GLY C 28 45.17 23.54 -25.84
C GLY C 28 45.24 24.01 -27.27
N ARG C 29 46.44 24.09 -27.83
CA ARG C 29 46.59 24.49 -29.23
C ARG C 29 45.93 23.49 -30.17
N LEU C 30 46.09 22.19 -29.91
CA LEU C 30 45.46 21.18 -30.74
C LEU C 30 43.93 21.28 -30.66
N ARG C 31 43.40 21.48 -29.46
CA ARG C 31 41.94 21.64 -29.31
C ARG C 31 41.44 22.87 -30.03
N GLU C 32 42.18 23.98 -29.95
CA GLU C 32 41.79 25.19 -30.66
C GLU C 32 41.80 24.96 -32.16
N LYS C 33 42.80 24.25 -32.67
CA LYS C 33 42.85 23.95 -34.09
C LYS C 33 41.69 23.07 -34.53
N LEU C 34 41.35 22.06 -33.73
CA LEU C 34 40.35 21.09 -34.16
C LEU C 34 38.95 21.71 -34.23
N PHE C 35 38.64 22.67 -33.37
CA PHE C 35 37.29 23.21 -33.25
C PHE C 35 37.14 24.59 -33.90
N SER C 36 38.05 24.97 -34.78
CA SER C 36 37.91 26.19 -35.57
C SER C 36 37.06 25.88 -36.79
N GLY C 37 35.88 26.50 -36.86
CA GLY C 37 34.95 26.21 -37.93
C GLY C 37 34.19 24.91 -37.78
N TYR C 38 34.23 24.29 -36.61
CA TYR C 38 33.56 23.00 -36.37
C TYR C 38 32.15 23.26 -35.85
N ASP C 39 31.18 22.59 -36.46
CA ASP C 39 29.77 22.67 -36.07
C ASP C 39 29.32 21.28 -35.63
N SER C 40 29.13 21.11 -34.31
CA SER C 40 28.71 19.82 -33.78
C SER C 40 27.29 19.44 -34.15
N SER C 41 26.49 20.39 -34.67
CA SER C 41 25.14 20.08 -35.13
C SER C 41 25.11 19.44 -36.51
N VAL C 42 26.21 19.49 -37.26
CA VAL C 42 26.26 18.99 -38.63
C VAL C 42 26.88 17.60 -38.62
N ARG C 43 26.20 16.66 -39.26
CA ARG C 43 26.67 15.28 -39.33
C ARG C 43 27.96 15.22 -40.15
N PRO C 44 28.96 14.44 -39.73
CA PRO C 44 30.22 14.38 -40.51
C PRO C 44 30.03 13.59 -41.80
N ALA C 45 30.29 14.24 -42.93
CA ALA C 45 30.13 13.62 -44.25
C ALA C 45 30.96 14.45 -45.22
N ARG C 46 32.08 13.88 -45.68
CA ARG C 46 32.94 14.63 -46.60
C ARG C 46 32.22 14.87 -47.93
N GLU C 47 31.33 13.95 -48.33
CA GLU C 47 30.56 14.07 -49.54
C GLU C 47 29.08 13.80 -49.24
N VAL C 48 28.22 14.33 -50.11
CA VAL C 48 26.79 14.03 -50.02
C VAL C 48 26.58 12.59 -50.46
N GLY C 49 25.88 11.82 -49.61
CA GLY C 49 25.69 10.40 -49.80
C GLY C 49 26.58 9.54 -48.92
N ASP C 50 27.63 10.10 -48.33
CA ASP C 50 28.43 9.37 -47.37
C ASP C 50 27.62 9.10 -46.12
N ARG C 51 27.74 7.88 -45.58
CA ARG C 51 27.04 7.45 -44.38
C ARG C 51 28.02 7.31 -43.24
N VAL C 52 27.62 7.77 -42.07
CA VAL C 52 28.41 7.57 -40.85
C VAL C 52 28.07 6.19 -40.29
N ARG C 53 29.07 5.33 -40.21
CA ARG C 53 28.89 3.98 -39.68
C ARG C 53 29.10 4.02 -38.17
N VAL C 54 28.08 3.65 -37.41
CA VAL C 54 28.11 3.70 -35.95
C VAL C 54 28.04 2.28 -35.42
N SER C 55 29.06 1.88 -34.68
CA SER C 55 29.07 0.62 -33.95
C SER C 55 28.42 0.82 -32.59
N VAL C 56 27.47 -0.07 -32.26
CA VAL C 56 26.66 0.02 -31.06
C VAL C 56 26.88 -1.26 -30.26
N GLY C 57 27.41 -1.13 -29.05
CA GLY C 57 27.51 -2.23 -28.11
C GLY C 57 26.92 -1.83 -26.78
N LEU C 58 26.65 -2.80 -25.91
CA LEU C 58 26.01 -2.55 -24.62
C LEU C 58 26.71 -3.36 -23.55
N ILE C 59 27.01 -2.71 -22.42
CA ILE C 59 27.56 -3.34 -21.23
C ILE C 59 26.50 -3.24 -20.15
N LEU C 60 26.11 -4.37 -19.57
CA LEU C 60 25.11 -4.38 -18.51
C LEU C 60 25.81 -4.32 -17.16
N ALA C 61 25.64 -3.22 -16.43
CA ALA C 61 26.21 -3.08 -15.10
C ALA C 61 25.30 -3.65 -14.03
N GLN C 62 23.98 -3.55 -14.23
CA GLN C 62 23.02 -4.09 -13.26
C GLN C 62 21.68 -4.24 -13.94
N LEU C 63 21.06 -5.41 -13.75
CA LEU C 63 19.64 -5.59 -14.04
C LEU C 63 18.88 -5.17 -12.78
N ILE C 64 18.41 -3.93 -12.75
CA ILE C 64 17.82 -3.40 -11.53
C ILE C 64 16.53 -4.12 -11.19
N SER C 65 15.62 -4.27 -12.15
CA SER C 65 14.36 -4.93 -11.83
C SER C 65 13.60 -5.25 -13.10
N LEU C 66 12.56 -6.07 -12.95
CA LEU C 66 11.55 -6.30 -13.98
C LEU C 66 10.20 -6.16 -13.29
N ASN C 67 9.55 -5.01 -13.46
CA ASN C 67 8.26 -4.72 -12.84
C ASN C 67 7.16 -5.33 -13.69
N GLU C 68 6.48 -6.34 -13.14
CA GLU C 68 5.38 -6.99 -13.84
C GLU C 68 4.17 -6.07 -13.95
N LYS C 69 3.87 -5.33 -12.88
CA LYS C 69 2.68 -4.47 -12.87
C LYS C 69 2.78 -3.40 -13.95
N ASP C 70 3.92 -2.72 -14.03
CA ASP C 70 4.17 -1.72 -15.05
C ASP C 70 4.74 -2.31 -16.34
N GLU C 71 5.09 -3.59 -16.35
CA GLU C 71 5.62 -4.28 -17.52
C GLU C 71 6.85 -3.56 -18.07
N GLU C 72 7.83 -3.32 -17.19
CA GLU C 72 9.00 -2.55 -17.57
C GLU C 72 10.25 -3.12 -16.93
N MET C 73 11.32 -3.20 -17.72
CA MET C 73 12.63 -3.65 -17.24
C MET C 73 13.49 -2.43 -16.95
N SER C 74 14.01 -2.35 -15.73
CA SER C 74 14.90 -1.29 -15.30
C SER C 74 16.32 -1.82 -15.28
N THR C 75 17.20 -1.18 -16.06
CA THR C 75 18.59 -1.58 -16.20
C THR C 75 19.52 -0.40 -16.02
N LYS C 76 20.74 -0.69 -15.56
CA LYS C 76 21.86 0.23 -15.56
C LYS C 76 22.89 -0.33 -16.52
N VAL C 77 23.33 0.49 -17.48
CA VAL C 77 24.16 0.03 -18.58
C VAL C 77 25.19 1.11 -18.92
N TYR C 78 26.17 0.71 -19.72
CA TYR C 78 27.06 1.61 -20.43
C TYR C 78 26.90 1.32 -21.91
N LEU C 79 26.50 2.31 -22.68
CA LEU C 79 26.56 2.17 -24.13
C LEU C 79 28.02 2.16 -24.57
N ASP C 80 28.26 1.66 -25.77
CA ASP C 80 29.58 1.63 -26.38
C ASP C 80 29.38 2.03 -27.83
N LEU C 81 29.49 3.33 -28.09
CA LEU C 81 29.23 3.91 -29.41
C LEU C 81 30.55 4.30 -30.04
N GLU C 82 30.77 3.85 -31.28
CA GLU C 82 32.01 4.12 -31.99
C GLU C 82 31.68 4.61 -33.40
N TRP C 83 32.30 5.72 -33.79
CA TRP C 83 32.16 6.22 -35.16
C TRP C 83 33.43 6.95 -35.54
N THR C 84 33.41 7.59 -36.71
CA THR C 84 34.54 8.36 -37.21
C THR C 84 34.06 9.75 -37.59
N ASP C 85 34.78 10.77 -37.13
CA ASP C 85 34.57 12.15 -37.53
C ASP C 85 35.84 12.62 -38.23
N TYR C 86 35.76 12.78 -39.55
CA TYR C 86 36.94 13.17 -40.31
C TYR C 86 37.44 14.55 -39.92
N ARG C 87 36.55 15.42 -39.44
CA ARG C 87 36.95 16.77 -39.05
C ARG C 87 37.83 16.78 -37.80
N LEU C 88 37.81 15.71 -37.01
CA LEU C 88 38.53 15.64 -35.74
C LEU C 88 39.79 14.78 -35.85
N SER C 89 40.48 14.86 -36.99
CA SER C 89 41.71 14.14 -37.23
C SER C 89 42.89 15.11 -37.25
N TRP C 90 44.06 14.61 -36.87
CA TRP C 90 45.27 15.42 -36.85
C TRP C 90 46.49 14.52 -36.97
N ASP C 91 47.63 15.14 -37.26
CA ASP C 91 48.90 14.43 -37.30
C ASP C 91 49.58 14.52 -35.93
N PRO C 92 49.82 13.40 -35.23
CA PRO C 92 50.45 13.51 -33.90
C PRO C 92 51.83 14.16 -33.93
N ALA C 93 52.63 13.90 -34.97
CA ALA C 93 53.98 14.44 -35.02
C ALA C 93 53.99 15.97 -35.02
N GLU C 94 52.93 16.59 -35.53
CA GLU C 94 52.81 18.04 -35.56
C GLU C 94 52.25 18.62 -34.27
N HIS C 95 51.92 17.79 -33.27
CA HIS C 95 51.28 18.24 -32.05
C HIS C 95 51.90 17.55 -30.84
N ASP C 96 53.24 17.50 -30.81
CA ASP C 96 54.00 17.00 -29.66
C ASP C 96 53.68 15.54 -29.34
N GLY C 97 53.31 14.76 -30.36
CA GLY C 97 53.06 13.35 -30.17
C GLY C 97 51.74 13.01 -29.51
N ILE C 98 50.80 13.96 -29.43
CA ILE C 98 49.50 13.67 -28.84
C ILE C 98 48.71 12.83 -29.82
N ASP C 99 48.30 11.64 -29.37
CA ASP C 99 47.58 10.68 -30.20
C ASP C 99 46.11 10.51 -29.83
N SER C 100 45.67 11.05 -28.69
CA SER C 100 44.28 10.95 -28.29
C SER C 100 43.90 12.14 -27.44
N LEU C 101 42.60 12.40 -27.37
CA LEU C 101 42.05 13.52 -26.60
C LEU C 101 40.77 13.07 -25.91
N ARG C 102 40.54 13.61 -24.72
CA ARG C 102 39.27 13.44 -24.00
C ARG C 102 38.53 14.76 -24.04
N ILE C 103 37.38 14.76 -24.73
CA ILE C 103 36.64 15.98 -25.03
C ILE C 103 35.21 15.81 -24.52
N THR C 104 34.65 16.87 -23.93
CA THR C 104 33.27 16.84 -23.49
C THR C 104 32.34 16.52 -24.66
N ALA C 105 31.41 15.59 -24.42
CA ALA C 105 30.59 15.06 -25.51
C ALA C 105 29.72 16.14 -26.15
N GLU C 106 29.44 17.23 -25.44
CA GLU C 106 28.63 18.30 -26.01
C GLU C 106 29.37 19.09 -27.07
N SER C 107 30.70 19.01 -27.12
CA SER C 107 31.49 19.77 -28.08
C SER C 107 31.60 19.11 -29.45
N VAL C 108 31.20 17.84 -29.58
CA VAL C 108 31.34 17.09 -30.83
C VAL C 108 29.96 16.69 -31.32
N TRP C 109 29.88 16.41 -32.61
CA TRP C 109 28.68 15.80 -33.16
C TRP C 109 28.53 14.40 -32.59
N LEU C 110 27.32 14.09 -32.13
CA LEU C 110 26.98 12.79 -31.60
C LEU C 110 25.93 12.15 -32.51
N PRO C 111 25.94 10.83 -32.69
CA PRO C 111 24.79 10.20 -33.33
C PRO C 111 23.63 10.19 -32.36
N ASP C 112 22.43 10.45 -32.88
CA ASP C 112 21.26 10.65 -32.03
C ASP C 112 20.67 9.30 -31.59
N VAL C 113 21.53 8.48 -30.99
CA VAL C 113 21.15 7.12 -30.62
C VAL C 113 20.33 7.17 -29.34
N VAL C 114 19.15 6.57 -29.39
CA VAL C 114 18.20 6.59 -28.28
C VAL C 114 17.61 5.20 -28.14
N LEU C 115 17.12 4.92 -26.94
CA LEU C 115 16.33 3.72 -26.66
C LEU C 115 14.92 4.00 -27.13
N LEU C 116 14.54 3.40 -28.26
CA LEU C 116 13.24 3.68 -28.87
C LEU C 116 12.09 3.18 -27.98
N ASN C 117 12.24 2.00 -27.40
CA ASN C 117 11.17 1.35 -26.66
C ASN C 117 11.21 1.66 -25.17
N ASN C 118 11.71 2.83 -24.79
CA ASN C 118 11.63 3.25 -23.39
C ASN C 118 10.18 3.41 -22.97
N ASN C 119 9.91 3.13 -21.69
CA ASN C 119 8.55 3.10 -21.17
C ASN C 119 8.19 4.33 -20.35
N ASP C 120 9.16 5.16 -19.97
CA ASP C 120 8.92 6.31 -19.11
C ASP C 120 9.10 7.66 -19.81
N GLY C 121 9.37 7.67 -21.11
CA GLY C 121 9.58 8.90 -21.85
C GLY C 121 11.01 9.40 -21.88
N ASN C 122 11.93 8.73 -21.16
CA ASN C 122 13.33 9.11 -21.17
C ASN C 122 14.04 8.36 -22.30
N PHE C 123 14.51 9.11 -23.29
CA PHE C 123 15.19 8.54 -24.45
C PHE C 123 16.72 8.55 -24.32
N ASP C 124 17.29 9.40 -23.47
CA ASP C 124 18.70 9.75 -23.53
C ASP C 124 19.50 9.05 -22.44
N VAL C 125 20.82 9.27 -22.47
CA VAL C 125 21.74 8.68 -21.52
C VAL C 125 21.70 9.45 -20.21
N ALA C 126 22.18 8.81 -19.14
CA ALA C 126 22.11 9.42 -17.81
C ALA C 126 23.11 10.55 -17.66
N LEU C 127 24.29 10.42 -18.26
CA LEU C 127 25.36 11.40 -18.09
C LEU C 127 26.17 11.44 -19.38
N ASP C 128 26.38 12.65 -19.91
CA ASP C 128 27.00 12.79 -21.22
C ASP C 128 28.50 12.49 -21.21
N ILE C 129 29.17 12.72 -20.08
CA ILE C 129 30.60 12.48 -19.86
C ILE C 129 31.43 12.95 -21.06
N SER C 130 32.51 12.23 -21.40
CA SER C 130 33.44 12.67 -22.44
C SER C 130 33.61 11.57 -23.49
N VAL C 131 33.91 12.00 -24.71
CA VAL C 131 34.32 11.14 -25.80
C VAL C 131 35.84 11.07 -25.81
N VAL C 132 36.36 9.98 -26.37
CA VAL C 132 37.77 9.78 -26.61
C VAL C 132 37.97 9.82 -28.12
N VAL C 133 38.73 10.80 -28.59
CA VAL C 133 38.99 11.00 -30.02
C VAL C 133 40.44 10.62 -30.29
N SER C 134 40.64 9.70 -31.24
CA SER C 134 41.96 9.35 -31.71
C SER C 134 42.37 10.26 -32.86
N SER C 135 43.67 10.28 -33.15
CA SER C 135 44.21 11.16 -34.17
C SER C 135 43.68 10.86 -35.57
N ASP C 136 43.17 9.65 -35.82
CA ASP C 136 42.58 9.29 -37.10
C ASP C 136 41.09 9.64 -37.20
N GLY C 137 40.55 10.38 -36.23
CA GLY C 137 39.16 10.77 -36.23
C GLY C 137 38.22 9.78 -35.57
N SER C 138 38.72 8.64 -35.11
CA SER C 138 37.88 7.66 -34.44
C SER C 138 37.39 8.20 -33.10
N VAL C 139 36.07 8.28 -32.95
CA VAL C 139 35.42 8.75 -31.73
C VAL C 139 34.81 7.55 -31.03
N ARG C 140 35.14 7.39 -29.74
CA ARG C 140 34.56 6.38 -28.88
C ARG C 140 33.85 7.08 -27.73
N TRP C 141 32.62 6.67 -27.46
CA TRP C 141 31.78 7.30 -26.45
C TRP C 141 31.12 6.19 -25.65
N GLN C 142 31.26 6.24 -24.32
CA GLN C 142 30.75 5.19 -23.44
C GLN C 142 29.90 5.78 -22.33
N PRO C 143 28.76 6.39 -22.66
CA PRO C 143 27.97 7.08 -21.64
C PRO C 143 27.26 6.09 -20.73
N PRO C 144 27.06 6.42 -19.45
CA PRO C 144 26.17 5.59 -18.63
C PRO C 144 24.71 5.86 -18.94
N GLY C 145 23.87 4.86 -18.68
CA GLY C 145 22.45 4.97 -18.92
C GLY C 145 21.62 4.14 -17.96
N ILE C 146 20.65 4.78 -17.33
CA ILE C 146 19.65 4.09 -16.51
C ILE C 146 18.35 4.13 -17.31
N TYR C 147 17.89 2.95 -17.73
CA TYR C 147 16.82 2.82 -18.71
C TYR C 147 15.66 2.02 -18.16
N ARG C 148 14.46 2.46 -18.52
CA ARG C 148 13.21 1.73 -18.24
C ARG C 148 12.59 1.38 -19.58
N SER C 149 12.73 0.13 -19.99
CA SER C 149 12.31 -0.34 -21.30
C SER C 149 11.03 -1.16 -21.20
N SER C 150 10.16 -1.00 -22.18
CA SER C 150 8.91 -1.75 -22.22
C SER C 150 9.19 -3.22 -22.49
N CYS C 151 8.58 -4.09 -21.67
CA CYS C 151 8.69 -5.53 -21.83
C CYS C 151 7.31 -6.14 -21.66
N SER C 152 6.81 -6.78 -22.71
CA SER C 152 5.52 -7.47 -22.65
C SER C 152 5.70 -8.77 -21.87
N ILE C 153 5.09 -8.85 -20.70
CA ILE C 153 5.30 -9.97 -19.78
C ILE C 153 4.42 -11.13 -20.21
N GLN C 154 5.04 -12.28 -20.50
CA GLN C 154 4.30 -13.51 -20.74
C GLN C 154 3.95 -14.11 -19.38
N VAL C 155 2.67 -14.04 -19.01
CA VAL C 155 2.26 -14.34 -17.65
C VAL C 155 1.91 -15.81 -17.44
N THR C 156 1.92 -16.63 -18.49
CA THR C 156 1.27 -17.94 -18.44
C THR C 156 1.86 -18.85 -17.36
N TYR C 157 3.19 -18.84 -17.22
CA TYR C 157 3.89 -19.74 -16.32
C TYR C 157 4.48 -19.03 -15.10
N PHE C 158 4.05 -17.81 -14.81
CA PHE C 158 4.52 -17.09 -13.64
C PHE C 158 4.14 -17.86 -12.37
N PRO C 159 5.04 -17.95 -11.36
CA PRO C 159 6.41 -17.41 -11.24
C PRO C 159 7.50 -18.36 -11.74
N PHE C 160 7.16 -19.44 -12.45
CA PHE C 160 8.13 -20.35 -13.03
C PHE C 160 8.44 -19.97 -14.48
N ASP C 161 8.40 -18.68 -14.77
CA ASP C 161 8.42 -18.15 -16.12
C ASP C 161 9.80 -17.65 -16.51
N TRP C 162 10.00 -17.52 -17.82
CA TRP C 162 11.13 -16.81 -18.39
C TRP C 162 10.60 -15.71 -19.30
N GLN C 163 11.35 -14.62 -19.36
CA GLN C 163 10.94 -13.35 -20.01
C GLN C 163 11.92 -13.08 -21.15
N ASN C 164 11.53 -12.22 -22.08
CA ASN C 164 12.27 -11.91 -23.33
C ASN C 164 12.20 -10.41 -23.53
N CYS C 165 13.06 -9.66 -22.85
CA CYS C 165 12.97 -8.20 -22.66
C CYS C 165 14.02 -7.52 -23.54
N THR C 166 13.57 -6.82 -24.59
CA THR C 166 14.43 -6.22 -25.59
C THR C 166 14.71 -4.76 -25.24
N MET C 167 15.86 -4.29 -25.71
CA MET C 167 16.28 -2.89 -25.66
C MET C 167 16.61 -2.50 -27.09
N VAL C 168 15.77 -1.65 -27.68
CA VAL C 168 15.87 -1.28 -29.08
C VAL C 168 16.55 0.09 -29.15
N PHE C 169 17.71 0.14 -29.81
CA PHE C 169 18.49 1.36 -29.95
C PHE C 169 18.51 1.79 -31.41
N SER C 170 18.33 3.07 -31.65
CA SER C 170 18.30 3.57 -33.02
C SER C 170 18.50 5.07 -33.03
N SER C 171 18.85 5.60 -34.19
CA SER C 171 18.89 7.04 -34.37
C SER C 171 17.47 7.59 -34.44
N TYR C 172 17.18 8.61 -33.64
CA TYR C 172 15.84 9.19 -33.63
C TYR C 172 15.58 10.01 -34.89
N SER C 173 16.61 10.65 -35.44
CA SER C 173 16.47 11.61 -36.52
C SER C 173 17.03 11.12 -37.85
N TYR C 174 18.28 10.69 -37.89
CA TYR C 174 18.92 10.35 -39.15
C TYR C 174 18.39 9.03 -39.69
N ASP C 175 18.22 8.95 -41.00
CA ASP C 175 17.74 7.73 -41.65
C ASP C 175 18.94 6.85 -42.03
N SER C 176 18.64 5.65 -42.52
CA SER C 176 19.69 4.67 -42.82
C SER C 176 20.59 5.11 -43.96
N SER C 177 20.16 6.06 -44.79
CA SER C 177 21.02 6.61 -45.82
C SER C 177 22.02 7.63 -45.28
N GLU C 178 21.85 8.10 -44.05
CA GLU C 178 22.71 9.10 -43.44
C GLU C 178 23.60 8.52 -42.35
N VAL C 179 23.05 7.68 -41.48
CA VAL C 179 23.78 7.02 -40.40
C VAL C 179 23.45 5.54 -40.45
N SER C 180 24.47 4.72 -40.67
CA SER C 180 24.33 3.27 -40.64
C SER C 180 24.76 2.74 -39.28
N LEU C 181 24.08 1.68 -38.84
CA LEU C 181 24.33 1.05 -37.55
C LEU C 181 24.92 -0.34 -37.77
N GLN C 182 25.72 -0.77 -36.80
CA GLN C 182 26.24 -2.13 -36.75
C GLN C 182 26.38 -2.55 -35.30
N THR C 183 26.27 -3.85 -35.05
CA THR C 183 26.45 -4.36 -33.70
C THR C 183 27.91 -4.25 -33.28
N GLY C 184 28.13 -3.81 -32.05
CA GLY C 184 29.47 -3.64 -31.54
C GLY C 184 30.17 -4.98 -31.43
N LEU C 185 31.30 -5.13 -32.12
CA LEU C 185 32.01 -6.41 -32.13
C LEU C 185 33.40 -6.25 -32.72
N GLY C 186 34.40 -6.81 -32.04
CA GLY C 186 35.77 -6.75 -32.51
C GLY C 186 36.60 -7.91 -31.99
N GLY C 191 33.88 -11.81 -33.43
CA GLY C 191 32.98 -10.71 -33.20
C GLY C 191 31.85 -11.06 -32.26
N HIS C 192 31.74 -10.32 -31.15
CA HIS C 192 30.76 -10.62 -30.11
C HIS C 192 29.46 -9.86 -30.40
N GLN C 193 28.43 -10.60 -30.78
CA GLN C 193 27.08 -10.05 -30.93
C GLN C 193 26.26 -10.32 -29.68
N GLU C 194 26.75 -9.80 -28.55
CA GLU C 194 26.14 -10.08 -27.26
C GLU C 194 26.30 -8.85 -26.35
N ILE C 195 25.40 -8.74 -25.38
CA ILE C 195 25.59 -7.78 -24.30
C ILE C 195 26.80 -8.22 -23.50
N HIS C 196 27.69 -7.26 -23.20
CA HIS C 196 28.89 -7.54 -22.43
C HIS C 196 28.55 -7.50 -20.95
N ILE C 197 28.94 -8.54 -20.22
CA ILE C 197 28.79 -8.60 -18.77
C ILE C 197 30.16 -8.95 -18.19
N HIS C 198 30.68 -8.07 -17.34
CA HIS C 198 31.93 -8.33 -16.66
C HIS C 198 31.68 -9.23 -15.46
N GLU C 199 32.39 -10.36 -15.40
CA GLU C 199 32.11 -11.36 -14.38
C GLU C 199 32.37 -10.82 -12.97
N GLY C 200 33.48 -10.10 -12.79
CA GLY C 200 33.84 -9.65 -11.46
C GLY C 200 32.90 -8.62 -10.89
N THR C 201 32.50 -7.63 -11.70
CA THR C 201 31.83 -6.43 -11.21
C THR C 201 30.34 -6.38 -11.50
N PHE C 202 29.75 -7.45 -12.03
CA PHE C 202 28.34 -7.42 -12.39
C PHE C 202 27.48 -7.61 -11.15
N ILE C 203 26.50 -6.73 -10.98
CA ILE C 203 25.55 -6.81 -9.87
C ILE C 203 24.48 -7.81 -10.29
N GLU C 204 24.58 -9.04 -9.79
CA GLU C 204 23.67 -10.10 -10.19
C GLU C 204 22.35 -9.98 -9.43
N ASN C 205 21.24 -10.05 -10.17
CA ASN C 205 19.92 -9.93 -9.56
C ASN C 205 19.61 -11.16 -8.72
N GLY C 206 18.98 -10.93 -7.56
CA GLY C 206 18.57 -12.01 -6.71
C GLY C 206 17.29 -12.71 -7.11
N GLN C 207 16.62 -12.24 -8.16
CA GLN C 207 15.37 -12.83 -8.63
C GLN C 207 15.44 -13.35 -10.07
N TRP C 208 16.47 -13.00 -10.83
CA TRP C 208 16.54 -13.31 -12.26
C TRP C 208 17.93 -13.81 -12.62
N GLU C 209 17.97 -14.91 -13.36
CA GLU C 209 19.19 -15.43 -13.96
C GLU C 209 19.17 -15.12 -15.45
N ILE C 210 20.30 -14.69 -15.98
CA ILE C 210 20.42 -14.35 -17.39
C ILE C 210 20.80 -15.62 -18.14
N ILE C 211 19.97 -16.01 -19.11
CA ILE C 211 20.17 -17.22 -19.90
C ILE C 211 20.88 -16.91 -21.21
N HIS C 212 20.33 -15.98 -22.00
CA HIS C 212 20.90 -15.55 -23.26
C HIS C 212 20.94 -14.03 -23.29
N LYS C 213 21.93 -13.48 -24.00
CA LYS C 213 22.11 -12.03 -24.09
C LYS C 213 22.65 -11.65 -25.46
N PRO C 214 21.94 -11.96 -26.54
CA PRO C 214 22.42 -11.64 -27.88
C PRO C 214 22.13 -10.19 -28.27
N SER C 215 22.73 -9.78 -29.37
CA SER C 215 22.46 -8.50 -30.01
C SER C 215 22.33 -8.71 -31.51
N ARG C 216 21.42 -7.98 -32.14
CA ARG C 216 21.14 -8.14 -33.56
C ARG C 216 20.91 -6.80 -34.23
N LEU C 217 21.38 -6.69 -35.47
CA LEU C 217 21.08 -5.56 -36.34
C LEU C 217 19.84 -5.87 -37.16
N ILE C 218 18.83 -5.02 -37.04
CA ILE C 218 17.58 -5.15 -37.78
C ILE C 218 17.62 -4.14 -38.93
N GLN C 219 17.55 -4.65 -40.14
CA GLN C 219 17.48 -3.79 -41.32
C GLN C 219 16.10 -3.14 -41.40
N PRO C 220 15.96 -2.04 -42.12
CA PRO C 220 14.65 -1.38 -42.20
C PRO C 220 13.61 -2.27 -42.83
N PRO C 221 12.30 -2.00 -42.58
CA PRO C 221 11.26 -2.89 -43.11
C PRO C 221 11.23 -2.91 -44.62
N GLY C 222 11.54 -4.07 -45.20
CA GLY C 222 11.56 -4.24 -46.65
C GLY C 222 12.61 -5.23 -47.09
N GLU C 229 14.96 7.73 -47.77
CA GLU C 229 13.57 7.28 -47.72
C GLU C 229 12.94 7.48 -46.34
N GLY C 230 13.74 7.87 -45.34
CA GLY C 230 13.30 7.87 -43.97
C GLY C 230 13.42 6.54 -43.27
N GLN C 231 13.82 5.49 -43.98
CA GLN C 231 13.97 4.19 -43.37
C GLN C 231 15.18 4.16 -42.45
N ARG C 232 15.11 3.30 -41.42
CA ARG C 232 16.10 3.30 -40.36
C ARG C 232 16.42 1.86 -39.97
N GLN C 233 17.67 1.62 -39.58
CA GLN C 233 18.07 0.37 -38.95
C GLN C 233 17.87 0.46 -37.45
N GLU C 234 17.93 -0.70 -36.79
CA GLU C 234 17.89 -0.77 -35.34
C GLU C 234 18.97 -1.74 -34.88
N VAL C 235 19.41 -1.57 -33.63
CA VAL C 235 20.24 -2.54 -32.96
C VAL C 235 19.50 -2.94 -31.69
N ILE C 236 19.10 -4.20 -31.60
CA ILE C 236 18.30 -4.69 -30.49
C ILE C 236 19.16 -5.61 -29.65
N PHE C 237 19.18 -5.35 -28.34
CA PHE C 237 19.83 -6.21 -27.36
C PHE C 237 18.73 -6.97 -26.62
N TYR C 238 18.81 -8.29 -26.64
CA TYR C 238 17.79 -9.15 -26.06
C TYR C 238 18.32 -9.71 -24.75
N LEU C 239 17.48 -9.72 -23.72
CA LEU C 239 17.79 -10.34 -22.44
C LEU C 239 16.73 -11.41 -22.20
N ILE C 240 17.11 -12.67 -22.34
CA ILE C 240 16.29 -13.83 -21.91
C ILE C 240 16.65 -14.02 -20.43
N ILE C 241 15.66 -13.98 -19.55
CA ILE C 241 15.89 -14.06 -18.10
C ILE C 241 14.89 -15.02 -17.49
N ARG C 242 15.39 -15.93 -16.65
CA ARG C 242 14.57 -16.92 -15.95
C ARG C 242 14.42 -16.49 -14.49
N ARG C 243 13.19 -16.52 -14.00
CA ARG C 243 12.95 -16.17 -12.60
C ARG C 243 13.43 -17.27 -11.67
N LYS C 244 13.95 -16.88 -10.52
CA LYS C 244 14.25 -17.81 -9.44
C LYS C 244 13.05 -17.85 -8.51
N PRO C 245 12.31 -18.96 -8.45
CA PRO C 245 10.98 -18.95 -7.85
C PRO C 245 10.93 -19.32 -6.37
N LEU C 246 12.06 -19.40 -5.67
CA LEU C 246 12.11 -19.92 -4.31
C LEU C 246 11.12 -19.20 -3.39
N PHE C 247 11.10 -17.87 -3.46
CA PHE C 247 10.18 -17.08 -2.65
C PHE C 247 8.74 -17.55 -2.83
N TYR C 248 8.30 -17.70 -4.08
CA TYR C 248 6.92 -18.10 -4.30
C TYR C 248 6.68 -19.54 -3.88
N LEU C 249 7.72 -20.38 -3.91
CA LEU C 249 7.54 -21.74 -3.39
C LEU C 249 7.39 -21.72 -1.88
N VAL C 250 7.98 -20.73 -1.21
CA VAL C 250 8.01 -20.72 0.24
C VAL C 250 6.76 -20.03 0.81
N ASN C 251 6.31 -18.95 0.16
CA ASN C 251 5.27 -18.09 0.71
C ASN C 251 3.89 -18.35 0.14
N VAL C 252 3.76 -19.12 -0.94
CA VAL C 252 2.48 -19.34 -1.60
C VAL C 252 2.19 -20.81 -1.80
N ILE C 253 3.11 -21.53 -2.45
CA ILE C 253 2.80 -22.90 -2.89
C ILE C 253 2.66 -23.83 -1.70
N ALA C 254 3.63 -23.80 -0.78
CA ALA C 254 3.59 -24.70 0.38
C ALA C 254 2.38 -24.44 1.28
N PRO C 255 2.05 -23.19 1.64
CA PRO C 255 0.81 -22.97 2.39
C PRO C 255 -0.43 -23.47 1.67
N CYS C 256 -0.48 -23.31 0.35
CA CYS C 256 -1.63 -23.81 -0.42
C CYS C 256 -1.71 -25.33 -0.32
N ILE C 257 -0.57 -26.01 -0.41
CA ILE C 257 -0.56 -27.46 -0.27
C ILE C 257 -1.06 -27.86 1.11
N LEU C 258 -0.62 -27.15 2.15
CA LEU C 258 -1.03 -27.48 3.51
C LEU C 258 -2.54 -27.30 3.69
N ILE C 259 -3.06 -26.17 3.22
CA ILE C 259 -4.49 -25.90 3.32
C ILE C 259 -5.29 -26.93 2.53
N THR C 260 -4.75 -27.37 1.39
CA THR C 260 -5.41 -28.41 0.61
C THR C 260 -5.46 -29.71 1.38
N LEU C 261 -4.35 -30.05 2.04
CA LEU C 261 -4.30 -31.28 2.83
C LEU C 261 -5.32 -31.25 3.95
N LEU C 262 -5.54 -30.08 4.55
CA LEU C 262 -6.57 -29.97 5.58
C LEU C 262 -7.99 -30.05 5.00
N ALA C 263 -8.20 -29.46 3.83
CA ALA C 263 -9.48 -29.59 3.15
C ALA C 263 -9.81 -31.05 2.88
N ILE C 264 -8.79 -31.85 2.56
CA ILE C 264 -9.02 -33.29 2.41
C ILE C 264 -9.46 -33.90 3.74
N PHE C 265 -8.77 -33.57 4.83
CA PHE C 265 -9.04 -34.19 6.12
C PHE C 265 -10.35 -33.74 6.74
N VAL C 266 -11.01 -32.73 6.17
CA VAL C 266 -12.38 -32.44 6.59
C VAL C 266 -13.27 -33.69 6.52
N PHE C 267 -13.12 -34.50 5.47
CA PHE C 267 -13.99 -35.65 5.26
C PHE C 267 -13.73 -36.79 6.26
N TYR C 268 -12.63 -36.75 7.02
CA TYR C 268 -12.39 -37.69 8.10
C TYR C 268 -12.89 -37.18 9.45
N LEU C 269 -13.40 -35.95 9.51
CA LEU C 269 -13.94 -35.39 10.74
C LEU C 269 -15.33 -35.93 10.99
N PRO C 270 -15.64 -36.49 12.16
CA PRO C 270 -16.98 -37.06 12.37
C PRO C 270 -18.04 -35.98 12.33
N PRO C 271 -19.26 -36.29 11.84
CA PRO C 271 -20.32 -35.27 11.90
C PRO C 271 -20.67 -34.81 13.30
N ASP C 272 -20.60 -35.69 14.30
CA ASP C 272 -21.03 -35.35 15.64
C ASP C 272 -20.10 -34.34 16.31
N ALA C 273 -18.88 -34.17 15.82
CA ALA C 273 -18.00 -33.16 16.36
C ALA C 273 -18.53 -31.74 16.13
N GLY C 274 -19.29 -31.54 15.07
CA GLY C 274 -19.82 -30.21 14.78
C GLY C 274 -18.75 -29.20 14.42
N GLU C 275 -17.78 -29.62 13.59
CA GLU C 275 -16.65 -28.76 13.23
C GLU C 275 -16.27 -28.83 11.75
N LYS C 276 -17.03 -29.55 10.92
CA LYS C 276 -16.70 -29.64 9.50
C LYS C 276 -16.81 -28.28 8.82
N MET C 277 -17.91 -27.56 9.09
CA MET C 277 -18.11 -26.26 8.46
C MET C 277 -17.03 -25.28 8.85
N GLY C 278 -16.69 -25.22 10.13
CA GLY C 278 -15.64 -24.32 10.58
C GLY C 278 -14.31 -24.59 9.90
N LEU C 279 -13.91 -25.87 9.85
CA LEU C 279 -12.63 -26.23 9.24
C LEU C 279 -12.60 -25.88 7.75
N SER C 280 -13.61 -26.32 6.99
CA SER C 280 -13.61 -26.09 5.55
C SER C 280 -13.69 -24.59 5.24
N ILE C 281 -14.55 -23.86 5.96
CA ILE C 281 -14.73 -22.45 5.67
C ILE C 281 -13.48 -21.67 6.03
N PHE C 282 -12.84 -21.99 7.16
CA PHE C 282 -11.61 -21.29 7.49
C PHE C 282 -10.48 -21.65 6.53
N ALA C 283 -10.47 -22.87 5.98
CA ALA C 283 -9.53 -23.18 4.92
C ALA C 283 -9.74 -22.29 3.70
N LEU C 284 -11.00 -22.11 3.29
CA LEU C 284 -11.30 -21.22 2.16
C LEU C 284 -10.90 -19.77 2.47
N LEU C 285 -11.15 -19.30 3.68
CA LEU C 285 -10.76 -17.94 4.06
C LEU C 285 -9.24 -17.76 4.08
N THR C 286 -8.50 -18.77 4.56
CA THR C 286 -7.04 -18.67 4.54
C THR C 286 -6.53 -18.66 3.11
N LEU C 287 -7.15 -19.44 2.23
CA LEU C 287 -6.81 -19.38 0.81
C LEU C 287 -7.09 -17.99 0.25
N THR C 288 -8.16 -17.34 0.70
CA THR C 288 -8.40 -15.96 0.30
C THR C 288 -7.30 -15.02 0.79
N VAL C 289 -6.81 -15.25 2.01
CA VAL C 289 -5.69 -14.46 2.51
C VAL C 289 -4.47 -14.62 1.61
N PHE C 290 -4.19 -15.85 1.17
CA PHE C 290 -3.03 -16.05 0.30
C PHE C 290 -3.26 -15.51 -1.10
N LEU C 291 -4.52 -15.48 -1.56
CA LEU C 291 -4.82 -14.78 -2.80
C LEU C 291 -4.56 -13.28 -2.65
N LEU C 292 -4.88 -12.72 -1.48
CA LEU C 292 -4.55 -11.32 -1.23
C LEU C 292 -3.04 -11.12 -1.25
N LEU C 293 -2.29 -12.08 -0.72
CA LEU C 293 -0.83 -12.03 -0.82
C LEU C 293 -0.39 -11.98 -2.28
N LEU C 294 -0.94 -12.87 -3.11
CA LEU C 294 -0.55 -12.91 -4.52
C LEU C 294 -0.99 -11.66 -5.27
N ALA C 295 -2.05 -10.99 -4.82
CA ALA C 295 -2.58 -9.85 -5.55
C ALA C 295 -1.58 -8.71 -5.71
N ASP C 296 -0.58 -8.62 -4.82
CA ASP C 296 0.44 -7.59 -4.89
C ASP C 296 1.59 -7.95 -5.84
N LYS C 297 1.66 -9.21 -6.29
CA LYS C 297 2.82 -9.71 -7.03
C LYS C 297 2.54 -10.05 -8.48
N VAL C 298 1.36 -10.56 -8.80
CA VAL C 298 1.07 -11.09 -10.14
C VAL C 298 0.96 -9.96 -11.16
N PRO C 299 1.17 -10.22 -12.45
CA PRO C 299 0.86 -9.21 -13.47
C PRO C 299 -0.64 -8.97 -13.56
N GLU C 300 -0.99 -7.86 -14.22
CA GLU C 300 -2.38 -7.39 -14.30
C GLU C 300 -2.95 -7.48 -15.71
N THR C 301 -2.26 -8.11 -16.65
CA THR C 301 -2.77 -8.21 -18.00
C THR C 301 -3.85 -9.29 -18.10
N SER C 302 -4.49 -9.36 -19.27
CA SER C 302 -5.64 -10.24 -19.50
C SER C 302 -5.47 -11.14 -20.71
N LEU C 303 -4.25 -11.29 -21.22
CA LEU C 303 -4.02 -12.19 -22.36
C LEU C 303 -4.05 -13.65 -21.93
N SER C 304 -3.70 -13.94 -20.68
CA SER C 304 -3.75 -15.29 -20.14
C SER C 304 -3.75 -15.20 -18.62
N VAL C 305 -3.85 -16.34 -17.96
CA VAL C 305 -3.94 -16.45 -16.51
C VAL C 305 -2.65 -17.10 -16.02
N PRO C 306 -1.98 -16.57 -14.99
CA PRO C 306 -0.80 -17.26 -14.47
C PRO C 306 -1.12 -18.64 -13.92
N ILE C 307 -0.14 -19.55 -14.05
CA ILE C 307 -0.34 -20.93 -13.60
C ILE C 307 -0.54 -20.98 -12.09
N ILE C 308 0.12 -20.07 -11.35
CA ILE C 308 -0.09 -20.03 -9.90
C ILE C 308 -1.50 -19.55 -9.58
N ILE C 309 -2.02 -18.61 -10.36
CA ILE C 309 -3.40 -18.18 -10.17
C ILE C 309 -4.36 -19.31 -10.55
N LYS C 310 -4.02 -20.07 -11.59
CA LYS C 310 -4.83 -21.24 -11.93
C LYS C 310 -4.83 -22.26 -10.79
N TYR C 311 -3.68 -22.48 -10.17
CA TYR C 311 -3.60 -23.40 -9.03
C TYR C 311 -4.40 -22.87 -7.84
N LEU C 312 -4.33 -21.57 -7.59
CA LEU C 312 -5.10 -20.97 -6.50
C LEU C 312 -6.60 -21.14 -6.74
N MET C 313 -7.05 -20.89 -7.98
CA MET C 313 -8.47 -21.05 -8.29
C MET C 313 -8.90 -22.51 -8.22
N PHE C 314 -8.04 -23.42 -8.68
CA PHE C 314 -8.32 -24.85 -8.52
C PHE C 314 -8.49 -25.22 -7.06
N THR C 315 -7.59 -24.71 -6.21
CA THR C 315 -7.69 -24.99 -4.78
C THR C 315 -8.95 -24.39 -4.18
N MET C 316 -9.30 -23.16 -4.57
CA MET C 316 -10.48 -22.51 -4.02
C MET C 316 -11.74 -23.29 -4.41
N VAL C 317 -11.81 -23.74 -5.66
CA VAL C 317 -12.94 -24.54 -6.11
C VAL C 317 -12.98 -25.86 -5.35
N LEU C 318 -11.82 -26.46 -5.08
CA LEU C 318 -11.79 -27.73 -4.36
C LEU C 318 -12.32 -27.56 -2.93
N VAL C 319 -11.89 -26.50 -2.24
CA VAL C 319 -12.39 -26.26 -0.89
C VAL C 319 -13.86 -25.89 -0.90
N THR C 320 -14.32 -25.15 -1.91
CA THR C 320 -15.75 -24.84 -2.00
C THR C 320 -16.57 -26.11 -2.19
N PHE C 321 -16.09 -27.03 -3.02
CA PHE C 321 -16.79 -28.30 -3.18
C PHE C 321 -16.71 -29.13 -1.92
N SER C 322 -15.62 -29.02 -1.17
CA SER C 322 -15.55 -29.68 0.14
C SER C 322 -16.62 -29.13 1.08
N VAL C 323 -16.83 -27.82 1.06
CA VAL C 323 -17.90 -27.21 1.86
C VAL C 323 -19.25 -27.78 1.44
N ILE C 324 -19.49 -27.83 0.13
CA ILE C 324 -20.78 -28.31 -0.40
C ILE C 324 -21.03 -29.75 0.05
N LEU C 325 -20.02 -30.60 -0.11
CA LEU C 325 -20.19 -32.01 0.19
C LEU C 325 -20.26 -32.25 1.69
N SER C 326 -19.57 -31.44 2.50
CA SER C 326 -19.72 -31.53 3.94
C SER C 326 -21.13 -31.15 4.37
N VAL C 327 -21.73 -30.15 3.73
CA VAL C 327 -23.13 -29.83 4.00
C VAL C 327 -24.02 -31.02 3.66
N VAL C 328 -23.76 -31.67 2.53
CA VAL C 328 -24.57 -32.84 2.15
C VAL C 328 -24.42 -33.96 3.17
N VAL C 329 -23.19 -34.22 3.62
CA VAL C 329 -22.95 -35.28 4.59
C VAL C 329 -23.65 -34.95 5.91
N LEU C 330 -23.57 -33.70 6.36
CA LEU C 330 -24.25 -33.31 7.58
C LEU C 330 -25.76 -33.45 7.46
N ASN C 331 -26.31 -33.15 6.28
CA ASN C 331 -27.74 -33.33 6.06
C ASN C 331 -28.12 -34.81 6.17
N LEU C 332 -27.31 -35.69 5.57
CA LEU C 332 -27.61 -37.12 5.67
C LEU C 332 -27.48 -37.62 7.10
N HIS C 333 -26.45 -37.16 7.83
CA HIS C 333 -26.20 -37.69 9.17
C HIS C 333 -27.31 -37.32 10.14
N HIS C 334 -27.80 -36.08 10.06
CA HIS C 334 -28.80 -35.58 10.99
C HIS C 334 -30.23 -35.89 10.57
N ARG C 335 -30.41 -36.67 9.50
CA ARG C 335 -31.73 -36.96 8.95
C ARG C 335 -32.62 -37.66 9.98
N SER C 336 -33.73 -37.02 10.35
CA SER C 336 -34.59 -37.54 11.39
C SER C 336 -35.21 -38.88 10.93
N PRO C 337 -35.24 -39.91 11.78
CA PRO C 337 -35.67 -41.23 11.25
C PRO C 337 -37.15 -41.34 10.95
N HIS C 338 -38.01 -40.70 11.74
CA HIS C 338 -39.45 -40.85 11.50
C HIS C 338 -39.94 -39.92 10.40
N THR C 339 -39.36 -38.73 10.30
CA THR C 339 -39.77 -37.78 9.28
C THR C 339 -39.34 -38.20 7.88
N HIS C 340 -38.28 -39.01 7.78
CA HIS C 340 -37.77 -39.49 6.50
C HIS C 340 -37.81 -41.01 6.45
N GLN C 341 -38.20 -41.54 5.30
CA GLN C 341 -38.11 -42.96 5.00
C GLN C 341 -37.04 -43.16 3.95
N MET C 342 -36.05 -44.00 4.28
CA MET C 342 -34.91 -44.17 3.40
C MET C 342 -35.34 -44.87 2.12
N PRO C 343 -35.07 -44.32 0.94
CA PRO C 343 -35.39 -45.04 -0.29
C PRO C 343 -34.65 -46.37 -0.36
N LEU C 344 -35.32 -47.37 -0.92
CA LEU C 344 -34.73 -48.71 -1.02
C LEU C 344 -33.46 -48.69 -1.87
N TRP C 345 -33.42 -47.85 -2.90
CA TRP C 345 -32.21 -47.73 -3.70
C TRP C 345 -31.06 -47.16 -2.90
N VAL C 346 -31.34 -46.23 -1.98
CA VAL C 346 -30.28 -45.72 -1.13
C VAL C 346 -29.76 -46.85 -0.24
N ARG C 347 -30.66 -47.69 0.29
CA ARG C 347 -30.23 -48.84 1.08
C ARG C 347 -29.29 -49.74 0.30
N GLN C 348 -29.72 -50.19 -0.90
CA GLN C 348 -28.86 -51.08 -1.67
C GLN C 348 -27.53 -50.44 -2.02
N ILE C 349 -27.54 -49.18 -2.49
CA ILE C 349 -26.28 -48.59 -2.94
C ILE C 349 -25.34 -48.32 -1.77
N PHE C 350 -25.82 -47.61 -0.75
CA PHE C 350 -24.95 -47.04 0.28
C PHE C 350 -24.82 -47.91 1.53
N ILE C 351 -25.48 -49.07 1.60
CA ILE C 351 -25.33 -49.97 2.73
C ILE C 351 -24.84 -51.36 2.34
N HIS C 352 -25.07 -51.81 1.10
CA HIS C 352 -24.71 -53.15 0.67
C HIS C 352 -23.55 -53.19 -0.31
N LYS C 353 -23.59 -52.39 -1.38
CA LYS C 353 -22.56 -52.48 -2.41
C LYS C 353 -21.35 -51.60 -2.10
N LEU C 354 -21.58 -50.30 -1.91
CA LEU C 354 -20.45 -49.38 -1.73
C LEU C 354 -19.55 -49.69 -0.55
N PRO C 355 -20.05 -50.07 0.63
CA PRO C 355 -19.13 -50.37 1.73
C PRO C 355 -18.14 -51.48 1.42
N LEU C 356 -18.50 -52.44 0.57
CA LEU C 356 -17.55 -53.47 0.17
C LEU C 356 -16.39 -52.89 -0.60
N TYR C 357 -16.67 -51.97 -1.52
CA TYR C 357 -15.60 -51.37 -2.34
C TYR C 357 -14.71 -50.47 -1.50
N LEU C 358 -15.28 -49.75 -0.55
CA LEU C 358 -14.54 -48.81 0.27
C LEU C 358 -13.89 -49.46 1.49
N ARG C 359 -13.99 -50.78 1.63
CA ARG C 359 -13.46 -51.51 2.79
C ARG C 359 -14.07 -50.95 4.09
N LEU C 360 -15.38 -50.66 4.04
CA LEU C 360 -16.14 -50.27 5.22
C LEU C 360 -16.99 -51.46 5.63
N LYS C 361 -16.69 -52.03 6.80
CA LYS C 361 -17.41 -53.16 7.35
C LYS C 361 -18.27 -52.68 8.51
N ARG C 362 -19.58 -52.73 8.34
CA ARG C 362 -20.50 -52.42 9.42
C ARG C 362 -20.38 -53.48 10.51
N PRO C 363 -20.16 -53.11 11.78
CA PRO C 363 -20.21 -54.13 12.83
C PRO C 363 -21.61 -54.75 12.92
N LYS C 364 -21.66 -56.06 13.13
CA LYS C 364 -22.91 -56.80 13.18
C LYS C 364 -23.72 -56.60 11.91
N LEU C 430 -58.97 -56.93 40.67
CA LEU C 430 -57.54 -56.68 40.89
C LEU C 430 -57.07 -55.46 40.09
N PRO C 431 -57.60 -54.28 40.42
CA PRO C 431 -57.20 -53.08 39.66
C PRO C 431 -55.72 -52.77 39.76
N GLU C 432 -55.09 -53.07 40.91
CA GLU C 432 -53.68 -52.74 41.09
C GLU C 432 -52.79 -53.55 40.15
N LEU C 433 -53.01 -54.86 40.09
CA LEU C 433 -52.19 -55.70 39.22
C LEU C 433 -52.39 -55.35 37.75
N ARG C 434 -53.63 -55.07 37.34
CA ARG C 434 -53.88 -54.69 35.95
C ARG C 434 -53.24 -53.34 35.61
N GLU C 435 -53.33 -52.37 36.52
CA GLU C 435 -52.69 -51.09 36.33
C GLU C 435 -51.17 -51.19 36.31
N VAL C 436 -50.60 -52.17 36.99
CA VAL C 436 -49.16 -52.40 36.93
C VAL C 436 -48.75 -53.07 35.63
N VAL C 437 -49.53 -54.08 35.21
CA VAL C 437 -49.23 -54.79 33.97
C VAL C 437 -49.32 -53.85 32.77
N SER C 438 -50.35 -53.00 32.75
CA SER C 438 -50.49 -52.05 31.65
C SER C 438 -49.31 -51.08 31.60
N SER C 439 -48.87 -50.59 32.76
CA SER C 439 -47.75 -49.66 32.79
C SER C 439 -46.46 -50.33 32.32
N ILE C 440 -46.22 -51.57 32.77
CA ILE C 440 -45.01 -52.28 32.36
C ILE C 440 -45.02 -52.54 30.86
N SER C 441 -46.17 -52.97 30.32
CA SER C 441 -46.29 -53.21 28.90
C SER C 441 -46.11 -51.94 28.09
N TYR C 442 -46.65 -50.81 28.58
CA TYR C 442 -46.46 -49.55 27.89
C TYR C 442 -44.99 -49.14 27.87
N ILE C 443 -44.29 -49.32 28.99
CA ILE C 443 -42.87 -48.95 29.02
C ILE C 443 -42.09 -49.82 28.03
N ALA C 444 -42.39 -51.12 28.00
CA ALA C 444 -41.69 -52.01 27.07
C ALA C 444 -41.99 -51.63 25.62
N ARG C 445 -43.25 -51.29 25.32
CA ARG C 445 -43.60 -50.88 23.97
C ARG C 445 -42.88 -49.60 23.56
N GLN C 446 -42.82 -48.63 24.46
CA GLN C 446 -42.09 -47.39 24.18
C GLN C 446 -40.61 -47.65 23.94
N LEU C 447 -39.98 -48.52 24.74
CA LEU C 447 -38.58 -48.84 24.49
C LEU C 447 -38.35 -49.61 23.20
N GLN C 448 -39.28 -50.48 22.80
CA GLN C 448 -39.16 -51.14 21.50
C GLN C 448 -39.27 -50.13 20.37
N GLU C 449 -40.19 -49.17 20.50
CA GLU C 449 -40.29 -48.09 19.53
C GLU C 449 -39.00 -47.29 19.47
N GLN C 450 -38.40 -47.01 20.63
CA GLN C 450 -37.12 -46.30 20.67
C GLN C 450 -36.03 -47.10 19.98
N GLU C 451 -36.03 -48.41 20.16
CA GLU C 451 -35.05 -49.26 19.49
C GLU C 451 -35.19 -49.19 17.99
N ASP C 452 -36.43 -49.25 17.48
CA ASP C 452 -36.63 -49.14 16.04
C ASP C 452 -36.19 -47.78 15.51
N HIS C 453 -36.54 -46.72 16.24
CA HIS C 453 -36.16 -45.36 15.84
C HIS C 453 -34.63 -45.21 15.83
N ASP C 454 -33.95 -45.76 16.84
CA ASP C 454 -32.50 -45.73 16.90
C ASP C 454 -31.87 -46.54 15.77
N ALA C 455 -32.46 -47.67 15.40
CA ALA C 455 -31.93 -48.45 14.27
C ALA C 455 -32.01 -47.65 12.98
N LEU C 456 -33.14 -46.97 12.74
CA LEU C 456 -33.23 -46.14 11.53
C LEU C 456 -32.25 -44.97 11.58
N LYS C 457 -32.09 -44.36 12.77
CA LYS C 457 -31.11 -43.28 12.91
C LYS C 457 -29.71 -43.77 12.58
N GLU C 458 -29.33 -44.93 13.12
CA GLU C 458 -28.01 -45.49 12.86
C GLU C 458 -27.84 -45.84 11.40
N ASP C 459 -28.91 -46.28 10.73
CA ASP C 459 -28.81 -46.57 9.31
C ASP C 459 -28.53 -45.31 8.50
N TRP C 460 -29.26 -44.21 8.80
CA TRP C 460 -28.96 -42.94 8.13
C TRP C 460 -27.53 -42.48 8.41
N GLN C 461 -27.08 -42.64 9.65
CA GLN C 461 -25.74 -42.20 10.00
C GLN C 461 -24.67 -43.05 9.32
N PHE C 462 -24.93 -44.34 9.13
CA PHE C 462 -24.01 -45.19 8.39
C PHE C 462 -23.95 -44.77 6.92
N VAL C 463 -25.10 -44.40 6.34
CA VAL C 463 -25.08 -43.88 4.98
C VAL C 463 -24.24 -42.61 4.91
N ALA C 464 -24.37 -41.74 5.92
CA ALA C 464 -23.56 -40.53 5.95
C ALA C 464 -22.07 -40.85 6.03
N MET C 465 -21.72 -41.83 6.87
CA MET C 465 -20.31 -42.25 7.00
C MET C 465 -19.77 -42.80 5.69
N VAL C 466 -20.56 -43.63 5.00
CA VAL C 466 -20.11 -44.21 3.74
C VAL C 466 -19.92 -43.13 2.68
N VAL C 467 -20.86 -42.18 2.61
CA VAL C 467 -20.73 -41.09 1.65
C VAL C 467 -19.52 -40.23 1.99
N ASP C 468 -19.24 -40.03 3.28
CA ASP C 468 -18.06 -39.26 3.67
C ASP C 468 -16.78 -39.95 3.25
N ARG C 469 -16.70 -41.27 3.43
CA ARG C 469 -15.49 -41.99 3.01
C ARG C 469 -15.33 -41.95 1.49
N LEU C 470 -16.44 -42.11 0.76
CA LEU C 470 -16.39 -42.01 -0.69
C LEU C 470 -15.86 -40.66 -1.14
N PHE C 471 -16.38 -39.59 -0.54
CA PHE C 471 -15.89 -38.25 -0.86
C PHE C 471 -14.45 -38.04 -0.43
N LEU C 472 -14.02 -38.65 0.67
CA LEU C 472 -12.61 -38.55 1.07
C LEU C 472 -11.70 -39.13 0.01
N TRP C 473 -12.02 -40.34 -0.47
CA TRP C 473 -11.19 -40.97 -1.49
C TRP C 473 -11.26 -40.18 -2.81
N THR C 474 -12.45 -39.72 -3.18
CA THR C 474 -12.59 -38.93 -4.41
C THR C 474 -11.77 -37.65 -4.34
N PHE C 475 -11.80 -36.97 -3.18
CA PHE C 475 -11.05 -35.73 -3.04
C PHE C 475 -9.55 -36.01 -3.06
N ILE C 476 -9.11 -37.11 -2.44
CA ILE C 476 -7.70 -37.47 -2.49
C ILE C 476 -7.26 -37.66 -3.94
N ILE C 477 -8.05 -38.41 -4.71
CA ILE C 477 -7.67 -38.69 -6.09
C ILE C 477 -7.64 -37.39 -6.91
N PHE C 478 -8.72 -36.60 -6.82
CA PHE C 478 -8.81 -35.38 -7.63
C PHE C 478 -7.71 -34.39 -7.25
N THR C 479 -7.49 -34.18 -5.95
CA THR C 479 -6.43 -33.29 -5.51
C THR C 479 -5.07 -33.74 -6.02
N SER C 480 -4.75 -35.02 -5.84
CA SER C 480 -3.44 -35.50 -6.26
C SER C 480 -3.26 -35.35 -7.75
N VAL C 481 -4.27 -35.74 -8.54
CA VAL C 481 -4.13 -35.70 -9.99
C VAL C 481 -4.02 -34.26 -10.50
N GLY C 482 -4.89 -33.35 -10.03
CA GLY C 482 -4.82 -31.98 -10.47
C GLY C 482 -3.55 -31.28 -10.05
N THR C 483 -3.13 -31.47 -8.79
CA THR C 483 -1.89 -30.88 -8.33
C THR C 483 -0.70 -31.41 -9.11
N LEU C 484 -0.67 -32.73 -9.38
CA LEU C 484 0.42 -33.29 -10.15
C LEU C 484 0.45 -32.73 -11.57
N VAL C 485 -0.71 -32.58 -12.19
CA VAL C 485 -0.77 -32.06 -13.55
C VAL C 485 -0.25 -30.62 -13.59
N ILE C 486 -0.73 -29.78 -12.67
CA ILE C 486 -0.30 -28.38 -12.67
C ILE C 486 1.19 -28.27 -12.34
N PHE C 487 1.67 -29.08 -11.38
CA PHE C 487 3.07 -29.02 -11.01
C PHE C 487 3.98 -29.49 -12.14
N LEU C 488 3.55 -30.52 -12.87
CA LEU C 488 4.36 -31.00 -14.00
C LEU C 488 4.35 -30.00 -15.13
N ASP C 489 3.21 -29.32 -15.34
CA ASP C 489 3.18 -28.24 -16.33
C ASP C 489 4.14 -27.12 -15.94
N ALA C 490 4.18 -26.77 -14.65
CA ALA C 490 5.06 -25.70 -14.21
C ALA C 490 6.53 -26.11 -14.33
N THR C 491 6.86 -27.32 -13.90
CA THR C 491 8.27 -27.72 -13.80
C THR C 491 8.89 -27.96 -15.16
N TYR C 492 8.13 -28.49 -16.12
CA TYR C 492 8.65 -28.77 -17.45
C TYR C 492 8.73 -27.55 -18.34
N HIS C 493 8.25 -26.39 -17.88
CA HIS C 493 8.45 -25.14 -18.61
C HIS C 493 9.89 -24.70 -18.40
N LEU C 494 10.70 -24.76 -19.46
CA LEU C 494 12.14 -24.51 -19.43
C LEU C 494 12.48 -23.33 -20.33
N PRO C 495 13.56 -22.60 -20.07
CA PRO C 495 13.93 -21.49 -20.94
C PRO C 495 14.41 -22.01 -22.29
N PRO C 496 14.41 -21.16 -23.33
CA PRO C 496 14.80 -21.65 -24.65
C PRO C 496 16.27 -22.05 -24.68
N PRO C 497 16.64 -23.09 -25.43
CA PRO C 497 18.08 -23.37 -25.60
C PRO C 497 18.76 -22.45 -26.60
N ASP C 498 18.00 -21.83 -27.51
CA ASP C 498 18.49 -20.94 -28.55
C ASP C 498 17.77 -19.60 -28.44
N PRO C 499 18.48 -18.46 -28.49
CA PRO C 499 17.77 -17.17 -28.36
C PRO C 499 16.74 -16.91 -29.45
N PHE C 500 16.90 -17.49 -30.63
CA PHE C 500 16.04 -17.23 -31.79
C PHE C 500 15.52 -18.57 -32.33
N PRO C 501 14.54 -19.18 -31.66
CA PRO C 501 14.04 -20.48 -32.11
C PRO C 501 13.38 -20.38 -33.48
N SER C 502 13.48 -21.48 -34.25
CA SER C 502 12.86 -21.54 -35.56
C SER C 502 11.40 -21.97 -35.41
N ARG C 503 10.49 -21.11 -35.86
CA ARG C 503 9.07 -21.41 -35.79
C ARG C 503 8.37 -21.09 -37.10
N LEU D 22 36.55 43.98 -0.99
CA LEU D 22 37.35 42.89 -1.61
C LEU D 22 38.03 43.40 -2.88
N ASN D 23 38.72 44.54 -2.78
CA ASN D 23 39.53 44.99 -3.90
C ASN D 23 40.64 43.99 -4.19
N GLU D 24 41.26 43.44 -3.14
CA GLU D 24 42.43 42.61 -3.31
C GLU D 24 42.10 41.29 -3.99
N GLU D 25 41.06 40.56 -3.56
CA GLU D 25 40.84 39.28 -4.23
C GLU D 25 40.09 39.44 -5.55
N GLU D 26 39.43 40.57 -5.76
CA GLU D 26 38.98 40.89 -7.12
C GLU D 26 40.19 41.01 -8.04
N ARG D 27 41.22 41.72 -7.57
CA ARG D 27 42.47 41.79 -8.32
C ARG D 27 43.09 40.42 -8.51
N LEU D 28 43.04 39.59 -7.46
CA LEU D 28 43.66 38.27 -7.55
C LEU D 28 42.92 37.36 -8.54
N ILE D 29 41.58 37.37 -8.51
CA ILE D 29 40.82 36.57 -9.45
C ILE D 29 41.06 37.05 -10.87
N ARG D 30 41.07 38.37 -11.07
CA ARG D 30 41.36 38.91 -12.40
C ARG D 30 42.77 38.54 -12.85
N HIS D 31 43.72 38.43 -11.92
CA HIS D 31 45.07 38.03 -12.28
C HIS D 31 45.14 36.55 -12.61
N LEU D 32 44.42 35.72 -11.85
CA LEU D 32 44.52 34.27 -12.04
C LEU D 32 43.81 33.81 -13.31
N PHE D 33 42.63 34.36 -13.59
CA PHE D 33 41.77 33.80 -14.63
C PHE D 33 41.79 34.58 -15.94
N GLN D 34 41.94 35.91 -15.89
CA GLN D 34 41.97 36.73 -17.10
C GLN D 34 43.38 36.99 -17.60
N GLU D 35 44.30 37.36 -16.71
CA GLU D 35 45.67 37.65 -17.14
C GLU D 35 46.38 36.38 -17.58
N LYS D 36 46.32 35.32 -16.78
CA LYS D 36 47.02 34.08 -17.07
C LYS D 36 46.27 33.16 -18.02
N GLY D 37 45.04 33.49 -18.39
CA GLY D 37 44.30 32.71 -19.37
C GLY D 37 44.01 31.29 -18.92
N TYR D 38 43.52 31.13 -17.69
CA TYR D 38 43.22 29.81 -17.16
C TYR D 38 42.16 29.12 -18.01
N ASN D 39 42.40 27.86 -18.35
CA ASN D 39 41.50 27.03 -19.13
C ASN D 39 41.09 25.84 -18.27
N LYS D 40 39.82 25.80 -17.85
CA LYS D 40 39.35 24.75 -16.97
C LYS D 40 39.19 23.40 -17.67
N GLU D 41 39.24 23.36 -19.01
CA GLU D 41 39.12 22.10 -19.73
C GLU D 41 40.43 21.33 -19.78
N LEU D 42 41.56 22.01 -19.61
CA LEU D 42 42.86 21.35 -19.59
C LEU D 42 43.18 20.91 -18.16
N ARG D 43 43.77 19.71 -18.04
CA ARG D 43 44.12 19.21 -16.72
C ARG D 43 45.30 20.03 -16.16
N PRO D 44 45.45 20.08 -14.83
CA PRO D 44 46.63 20.75 -14.26
C PRO D 44 47.87 19.88 -14.31
N VAL D 45 48.53 19.83 -15.48
CA VAL D 45 49.73 19.03 -15.67
C VAL D 45 50.65 19.78 -16.62
N ALA D 46 51.96 19.63 -16.40
CA ALA D 46 52.94 20.23 -17.30
C ALA D 46 52.99 19.49 -18.62
N HIS D 47 52.90 18.16 -18.58
CA HIS D 47 52.94 17.30 -19.76
C HIS D 47 51.73 16.39 -19.77
N LYS D 48 51.29 16.04 -20.99
CA LYS D 48 50.08 15.22 -21.14
C LYS D 48 50.26 13.84 -20.51
N GLU D 49 51.48 13.32 -20.48
CA GLU D 49 51.74 12.00 -19.91
C GLU D 49 51.61 11.99 -18.39
N GLU D 50 51.68 13.15 -17.73
CA GLU D 50 51.58 13.20 -16.28
C GLU D 50 50.14 12.96 -15.83
N SER D 51 50.00 12.56 -14.56
CA SER D 51 48.72 12.30 -13.93
C SER D 51 48.51 13.25 -12.77
N VAL D 52 47.25 13.59 -12.52
CA VAL D 52 46.87 14.48 -11.43
C VAL D 52 46.48 13.63 -10.23
N ASP D 53 47.15 13.84 -9.11
CA ASP D 53 46.81 13.14 -7.88
C ASP D 53 45.58 13.78 -7.25
N VAL D 54 44.54 12.98 -7.05
CA VAL D 54 43.29 13.42 -6.44
C VAL D 54 43.10 12.61 -5.17
N ALA D 55 43.17 13.27 -4.03
CA ALA D 55 42.91 12.64 -2.74
C ALA D 55 41.43 12.74 -2.42
N LEU D 56 40.85 11.62 -1.96
CA LEU D 56 39.42 11.53 -1.68
C LEU D 56 39.19 11.05 -0.26
N ALA D 57 38.17 11.62 0.37
CA ALA D 57 37.68 11.15 1.67
C ALA D 57 36.17 11.27 1.68
N LEU D 58 35.53 10.50 2.57
CA LEU D 58 34.09 10.50 2.74
C LEU D 58 33.77 10.72 4.21
N THR D 59 32.88 11.69 4.49
CA THR D 59 32.38 11.94 5.82
C THR D 59 30.90 11.63 5.84
N LEU D 60 30.49 10.68 6.68
CA LEU D 60 29.09 10.26 6.76
C LEU D 60 28.38 11.14 7.79
N SER D 61 27.43 11.96 7.32
CA SER D 61 26.64 12.79 8.21
C SER D 61 25.41 12.04 8.73
N ASN D 62 24.81 11.20 7.89
CA ASN D 62 23.61 10.47 8.29
C ASN D 62 23.41 9.29 7.34
N LEU D 63 23.27 8.09 7.91
CA LEU D 63 22.77 6.94 7.16
C LEU D 63 21.26 7.07 7.14
N ILE D 64 20.72 7.61 6.05
CA ILE D 64 19.30 7.95 6.02
C ILE D 64 18.45 6.70 6.06
N SER D 65 18.74 5.71 5.21
CA SER D 65 17.91 4.51 5.24
C SER D 65 18.58 3.37 4.48
N LEU D 66 18.14 2.16 4.77
CA LEU D 66 18.40 0.97 3.97
C LEU D 66 17.05 0.35 3.64
N LYS D 67 16.60 0.51 2.41
CA LYS D 67 15.35 -0.08 1.92
C LYS D 67 15.67 -1.50 1.45
N GLU D 68 15.16 -2.49 2.19
CA GLU D 68 15.48 -3.88 1.89
C GLU D 68 14.78 -4.36 0.63
N VAL D 69 13.51 -3.98 0.45
CA VAL D 69 12.75 -4.45 -0.70
C VAL D 69 13.37 -3.93 -1.99
N GLU D 70 13.75 -2.65 -2.01
CA GLU D 70 14.42 -2.07 -3.16
C GLU D 70 15.92 -2.32 -3.16
N GLU D 71 16.48 -2.81 -2.05
CA GLU D 71 17.92 -3.07 -1.93
C GLU D 71 18.72 -1.81 -2.23
N THR D 72 18.35 -0.73 -1.54
CA THR D 72 18.93 0.59 -1.77
C THR D 72 19.38 1.19 -0.44
N LEU D 73 20.55 1.84 -0.48
CA LEU D 73 21.07 2.56 0.68
C LEU D 73 21.05 4.05 0.37
N THR D 74 20.38 4.82 1.22
CA THR D 74 20.35 6.27 1.12
C THR D 74 21.22 6.86 2.24
N THR D 75 22.24 7.62 1.84
CA THR D 75 23.17 8.26 2.77
C THR D 75 23.29 9.74 2.49
N ASN D 76 23.52 10.50 3.56
CA ASN D 76 23.94 11.90 3.49
C ASN D 76 25.43 11.94 3.80
N VAL D 77 26.22 12.43 2.84
CA VAL D 77 27.68 12.39 2.95
C VAL D 77 28.26 13.72 2.49
N TRP D 78 29.50 13.97 2.91
CA TRP D 78 30.33 15.05 2.40
C TRP D 78 31.54 14.42 1.74
N ILE D 79 31.74 14.70 0.46
CA ILE D 79 32.84 14.10 -0.30
C ILE D 79 33.98 15.11 -0.34
N GLU D 80 35.08 14.80 0.33
CA GLU D 80 36.25 15.66 0.33
C GLU D 80 37.13 15.30 -0.86
N HIS D 81 37.37 16.27 -1.74
CA HIS D 81 38.29 16.18 -2.85
C HIS D 81 39.44 17.14 -2.61
N GLY D 82 40.66 16.69 -2.87
CA GLY D 82 41.83 17.53 -2.77
C GLY D 82 42.79 17.29 -3.90
N TRP D 83 43.21 18.34 -4.60
CA TRP D 83 44.22 18.20 -5.64
C TRP D 83 45.04 19.48 -5.73
N THR D 84 46.01 19.48 -6.63
CA THR D 84 46.90 20.62 -6.85
C THR D 84 46.69 21.16 -8.26
N ASP D 85 46.57 22.48 -8.36
CA ASP D 85 46.49 23.19 -9.64
C ASP D 85 47.51 24.31 -9.57
N ASN D 86 48.70 24.08 -10.14
CA ASN D 86 49.78 25.05 -10.05
C ASN D 86 49.50 26.32 -10.83
N ARG D 87 48.51 26.32 -11.73
CA ARG D 87 48.10 27.56 -12.39
C ARG D 87 47.39 28.52 -11.46
N LEU D 88 46.95 28.06 -10.27
CA LEU D 88 46.22 28.87 -9.31
C LEU D 88 47.05 29.19 -8.08
N LYS D 89 48.35 29.41 -8.25
CA LYS D 89 49.23 29.84 -7.17
C LYS D 89 49.46 31.34 -7.25
N TRP D 90 49.68 31.95 -6.09
CA TRP D 90 50.00 33.36 -6.01
C TRP D 90 50.80 33.61 -4.73
N ASN D 91 51.49 34.74 -4.72
CA ASN D 91 52.21 35.19 -3.53
C ASN D 91 51.23 36.02 -2.70
N ALA D 92 50.93 35.55 -1.49
CA ALA D 92 49.92 36.20 -0.66
C ALA D 92 50.31 37.63 -0.31
N GLU D 93 51.61 37.90 -0.19
CA GLU D 93 52.06 39.26 0.14
C GLU D 93 51.78 40.22 -1.00
N GLU D 94 51.78 39.72 -2.24
CA GLU D 94 51.50 40.60 -3.38
C GLU D 94 50.04 41.02 -3.42
N PHE D 95 49.15 40.26 -2.77
CA PHE D 95 47.71 40.43 -2.91
C PHE D 95 47.03 40.63 -1.55
N GLY D 96 47.57 41.52 -0.73
CA GLY D 96 46.91 41.87 0.52
C GLY D 96 46.87 40.75 1.53
N ASN D 97 47.81 39.82 1.47
CA ASN D 97 47.90 38.70 2.41
C ASN D 97 46.70 37.76 2.31
N ILE D 98 46.07 37.67 1.13
CA ILE D 98 45.04 36.68 0.92
C ILE D 98 45.68 35.31 0.78
N SER D 99 45.20 34.35 1.58
CA SER D 99 45.72 32.98 1.56
C SER D 99 44.71 31.96 1.04
N VAL D 100 43.43 32.32 0.94
CA VAL D 100 42.40 31.38 0.50
C VAL D 100 41.35 32.15 -0.29
N LEU D 101 40.79 31.47 -1.28
CA LEU D 101 39.73 32.00 -2.15
C LEU D 101 38.58 31.01 -2.23
N ARG D 102 37.36 31.54 -2.25
CA ARG D 102 36.17 30.75 -2.57
C ARG D 102 35.78 31.05 -4.01
N LEU D 103 35.67 30.00 -4.83
CA LEU D 103 35.35 30.15 -6.24
C LEU D 103 34.22 29.20 -6.64
N PRO D 104 33.36 29.57 -7.59
CA PRO D 104 32.37 28.60 -8.08
C PRO D 104 33.07 27.40 -8.73
N PRO D 105 32.55 26.18 -8.56
CA PRO D 105 33.26 25.01 -9.11
C PRO D 105 33.33 25.00 -10.63
N ASP D 106 32.45 25.75 -11.32
CA ASP D 106 32.45 25.76 -12.78
C ASP D 106 33.51 26.68 -13.37
N MET D 107 34.28 27.38 -12.54
CA MET D 107 35.39 28.21 -13.03
C MET D 107 36.70 27.46 -13.13
N VAL D 108 36.87 26.35 -12.39
CA VAL D 108 38.14 25.63 -12.31
C VAL D 108 37.96 24.24 -12.89
N TRP D 109 39.09 23.66 -13.28
CA TRP D 109 39.12 22.25 -13.65
C TRP D 109 38.72 21.40 -12.45
N LEU D 110 37.97 20.33 -12.71
CA LEU D 110 37.48 19.44 -11.68
C LEU D 110 37.84 17.99 -12.04
N PRO D 111 38.07 17.11 -11.06
CA PRO D 111 38.39 15.72 -11.40
C PRO D 111 37.22 14.93 -11.94
N GLU D 112 35.98 15.39 -11.73
CA GLU D 112 34.79 14.71 -12.22
C GLU D 112 34.67 13.31 -11.62
N ILE D 113 34.61 13.27 -10.28
CA ILE D 113 34.39 12.05 -9.54
C ILE D 113 32.89 11.85 -9.36
N VAL D 114 32.44 10.60 -9.54
CA VAL D 114 31.04 10.24 -9.46
C VAL D 114 30.91 8.99 -8.60
N LEU D 115 29.68 8.71 -8.17
CA LEU D 115 29.35 7.45 -7.52
C LEU D 115 29.00 6.44 -8.60
N GLU D 116 29.88 5.46 -8.81
CA GLU D 116 29.70 4.52 -9.91
C GLU D 116 28.49 3.63 -9.68
N ASN D 117 28.29 3.16 -8.44
CA ASN D 117 27.29 2.15 -8.13
C ASN D 117 25.99 2.73 -7.60
N ASN D 118 25.60 3.92 -8.05
CA ASN D 118 24.25 4.39 -7.81
C ASN D 118 23.25 3.52 -8.57
N ASN D 119 21.99 3.54 -8.12
CA ASN D 119 20.92 2.76 -8.72
C ASN D 119 19.71 3.60 -9.10
N ASP D 120 19.87 4.93 -9.20
CA ASP D 120 18.79 5.83 -9.59
C ASP D 120 19.19 6.80 -10.69
N GLY D 121 20.42 6.72 -11.21
CA GLY D 121 20.89 7.63 -12.24
C GLY D 121 21.54 8.89 -11.73
N SER D 122 21.60 9.08 -10.41
CA SER D 122 22.25 10.26 -9.82
C SER D 122 23.72 9.91 -9.59
N PHE D 123 24.56 10.24 -10.56
CA PHE D 123 26.00 9.97 -10.47
C PHE D 123 26.75 11.04 -9.70
N GLN D 124 26.28 12.28 -9.70
CA GLN D 124 27.06 13.42 -9.25
C GLN D 124 26.63 13.87 -7.85
N ILE D 125 27.48 14.69 -7.24
CA ILE D 125 27.15 15.31 -5.96
C ILE D 125 25.90 16.18 -6.09
N SER D 126 25.18 16.33 -4.97
CA SER D 126 23.90 17.02 -5.00
C SER D 126 24.05 18.52 -5.21
N TYR D 127 24.94 19.15 -4.45
CA TYR D 127 25.08 20.60 -4.41
C TYR D 127 26.51 20.98 -4.75
N SER D 128 26.67 21.74 -5.84
CA SER D 128 27.99 22.15 -6.34
C SER D 128 28.42 23.41 -5.60
N CYS D 129 28.97 23.21 -4.41
CA CYS D 129 29.43 24.31 -3.58
C CYS D 129 30.74 24.89 -4.11
N ASN D 130 31.16 26.00 -3.52
CA ASN D 130 32.41 26.63 -3.91
C ASN D 130 33.60 25.72 -3.60
N VAL D 131 34.59 25.78 -4.48
CA VAL D 131 35.92 25.25 -4.19
C VAL D 131 36.68 26.28 -3.36
N LEU D 132 37.61 25.79 -2.54
CA LEU D 132 38.54 26.61 -1.77
C LEU D 132 39.93 26.44 -2.39
N VAL D 133 40.50 27.55 -2.84
CA VAL D 133 41.81 27.54 -3.50
C VAL D 133 42.78 28.27 -2.58
N TYR D 134 43.83 27.58 -2.15
CA TYR D 134 44.86 28.17 -1.31
C TYR D 134 46.01 28.70 -2.16
N HIS D 135 46.76 29.64 -1.59
CA HIS D 135 47.77 30.35 -2.35
C HIS D 135 48.90 29.45 -2.83
N TYR D 136 49.10 28.30 -2.20
CA TYR D 136 50.11 27.35 -2.63
C TYR D 136 49.58 26.35 -3.67
N GLY D 137 48.38 26.59 -4.21
CA GLY D 137 47.86 25.83 -5.34
C GLY D 137 46.94 24.69 -4.97
N PHE D 138 46.66 24.47 -3.70
CA PHE D 138 45.81 23.36 -3.31
C PHE D 138 44.34 23.73 -3.47
N VAL D 139 43.61 22.90 -4.21
CA VAL D 139 42.17 23.03 -4.40
C VAL D 139 41.50 21.99 -3.51
N TYR D 140 40.58 22.48 -2.69
CA TYR D 140 39.85 21.70 -1.68
C TYR D 140 38.36 21.86 -1.96
N TRP D 141 37.65 20.76 -2.14
CA TRP D 141 36.24 20.79 -2.50
C TRP D 141 35.50 19.77 -1.66
N LEU D 142 34.55 20.24 -0.84
CA LEU D 142 33.82 19.39 0.09
C LEU D 142 32.32 19.53 -0.12
N PRO D 143 31.80 19.05 -1.25
CA PRO D 143 30.36 19.16 -1.49
C PRO D 143 29.60 18.15 -0.66
N PRO D 144 28.35 18.45 -0.31
CA PRO D 144 27.47 17.43 0.27
C PRO D 144 26.73 16.67 -0.81
N ALA D 145 26.14 15.54 -0.41
CA ALA D 145 25.43 14.70 -1.36
C ALA D 145 24.46 13.79 -0.62
N ILE D 146 23.31 13.58 -1.24
CA ILE D 146 22.40 12.51 -0.90
C ILE D 146 22.60 11.44 -1.97
N PHE D 147 23.20 10.32 -1.58
CA PHE D 147 23.52 9.24 -2.51
C PHE D 147 22.62 8.04 -2.25
N ARG D 148 22.11 7.48 -3.35
CA ARG D 148 21.25 6.31 -3.34
C ARG D 148 21.99 5.21 -4.11
N SER D 149 22.49 4.22 -3.37
CA SER D 149 23.41 3.21 -3.90
C SER D 149 22.79 1.83 -3.82
N SER D 150 23.28 0.95 -4.69
CA SER D 150 22.82 -0.44 -4.72
C SER D 150 23.51 -1.22 -3.60
N CYS D 151 22.70 -1.78 -2.69
CA CYS D 151 23.18 -2.63 -1.61
C CYS D 151 22.42 -3.95 -1.64
N PRO D 152 22.98 -5.00 -2.30
CA PRO D 152 22.31 -6.31 -2.23
C PRO D 152 22.18 -6.81 -0.81
N ILE D 153 20.97 -7.23 -0.44
CA ILE D 153 20.63 -7.58 0.93
C ILE D 153 20.79 -9.09 1.11
N SER D 154 21.44 -9.47 2.20
CA SER D 154 21.49 -10.86 2.66
C SER D 154 20.38 -11.04 3.69
N VAL D 155 19.41 -11.90 3.37
CA VAL D 155 18.21 -12.06 4.19
C VAL D 155 18.28 -13.22 5.17
N THR D 156 19.35 -14.02 5.14
CA THR D 156 19.42 -15.31 5.82
C THR D 156 19.08 -15.24 7.31
N TYR D 157 19.55 -14.20 8.00
CA TYR D 157 19.44 -14.09 9.44
C TYR D 157 18.51 -12.97 9.89
N PHE D 158 17.66 -12.45 9.01
CA PHE D 158 16.75 -11.39 9.37
C PHE D 158 15.78 -11.89 10.44
N PRO D 159 15.51 -11.13 11.51
CA PRO D 159 15.90 -9.74 11.82
C PRO D 159 17.23 -9.58 12.56
N PHE D 160 18.02 -10.64 12.71
CA PHE D 160 19.32 -10.59 13.37
C PHE D 160 20.45 -10.48 12.36
N ASP D 161 20.22 -9.78 11.25
CA ASP D 161 21.13 -9.73 10.12
C ASP D 161 22.06 -8.52 10.20
N TRP D 162 23.22 -8.67 9.58
CA TRP D 162 24.13 -7.58 9.28
C TRP D 162 24.33 -7.51 7.77
N GLN D 163 24.61 -6.31 7.28
CA GLN D 163 24.61 -5.96 5.85
C GLN D 163 25.99 -5.43 5.50
N ASN D 164 26.32 -5.42 4.22
CA ASN D 164 27.65 -5.06 3.70
C ASN D 164 27.43 -4.20 2.46
N CYS D 165 27.18 -2.91 2.69
CA CYS D 165 26.93 -1.90 1.63
C CYS D 165 28.29 -1.34 1.22
N SER D 166 28.35 -0.75 0.04
CA SER D 166 29.53 -0.08 -0.49
C SER D 166 29.12 1.16 -1.26
N LEU D 167 30.05 2.11 -1.31
CA LEU D 167 29.93 3.34 -2.09
C LEU D 167 31.22 3.41 -2.90
N LYS D 168 31.10 3.09 -4.19
CA LYS D 168 32.25 3.05 -5.08
C LYS D 168 32.31 4.36 -5.88
N PHE D 169 33.48 5.01 -5.84
CA PHE D 169 33.70 6.28 -6.49
C PHE D 169 34.80 6.15 -7.52
N SER D 170 34.58 6.72 -8.69
CA SER D 170 35.54 6.68 -9.79
C SER D 170 35.30 7.89 -10.68
N SER D 171 36.05 7.96 -11.76
CA SER D 171 35.89 8.98 -12.78
C SER D 171 35.57 8.33 -14.11
N LEU D 172 34.48 8.77 -14.73
CA LEU D 172 34.15 8.34 -16.09
C LEU D 172 34.73 9.27 -17.14
N LYS D 173 35.00 10.53 -16.79
CA LYS D 173 35.59 11.47 -17.73
C LYS D 173 37.11 11.32 -17.81
N TYR D 174 37.74 10.70 -16.82
CA TYR D 174 39.18 10.48 -16.81
C TYR D 174 39.49 9.07 -16.34
N THR D 175 40.64 8.56 -16.79
CA THR D 175 41.11 7.23 -16.47
C THR D 175 42.34 7.33 -15.55
N ALA D 176 42.91 6.16 -15.22
CA ALA D 176 44.12 6.12 -14.42
C ALA D 176 45.31 6.75 -15.11
N LYS D 177 45.24 6.95 -16.43
CA LYS D 177 46.30 7.62 -17.16
C LYS D 177 46.30 9.13 -16.91
N GLU D 178 45.13 9.72 -16.64
CA GLU D 178 44.96 11.16 -16.50
C GLU D 178 44.88 11.62 -15.06
N ILE D 179 44.21 10.87 -14.19
CA ILE D 179 44.15 11.16 -12.76
C ILE D 179 44.52 9.90 -12.00
N THR D 180 45.02 10.09 -10.77
CA THR D 180 45.42 9.00 -9.89
C THR D 180 44.68 9.17 -8.58
N LEU D 181 43.74 8.26 -8.31
CA LEU D 181 42.96 8.33 -7.08
C LEU D 181 43.78 7.83 -5.90
N SER D 182 43.71 8.55 -4.79
CA SER D 182 44.38 8.16 -3.55
C SER D 182 43.50 8.58 -2.39
N LEU D 183 43.80 8.02 -1.22
CA LEU D 183 43.05 8.35 -0.01
C LEU D 183 43.66 9.57 0.67
N LYS D 184 42.81 10.29 1.41
CA LYS D 184 43.26 11.44 2.17
C LYS D 184 44.31 11.03 3.19
N GLN D 185 45.29 11.91 3.40
CA GLN D 185 46.36 11.70 4.36
C GLN D 185 46.25 12.72 5.48
N ASP D 186 46.30 12.24 6.72
CA ASP D 186 46.34 13.06 7.91
C ASP D 186 47.74 12.95 8.52
N ALA D 187 47.98 13.73 9.58
CA ALA D 187 49.26 13.76 10.26
C ALA D 187 49.06 13.68 11.76
N LYS D 188 49.90 12.88 12.42
CA LYS D 188 49.93 12.74 13.87
C LYS D 188 51.37 12.87 14.33
N GLU D 189 51.65 13.92 15.10
CA GLU D 189 52.99 14.17 15.65
C GLU D 189 54.05 14.18 14.55
N ASN D 190 53.73 14.87 13.46
CA ASN D 190 54.62 15.00 12.31
C ASN D 190 54.87 13.67 11.60
N ARG D 191 53.92 12.73 11.68
CA ARG D 191 53.99 11.46 10.97
C ARG D 191 52.71 11.30 10.16
N THR D 192 52.85 11.18 8.84
CA THR D 192 51.70 11.11 7.95
C THR D 192 51.14 9.69 7.91
N TYR D 193 49.82 9.58 7.82
CA TYR D 193 49.14 8.30 7.66
C TYR D 193 47.94 8.46 6.73
N PRO D 194 47.56 7.40 6.01
CA PRO D 194 46.35 7.49 5.17
C PRO D 194 45.10 7.31 6.00
N VAL D 195 44.04 8.01 5.59
CA VAL D 195 42.72 7.87 6.20
C VAL D 195 42.03 6.71 5.48
N GLU D 196 42.08 5.51 6.08
CA GLU D 196 41.59 4.28 5.48
C GLU D 196 40.22 3.90 5.99
N TRP D 197 39.36 4.89 6.28
CA TRP D 197 38.06 4.64 6.85
C TRP D 197 37.16 5.81 6.51
N ILE D 198 35.85 5.59 6.65
CA ILE D 198 34.90 6.70 6.56
C ILE D 198 35.06 7.56 7.81
N ILE D 199 35.05 8.88 7.61
CA ILE D 199 35.21 9.82 8.71
C ILE D 199 33.87 10.05 9.37
N ILE D 200 33.84 9.99 10.70
CA ILE D 200 32.65 10.31 11.49
C ILE D 200 33.00 11.55 12.31
N ASP D 201 32.52 12.70 11.87
CA ASP D 201 32.71 13.93 12.61
C ASP D 201 31.67 14.00 13.73
N PRO D 202 32.06 14.09 15.01
CA PRO D 202 31.04 14.14 16.08
C PRO D 202 30.10 15.33 15.97
N GLU D 203 30.53 16.43 15.37
CA GLU D 203 29.68 17.61 15.24
C GLU D 203 28.64 17.47 14.13
N GLY D 204 28.80 16.50 13.23
CA GLY D 204 27.95 16.38 12.05
C GLY D 204 27.27 15.04 11.86
N PHE D 205 27.49 14.09 12.77
CA PHE D 205 26.94 12.74 12.63
C PHE D 205 25.71 12.56 13.50
N THR D 206 24.68 11.95 12.91
CA THR D 206 23.48 11.52 13.62
C THR D 206 23.42 10.00 13.55
N GLU D 207 23.30 9.36 14.71
CA GLU D 207 23.25 7.91 14.75
C GLU D 207 21.91 7.42 14.21
N ASN D 208 21.96 6.32 13.45
CA ASN D 208 20.74 5.69 12.95
C ASN D 208 20.13 4.83 14.04
N GLY D 209 18.80 4.92 14.17
CA GLY D 209 18.11 4.21 15.24
C GLY D 209 18.02 2.71 15.04
N GLU D 210 18.17 2.23 13.80
CA GLU D 210 18.05 0.81 13.49
C GLU D 210 19.36 0.14 13.11
N TRP D 211 20.36 0.91 12.68
CA TRP D 211 21.60 0.36 12.11
C TRP D 211 22.79 0.91 12.86
N GLU D 212 23.63 -0.01 13.37
CA GLU D 212 24.86 0.33 14.07
C GLU D 212 26.04 0.04 13.14
N ILE D 213 26.94 1.01 13.00
CA ILE D 213 28.09 0.86 12.12
C ILE D 213 29.16 0.08 12.88
N VAL D 214 29.50 -1.11 12.38
CA VAL D 214 30.51 -1.97 13.01
C VAL D 214 31.88 -1.72 12.40
N HIS D 215 31.98 -1.74 11.07
CA HIS D 215 33.21 -1.44 10.35
C HIS D 215 32.90 -0.42 9.26
N ARG D 216 33.86 0.45 8.99
CA ARG D 216 33.71 1.49 7.97
C ARG D 216 35.05 1.72 7.27
N PRO D 217 35.55 0.72 6.55
CA PRO D 217 36.85 0.86 5.89
C PRO D 217 36.74 1.65 4.59
N ALA D 218 37.90 2.11 4.12
CA ALA D 218 38.06 2.74 2.82
C ALA D 218 39.23 2.08 2.11
N ARG D 219 39.09 1.87 0.80
CA ARG D 219 40.08 1.14 0.02
C ARG D 219 40.23 1.72 -1.37
N VAL D 220 41.48 1.82 -1.83
CA VAL D 220 41.78 2.10 -3.23
C VAL D 220 41.91 0.75 -3.93
N ASN D 221 41.08 0.53 -4.95
CA ASN D 221 41.08 -0.70 -5.73
C ASN D 221 41.56 -0.39 -7.14
N VAL D 222 42.65 -1.04 -7.55
CA VAL D 222 43.18 -0.95 -8.90
C VAL D 222 43.07 -2.34 -9.52
N ASP D 223 42.33 -2.43 -10.62
CA ASP D 223 42.18 -3.69 -11.34
C ASP D 223 43.46 -3.98 -12.12
N PRO D 224 44.27 -4.99 -11.75
CA PRO D 224 45.53 -5.19 -12.49
C PRO D 224 45.32 -5.62 -13.93
N ARG D 225 44.21 -6.29 -14.23
CA ARG D 225 43.96 -6.80 -15.57
C ARG D 225 43.36 -5.76 -16.50
N ALA D 226 42.70 -4.74 -15.98
CA ALA D 226 42.13 -3.71 -16.82
C ALA D 226 43.24 -2.87 -17.45
N PRO D 227 43.02 -2.32 -18.66
CA PRO D 227 44.02 -1.41 -19.21
C PRO D 227 43.99 -0.07 -18.50
N LEU D 228 45.11 0.63 -18.56
CA LEU D 228 45.22 1.92 -17.88
C LEU D 228 44.22 2.94 -18.45
N ASP D 229 43.92 2.85 -19.74
CA ASP D 229 43.01 3.79 -20.39
C ASP D 229 41.54 3.40 -20.26
N SER D 230 41.20 2.49 -19.33
CA SER D 230 39.82 2.13 -19.05
C SER D 230 39.31 2.86 -17.81
N PRO D 231 38.07 3.35 -17.75
CA PRO D 231 37.58 3.93 -16.49
C PRO D 231 37.45 2.93 -15.36
N SER D 232 37.41 1.64 -15.65
CA SER D 232 37.32 0.60 -14.64
C SER D 232 38.68 0.22 -14.05
N ARG D 233 39.75 0.90 -14.45
CA ARG D 233 41.07 0.59 -13.91
C ARG D 233 41.16 0.85 -12.41
N GLN D 234 40.60 1.97 -11.95
CA GLN D 234 40.78 2.39 -10.55
C GLN D 234 39.46 2.84 -9.96
N ASP D 235 39.35 2.72 -8.65
CA ASP D 235 38.22 3.26 -7.90
C ASP D 235 38.62 3.34 -6.43
N ILE D 236 37.83 4.10 -5.67
CA ILE D 236 37.94 4.14 -4.21
C ILE D 236 36.58 3.75 -3.66
N THR D 237 36.54 2.72 -2.84
CA THR D 237 35.31 2.23 -2.25
C THR D 237 35.30 2.46 -0.74
N PHE D 238 34.17 2.97 -0.26
CA PHE D 238 33.92 3.13 1.16
C PHE D 238 32.83 2.14 1.55
N TYR D 239 33.15 1.23 2.47
CA TYR D 239 32.26 0.15 2.85
C TYR D 239 31.64 0.46 4.20
N LEU D 240 30.43 -0.05 4.40
CA LEU D 240 29.71 0.05 5.66
C LEU D 240 29.20 -1.35 6.01
N ILE D 241 29.83 -1.95 7.02
CA ILE D 241 29.30 -3.14 7.67
C ILE D 241 28.39 -2.64 8.78
N ILE D 242 27.10 -2.94 8.67
CA ILE D 242 26.08 -2.40 9.58
C ILE D 242 25.29 -3.54 10.18
N ARG D 243 25.14 -3.52 11.50
CA ARG D 243 24.38 -4.51 12.25
C ARG D 243 23.01 -3.93 12.58
N ARG D 244 21.96 -4.68 12.30
CA ARG D 244 20.61 -4.25 12.64
C ARG D 244 20.38 -4.37 14.14
N LYS D 245 19.63 -3.42 14.70
CA LYS D 245 19.19 -3.51 16.09
C LYS D 245 17.88 -4.28 16.12
N PRO D 246 17.84 -5.52 16.65
CA PRO D 246 16.64 -6.34 16.46
C PRO D 246 15.56 -6.16 17.52
N LEU D 247 15.72 -5.22 18.46
CA LEU D 247 14.79 -5.12 19.59
C LEU D 247 13.37 -4.80 19.11
N PHE D 248 13.25 -3.87 18.15
CA PHE D 248 11.94 -3.53 17.60
C PHE D 248 11.26 -4.76 17.01
N TYR D 249 11.96 -5.46 16.12
CA TYR D 249 11.38 -6.65 15.49
C TYR D 249 11.12 -7.73 16.52
N ILE D 250 12.03 -7.91 17.49
CA ILE D 250 11.81 -8.89 18.55
C ILE D 250 10.47 -8.65 19.23
N ILE D 251 10.33 -7.50 19.88
CA ILE D 251 9.14 -7.20 20.68
C ILE D 251 7.88 -7.21 19.83
N ASN D 252 7.94 -6.62 18.63
CA ASN D 252 6.72 -6.37 17.89
C ASN D 252 6.27 -7.50 16.98
N ILE D 253 7.17 -8.41 16.57
CA ILE D 253 6.84 -9.48 15.64
C ILE D 253 7.16 -10.85 16.22
N LEU D 254 8.37 -11.03 16.76
CA LEU D 254 8.83 -12.38 17.06
C LEU D 254 8.10 -12.94 18.27
N VAL D 255 8.02 -12.16 19.33
CA VAL D 255 7.32 -12.63 20.54
C VAL D 255 5.84 -12.87 20.27
N PRO D 256 5.11 -11.97 19.61
CA PRO D 256 3.72 -12.30 19.22
C PRO D 256 3.61 -13.58 18.39
N CYS D 257 4.39 -13.70 17.33
CA CYS D 257 4.30 -14.85 16.44
C CYS D 257 4.66 -16.14 17.18
N VAL D 258 5.74 -16.11 17.96
CA VAL D 258 6.16 -17.30 18.68
C VAL D 258 5.13 -17.71 19.71
N LEU D 259 4.58 -16.73 20.46
CA LEU D 259 3.58 -17.06 21.47
C LEU D 259 2.32 -17.64 20.84
N ILE D 260 1.86 -17.03 19.74
CA ILE D 260 0.66 -17.52 19.08
C ILE D 260 0.89 -18.91 18.51
N SER D 261 2.09 -19.16 17.96
CA SER D 261 2.40 -20.48 17.43
C SER D 261 2.43 -21.53 18.54
N PHE D 262 3.08 -21.23 19.66
CA PHE D 262 3.14 -22.16 20.78
C PHE D 262 1.77 -22.38 21.41
N MET D 263 0.87 -21.39 21.28
CA MET D 263 -0.49 -21.53 21.79
C MET D 263 -1.26 -22.68 21.16
N VAL D 264 -0.86 -23.15 19.98
CA VAL D 264 -1.54 -24.26 19.33
C VAL D 264 -1.45 -25.55 20.15
N ASN D 265 -0.43 -25.69 20.97
CA ASN D 265 -0.26 -26.90 21.76
C ASN D 265 -1.33 -27.08 22.83
N LEU D 266 -2.12 -26.05 23.12
CA LEU D 266 -3.21 -26.17 24.08
C LEU D 266 -4.34 -27.07 23.59
N VAL D 267 -4.44 -27.30 22.28
CA VAL D 267 -5.53 -28.11 21.75
C VAL D 267 -5.43 -29.54 22.26
N PHE D 268 -4.21 -30.04 22.51
CA PHE D 268 -4.04 -31.38 23.04
C PHE D 268 -4.57 -31.53 24.45
N TYR D 269 -4.73 -30.42 25.20
CA TYR D 269 -5.33 -30.44 26.51
C TYR D 269 -6.81 -30.06 26.50
N LEU D 270 -7.34 -29.65 25.35
CA LEU D 270 -8.77 -29.37 25.24
C LEU D 270 -9.54 -30.69 25.15
N PRO D 271 -10.61 -30.88 25.90
CA PRO D 271 -11.40 -32.11 25.73
C PRO D 271 -12.05 -32.17 24.35
N ALA D 272 -12.21 -33.39 23.83
CA ALA D 272 -12.82 -33.57 22.52
C ALA D 272 -14.29 -33.15 22.53
N ASP D 273 -14.95 -33.24 23.68
CA ASP D 273 -16.36 -32.87 23.78
C ASP D 273 -16.59 -31.36 23.77
N SER D 274 -15.52 -30.57 23.91
CA SER D 274 -15.67 -29.12 23.87
C SER D 274 -16.17 -28.66 22.50
N GLY D 275 -15.69 -29.30 21.44
CA GLY D 275 -16.11 -28.92 20.10
C GLY D 275 -15.41 -27.71 19.53
N GLU D 276 -14.18 -27.44 19.98
CA GLU D 276 -13.46 -26.23 19.58
C GLU D 276 -11.97 -26.47 19.34
N LYS D 277 -11.50 -27.72 19.30
CA LYS D 277 -10.09 -27.98 19.09
C LYS D 277 -9.63 -27.53 17.70
N THR D 278 -10.34 -27.99 16.66
CA THR D 278 -9.96 -27.64 15.30
C THR D 278 -10.10 -26.14 15.07
N SER D 279 -11.08 -25.50 15.71
CA SER D 279 -11.21 -24.05 15.58
C SER D 279 -9.97 -23.34 16.09
N VAL D 280 -9.47 -23.74 17.26
CA VAL D 280 -8.28 -23.11 17.82
C VAL D 280 -7.08 -23.34 16.91
N ALA D 281 -6.90 -24.59 16.46
CA ALA D 281 -5.72 -24.89 15.64
C ALA D 281 -5.74 -24.13 14.32
N ILE D 282 -6.90 -24.09 13.65
CA ILE D 282 -6.98 -23.41 12.38
C ILE D 282 -6.91 -21.89 12.55
N SER D 283 -7.39 -21.36 13.68
CA SER D 283 -7.21 -19.94 13.94
C SER D 283 -5.73 -19.60 14.11
N VAL D 284 -4.97 -20.47 14.77
CA VAL D 284 -3.54 -20.26 14.88
C VAL D 284 -2.90 -20.30 13.49
N LEU D 285 -3.37 -21.22 12.63
CA LEU D 285 -2.85 -21.27 11.27
C LEU D 285 -3.14 -19.97 10.52
N LEU D 286 -4.34 -19.43 10.69
CA LEU D 286 -4.69 -18.16 10.04
C LEU D 286 -3.80 -17.02 10.55
N ALA D 287 -3.53 -16.99 11.85
CA ALA D 287 -2.66 -15.97 12.40
C ALA D 287 -1.25 -16.08 11.83
N GLN D 288 -0.74 -17.32 11.72
CA GLN D 288 0.57 -17.51 11.11
C GLN D 288 0.59 -17.05 9.67
N SER D 289 -0.49 -17.32 8.92
CA SER D 289 -0.58 -16.86 7.55
C SER D 289 -0.57 -15.34 7.45
N VAL D 290 -1.28 -14.66 8.35
CA VAL D 290 -1.26 -13.20 8.33
C VAL D 290 0.13 -12.66 8.68
N PHE D 291 0.82 -13.30 9.62
CA PHE D 291 2.19 -12.90 9.92
C PHE D 291 3.10 -13.10 8.71
N LEU D 292 2.95 -14.21 8.00
CA LEU D 292 3.72 -14.43 6.78
C LEU D 292 3.42 -13.35 5.76
N LEU D 293 2.14 -12.97 5.64
CA LEU D 293 1.77 -11.90 4.71
C LEU D 293 2.47 -10.60 5.07
N LEU D 294 2.54 -10.26 6.36
CA LEU D 294 3.21 -9.04 6.76
C LEU D 294 4.70 -9.10 6.44
N ILE D 295 5.38 -10.16 6.89
CA ILE D 295 6.83 -10.21 6.77
C ILE D 295 7.26 -10.35 5.31
N SER D 296 6.42 -10.93 4.45
CA SER D 296 6.80 -11.02 3.05
C SER D 296 6.90 -9.65 2.39
N LYS D 297 6.19 -8.66 2.91
CA LYS D 297 6.21 -7.32 2.35
C LYS D 297 7.42 -6.49 2.80
N ARG D 298 8.16 -6.94 3.82
CA ARG D 298 9.26 -6.18 4.38
C ARG D 298 10.61 -6.53 3.78
N LEU D 299 10.71 -7.58 2.98
CA LEU D 299 11.96 -8.09 2.44
C LEU D 299 11.85 -8.30 0.93
N PRO D 300 12.97 -8.29 0.20
CA PRO D 300 12.88 -8.58 -1.24
C PRO D 300 12.59 -10.04 -1.49
N ALA D 301 11.98 -10.32 -2.65
CA ALA D 301 11.61 -11.68 -3.00
C ALA D 301 12.76 -12.41 -3.68
N THR D 302 13.95 -12.39 -3.08
CA THR D 302 15.12 -13.03 -3.67
C THR D 302 15.12 -14.52 -3.36
N SER D 303 15.91 -15.26 -4.13
CA SER D 303 15.97 -16.72 -4.06
C SER D 303 17.25 -17.23 -3.42
N MET D 304 18.10 -16.35 -2.89
CA MET D 304 19.38 -16.80 -2.36
C MET D 304 19.20 -17.55 -1.05
N ALA D 305 18.26 -17.12 -0.21
CA ALA D 305 18.02 -17.78 1.06
C ALA D 305 16.62 -17.45 1.55
N ILE D 306 16.12 -18.30 2.45
CA ILE D 306 14.85 -18.06 3.12
C ILE D 306 15.17 -17.24 4.38
N PRO D 307 14.46 -16.16 4.69
CA PRO D 307 14.75 -15.44 5.93
C PRO D 307 14.49 -16.30 7.16
N LEU D 308 15.25 -16.02 8.22
CA LEU D 308 15.12 -16.79 9.46
C LEU D 308 13.69 -16.70 10.01
N ILE D 309 13.12 -15.51 10.00
CA ILE D 309 11.71 -15.36 10.39
C ILE D 309 10.82 -16.16 9.45
N GLY D 310 11.12 -16.15 8.16
CA GLY D 310 10.36 -16.97 7.22
C GLY D 310 10.54 -18.45 7.46
N LYS D 311 11.75 -18.88 7.81
CA LYS D 311 11.98 -20.28 8.14
C LYS D 311 11.15 -20.70 9.35
N PHE D 312 11.16 -19.87 10.40
CA PHE D 312 10.36 -20.18 11.57
C PHE D 312 8.88 -20.23 11.23
N LEU D 313 8.41 -19.29 10.42
CA LEU D 313 6.99 -19.26 10.08
C LEU D 313 6.61 -20.50 9.28
N LEU D 314 7.42 -20.91 8.32
CA LEU D 314 7.12 -22.12 7.55
C LEU D 314 7.11 -23.35 8.46
N PHE D 315 8.09 -23.44 9.37
CA PHE D 315 8.14 -24.53 10.32
C PHE D 315 6.88 -24.56 11.19
N GLY D 316 6.45 -23.38 11.66
CA GLY D 316 5.27 -23.31 12.51
C GLY D 316 4.00 -23.67 11.76
N MET D 317 3.85 -23.20 10.52
CA MET D 317 2.67 -23.57 9.74
C MET D 317 2.63 -25.06 9.44
N VAL D 318 3.78 -25.67 9.14
CA VAL D 318 3.80 -27.12 8.94
C VAL D 318 3.40 -27.84 10.22
N LEU D 319 3.96 -27.41 11.36
CA LEU D 319 3.63 -28.04 12.63
C LEU D 319 2.15 -27.88 12.96
N VAL D 320 1.60 -26.70 12.71
CA VAL D 320 0.19 -26.45 13.01
C VAL D 320 -0.71 -27.25 12.09
N THR D 321 -0.33 -27.42 10.82
CA THR D 321 -1.11 -28.28 9.92
C THR D 321 -1.10 -29.72 10.43
N MET D 322 0.06 -30.18 10.89
CA MET D 322 0.14 -31.50 11.52
C MET D 322 -0.77 -31.59 12.73
N VAL D 323 -0.80 -30.52 13.53
CA VAL D 323 -1.62 -30.52 14.75
C VAL D 323 -3.11 -30.55 14.38
N VAL D 324 -3.50 -29.86 13.31
CA VAL D 324 -4.89 -29.89 12.88
C VAL D 324 -5.27 -31.30 12.44
N VAL D 325 -4.39 -31.94 11.66
CA VAL D 325 -4.67 -33.32 11.24
C VAL D 325 -4.77 -34.25 12.44
N ILE D 326 -3.89 -34.06 13.43
CA ILE D 326 -3.94 -34.85 14.64
C ILE D 326 -5.25 -34.62 15.38
N CYS D 327 -5.72 -33.37 15.44
CA CYS D 327 -6.99 -33.07 16.09
C CYS D 327 -8.13 -33.76 15.37
N VAL D 328 -8.09 -33.79 14.03
CA VAL D 328 -9.11 -34.51 13.26
C VAL D 328 -9.09 -35.99 13.63
N ILE D 329 -7.90 -36.58 13.71
CA ILE D 329 -7.80 -38.01 14.02
C ILE D 329 -8.31 -38.29 15.43
N VAL D 330 -7.95 -37.44 16.39
CA VAL D 330 -8.39 -37.61 17.77
C VAL D 330 -9.91 -37.48 17.86
N LEU D 331 -10.48 -36.52 17.16
CA LEU D 331 -11.93 -36.36 17.15
C LEU D 331 -12.60 -37.58 16.53
N ASN D 332 -12.01 -38.13 15.46
CA ASN D 332 -12.54 -39.32 14.83
C ASN D 332 -12.53 -40.51 15.80
N ILE D 333 -11.44 -40.66 16.55
CA ILE D 333 -11.34 -41.77 17.49
C ILE D 333 -12.33 -41.58 18.63
N HIS D 334 -12.52 -40.34 19.07
CA HIS D 334 -13.37 -40.07 20.24
C HIS D 334 -14.82 -40.47 20.00
N PHE D 335 -15.34 -40.22 18.79
CA PHE D 335 -16.76 -40.35 18.51
C PHE D 335 -17.14 -41.72 17.95
N ARG D 336 -16.26 -42.71 18.06
CA ARG D 336 -16.57 -44.06 17.59
C ARG D 336 -17.52 -44.76 18.56
N THR D 337 -18.38 -45.61 18.01
CA THR D 337 -19.38 -46.34 18.77
C THR D 337 -19.40 -47.79 18.29
N PRO D 338 -20.02 -48.70 19.07
CA PRO D 338 -20.15 -50.10 18.62
C PRO D 338 -20.86 -50.26 17.29
N SER D 339 -21.78 -49.34 16.97
CA SER D 339 -22.58 -49.46 15.77
C SER D 339 -21.79 -49.23 14.49
N THR D 340 -20.61 -48.59 14.57
CA THR D 340 -19.78 -48.31 13.40
C THR D 340 -18.38 -48.88 13.48
N HIS D 341 -17.86 -49.19 14.67
CA HIS D 341 -16.49 -49.62 14.84
C HIS D 341 -16.42 -50.74 15.87
N VAL D 342 -15.38 -51.57 15.74
CA VAL D 342 -15.08 -52.63 16.70
C VAL D 342 -13.81 -52.23 17.44
N LEU D 343 -13.89 -52.21 18.77
CA LEU D 343 -12.74 -51.89 19.61
C LEU D 343 -12.02 -53.20 19.93
N SER D 344 -10.90 -53.43 19.23
CA SER D 344 -10.15 -54.66 19.42
C SER D 344 -9.53 -54.70 20.81
N GLU D 345 -9.33 -55.92 21.31
CA GLU D 345 -8.72 -56.09 22.62
C GLU D 345 -7.26 -55.64 22.64
N GLY D 346 -6.56 -55.79 21.52
CA GLY D 346 -5.18 -55.32 21.46
C GLY D 346 -5.09 -53.81 21.56
N VAL D 347 -5.93 -53.10 20.81
CA VAL D 347 -5.98 -51.64 20.91
C VAL D 347 -6.40 -51.22 22.30
N LYS D 348 -7.38 -51.92 22.89
CA LYS D 348 -7.80 -51.64 24.26
C LYS D 348 -6.63 -51.75 25.22
N LYS D 349 -5.89 -52.86 25.16
CA LYS D 349 -4.76 -53.05 26.07
C LYS D 349 -3.68 -52.00 25.84
N LEU D 350 -3.37 -51.70 24.58
CA LEU D 350 -2.29 -50.76 24.28
C LEU D 350 -2.63 -49.36 24.77
N PHE D 351 -3.85 -48.88 24.48
CA PHE D 351 -4.20 -47.48 24.68
C PHE D 351 -4.92 -47.19 25.99
N LEU D 352 -5.31 -48.21 26.77
CA LEU D 352 -5.96 -47.99 28.06
C LEU D 352 -5.20 -48.53 29.27
N GLU D 353 -4.20 -49.39 29.06
CA GLU D 353 -3.33 -49.86 30.15
C GLU D 353 -1.86 -49.52 29.95
N THR D 354 -1.30 -49.74 28.76
CA THR D 354 0.15 -49.62 28.60
C THR D 354 0.57 -48.15 28.48
N LEU D 355 0.05 -47.45 27.48
CA LEU D 355 0.43 -46.05 27.31
C LEU D 355 0.03 -45.17 28.49
N PRO D 356 -1.17 -45.29 29.09
CA PRO D 356 -1.45 -44.44 30.25
C PRO D 356 -0.48 -44.59 31.41
N GLU D 357 0.00 -45.80 31.72
CA GLU D 357 0.98 -45.90 32.80
C GLU D 357 2.34 -45.43 32.35
N LEU D 358 2.69 -45.64 31.08
CA LEU D 358 3.97 -45.12 30.59
C LEU D 358 4.00 -43.59 30.62
N LEU D 359 2.89 -42.95 30.25
CA LEU D 359 2.80 -41.49 30.25
C LEU D 359 2.42 -40.91 31.60
N HIS D 360 2.19 -41.75 32.62
CA HIS D 360 1.85 -41.28 33.98
C HIS D 360 0.57 -40.47 33.99
N MET D 361 -0.45 -40.97 33.28
CA MET D 361 -1.75 -40.30 33.24
C MET D 361 -2.59 -40.67 34.46
N SER D 362 -3.46 -39.74 34.86
CA SER D 362 -4.43 -40.04 35.90
C SER D 362 -5.41 -41.10 35.42
N ARG D 363 -5.88 -41.93 36.35
CA ARG D 363 -6.64 -43.12 36.06
C ARG D 363 -7.89 -43.16 36.92
N PRO D 364 -8.92 -43.93 36.51
CA PRO D 364 -10.13 -44.03 37.34
C PRO D 364 -9.99 -45.07 38.45
N ALA D 365 -11.07 -45.29 39.19
CA ALA D 365 -11.09 -46.28 40.27
C ALA D 365 -10.05 -45.96 41.33
N GLN D 429 -50.84 -70.49 37.43
CA GLN D 429 -51.34 -70.87 36.12
C GLN D 429 -52.34 -69.84 35.62
N GLU D 430 -53.16 -69.32 36.53
CA GLU D 430 -54.03 -68.18 36.26
C GLU D 430 -53.30 -66.87 36.55
N LEU D 431 -52.78 -66.74 37.77
CA LEU D 431 -51.91 -65.61 38.09
C LEU D 431 -50.70 -65.59 37.17
N PHE D 432 -50.13 -66.76 36.89
CA PHE D 432 -48.94 -66.87 36.05
C PHE D 432 -49.19 -66.31 34.66
N ASN D 433 -50.26 -66.77 33.99
CA ASN D 433 -50.54 -66.26 32.65
C ASN D 433 -51.01 -64.81 32.70
N GLU D 434 -51.70 -64.41 33.78
CA GLU D 434 -52.19 -63.04 33.88
C GLU D 434 -51.03 -62.06 33.94
N LEU D 435 -49.99 -62.37 34.72
CA LEU D 435 -48.85 -61.49 34.90
C LEU D 435 -47.65 -61.86 34.03
N LYS D 436 -47.78 -62.86 33.16
CA LYS D 436 -46.73 -63.17 32.20
C LYS D 436 -46.41 -62.01 31.27
N PRO D 437 -47.41 -61.26 30.76
CA PRO D 437 -47.06 -60.07 29.96
C PRO D 437 -46.15 -59.10 30.67
N ALA D 438 -46.38 -58.84 31.96
CA ALA D 438 -45.50 -57.96 32.72
C ALA D 438 -44.11 -58.54 32.95
N VAL D 439 -44.00 -59.85 33.15
CA VAL D 439 -42.69 -60.48 33.29
C VAL D 439 -41.89 -60.40 31.99
N ASP D 440 -42.52 -60.72 30.87
CA ASP D 440 -41.86 -60.59 29.57
C ASP D 440 -41.48 -59.14 29.30
N GLY D 441 -42.36 -58.21 29.64
CA GLY D 441 -42.02 -56.81 29.51
C GLY D 441 -40.79 -56.45 30.31
N ALA D 442 -40.80 -56.79 31.61
CA ALA D 442 -39.71 -56.41 32.51
C ALA D 442 -38.39 -57.00 32.05
N ASN D 443 -38.41 -58.25 31.56
CA ASN D 443 -37.19 -58.81 30.99
C ASN D 443 -36.72 -58.01 29.77
N PHE D 444 -37.65 -57.57 28.92
CA PHE D 444 -37.25 -56.76 27.78
C PHE D 444 -36.67 -55.41 28.22
N ILE D 445 -37.28 -54.79 29.23
CA ILE D 445 -36.76 -53.53 29.78
C ILE D 445 -35.34 -53.75 30.28
N VAL D 446 -35.12 -54.83 31.03
CA VAL D 446 -33.81 -55.11 31.61
C VAL D 446 -32.77 -55.31 30.52
N ASN D 447 -33.10 -56.06 29.48
CA ASN D 447 -32.17 -56.25 28.38
C ASN D 447 -31.86 -54.94 27.68
N HIS D 448 -32.86 -54.07 27.52
CA HIS D 448 -32.62 -52.77 26.89
C HIS D 448 -31.64 -51.94 27.71
N MET D 449 -31.86 -51.81 29.02
CA MET D 449 -30.94 -51.01 29.83
C MET D 449 -29.55 -51.64 29.86
N ARG D 450 -29.45 -52.96 29.92
CA ARG D 450 -28.14 -53.61 29.95
C ARG D 450 -27.38 -53.38 28.64
N ASP D 451 -28.05 -53.52 27.50
CA ASP D 451 -27.42 -53.24 26.21
C ASP D 451 -26.99 -51.79 26.12
N GLN D 452 -27.83 -50.86 26.58
CA GLN D 452 -27.45 -49.45 26.54
C GLN D 452 -26.25 -49.17 27.42
N ASN D 453 -26.16 -49.81 28.59
CA ASN D 453 -25.01 -49.64 29.46
C ASN D 453 -23.74 -50.13 28.78
N ASN D 454 -23.80 -51.29 28.13
CA ASN D 454 -22.62 -51.80 27.43
C ASN D 454 -22.21 -50.89 26.28
N TYR D 455 -23.20 -50.38 25.54
CA TYR D 455 -22.92 -49.46 24.44
C TYR D 455 -22.23 -48.19 24.95
N ASN D 456 -22.76 -47.61 26.04
CA ASN D 456 -22.17 -46.41 26.61
C ASN D 456 -20.78 -46.68 27.15
N GLU D 457 -20.54 -47.86 27.72
CA GLU D 457 -19.22 -48.20 28.21
C GLU D 457 -18.21 -48.30 27.07
N GLU D 458 -18.60 -48.88 25.94
CA GLU D 458 -17.68 -48.92 24.80
C GLU D 458 -17.40 -47.51 24.28
N LYS D 459 -18.41 -46.65 24.27
CA LYS D 459 -18.18 -45.27 23.87
C LYS D 459 -17.20 -44.58 24.81
N ASP D 460 -17.33 -44.83 26.11
CA ASP D 460 -16.39 -44.27 27.09
C ASP D 460 -14.98 -44.79 26.86
N SER D 461 -14.85 -46.08 26.52
CA SER D 461 -13.53 -46.62 26.22
C SER D 461 -12.91 -45.92 25.01
N TRP D 462 -13.71 -45.66 23.97
CA TRP D 462 -13.21 -44.91 22.83
C TRP D 462 -12.77 -43.51 23.24
N ASN D 463 -13.53 -42.87 24.12
CA ASN D 463 -13.14 -41.56 24.63
C ASN D 463 -11.78 -41.61 25.33
N ARG D 464 -11.57 -42.63 26.15
CA ARG D 464 -10.31 -42.75 26.87
C ARG D 464 -9.15 -43.02 25.91
N VAL D 465 -9.39 -43.82 24.87
CA VAL D 465 -8.35 -44.04 23.85
C VAL D 465 -7.98 -42.71 23.19
N ALA D 466 -8.99 -41.89 22.88
CA ALA D 466 -8.73 -40.58 22.31
C ALA D 466 -7.91 -39.71 23.26
N ARG D 467 -8.22 -39.75 24.56
CA ARG D 467 -7.44 -38.97 25.52
C ARG D 467 -5.99 -39.43 25.55
N THR D 468 -5.76 -40.74 25.53
CA THR D 468 -4.38 -41.25 25.54
C THR D 468 -3.63 -40.80 24.30
N VAL D 469 -4.26 -40.87 23.13
CA VAL D 469 -3.61 -40.40 21.92
C VAL D 469 -3.30 -38.91 22.02
N ASP D 470 -4.21 -38.13 22.61
CA ASP D 470 -3.98 -36.70 22.75
C ASP D 470 -2.80 -36.41 23.66
N ARG D 471 -2.68 -37.15 24.77
CA ARG D 471 -1.55 -36.94 25.69
C ARG D 471 -0.23 -37.31 25.02
N LEU D 472 -0.20 -38.44 24.31
CA LEU D 472 1.02 -38.82 23.60
C LEU D 472 1.39 -37.78 22.55
N CYS D 473 0.40 -37.28 21.81
CA CYS D 473 0.68 -36.28 20.78
C CYS D 473 1.16 -34.98 21.40
N LEU D 474 0.66 -34.63 22.59
CA LEU D 474 1.21 -33.47 23.30
C LEU D 474 2.68 -33.67 23.60
N PHE D 475 3.01 -34.81 24.22
CA PHE D 475 4.40 -35.05 24.63
C PHE D 475 5.33 -35.16 23.45
N VAL D 476 4.81 -35.52 22.27
CA VAL D 476 5.66 -35.62 21.08
C VAL D 476 5.76 -34.27 20.36
N VAL D 477 4.66 -33.51 20.30
CA VAL D 477 4.63 -32.33 19.44
C VAL D 477 5.24 -31.12 20.13
N THR D 478 4.97 -30.94 21.43
CA THR D 478 5.49 -29.75 22.10
C THR D 478 7.02 -29.72 22.14
N PRO D 479 7.73 -30.79 22.52
CA PRO D 479 9.20 -30.72 22.47
C PRO D 479 9.76 -30.50 21.07
N VAL D 480 9.13 -31.08 20.04
CA VAL D 480 9.63 -30.88 18.68
C VAL D 480 9.53 -29.42 18.28
N MET D 481 8.39 -28.79 18.56
CA MET D 481 8.22 -27.37 18.24
C MET D 481 9.20 -26.51 19.02
N VAL D 482 9.37 -26.80 20.31
CA VAL D 482 10.28 -26.01 21.13
C VAL D 482 11.71 -26.13 20.62
N VAL D 483 12.14 -27.36 20.32
CA VAL D 483 13.51 -27.58 19.87
C VAL D 483 13.75 -26.93 18.51
N GLY D 484 12.80 -27.08 17.58
CA GLY D 484 12.97 -26.47 16.28
C GLY D 484 13.01 -24.95 16.34
N THR D 485 12.13 -24.36 17.15
CA THR D 485 12.12 -22.91 17.31
C THR D 485 13.42 -22.42 17.93
N ALA D 486 13.90 -23.14 18.96
CA ALA D 486 15.15 -22.76 19.61
C ALA D 486 16.31 -22.83 18.62
N TRP D 487 16.37 -23.89 17.82
CA TRP D 487 17.43 -24.02 16.82
C TRP D 487 17.39 -22.87 15.82
N ILE D 488 16.20 -22.61 15.26
CA ILE D 488 16.07 -21.60 14.23
C ILE D 488 16.48 -20.23 14.76
N PHE D 489 16.03 -19.89 15.98
CA PHE D 489 16.32 -18.57 16.51
C PHE D 489 17.73 -18.47 17.08
N LEU D 490 18.33 -19.59 17.49
CA LEU D 490 19.72 -19.58 17.94
C LEU D 490 20.69 -19.45 16.78
N GLN D 491 20.27 -19.82 15.56
CA GLN D 491 21.07 -19.47 14.40
C GLN D 491 21.23 -17.95 14.27
N GLY D 492 20.17 -17.20 14.52
CA GLY D 492 20.20 -15.75 14.37
C GLY D 492 20.74 -15.02 15.57
N VAL D 493 20.51 -15.54 16.77
CA VAL D 493 20.97 -14.86 17.98
C VAL D 493 22.49 -14.82 18.03
N TYR D 494 23.15 -15.89 17.56
CA TYR D 494 24.61 -15.98 17.53
C TYR D 494 25.19 -15.62 16.17
N ASN D 495 24.49 -14.79 15.39
CA ASN D 495 24.99 -14.27 14.12
C ASN D 495 25.59 -12.89 14.37
N GLN D 496 26.86 -12.73 14.03
CA GLN D 496 27.62 -11.51 14.27
C GLN D 496 28.40 -11.15 13.03
N PRO D 497 28.66 -9.88 12.77
CA PRO D 497 29.58 -9.54 11.68
C PRO D 497 30.98 -9.99 12.01
N PRO D 498 31.82 -10.20 10.99
CA PRO D 498 33.14 -10.79 11.24
C PRO D 498 34.04 -9.84 12.02
N PRO D 499 35.09 -10.35 12.67
CA PRO D 499 35.95 -9.45 13.47
C PRO D 499 36.69 -8.42 12.64
N GLN D 500 36.88 -8.65 11.34
CA GLN D 500 37.59 -7.74 10.46
C GLN D 500 36.71 -7.42 9.27
N PRO D 501 36.86 -6.24 8.66
CA PRO D 501 36.01 -5.90 7.50
C PRO D 501 36.22 -6.81 6.30
N PHE D 502 37.46 -7.22 6.03
CA PHE D 502 37.80 -8.02 4.86
C PHE D 502 38.32 -9.38 5.32
N PRO D 503 37.62 -10.49 5.07
CA PRO D 503 38.19 -11.79 5.42
C PRO D 503 39.51 -12.05 4.72
N GLY D 504 40.46 -12.63 5.45
CA GLY D 504 41.80 -12.87 4.95
C GLY D 504 42.77 -11.73 5.15
N ASP D 505 42.28 -10.54 5.51
CA ASP D 505 43.11 -9.36 5.72
C ASP D 505 43.14 -9.03 7.20
N PRO D 506 44.29 -9.06 7.90
CA PRO D 506 44.25 -8.83 9.35
C PRO D 506 43.97 -7.38 9.74
N TYR D 507 44.13 -6.42 8.82
CA TYR D 507 44.00 -5.01 9.18
C TYR D 507 42.56 -4.68 9.56
N SER D 508 42.41 -3.76 10.51
CA SER D 508 41.11 -3.38 11.04
C SER D 508 40.51 -2.14 10.38
N TYR D 509 41.33 -1.31 9.72
CA TYR D 509 40.85 -0.07 9.10
C TYR D 509 40.16 0.83 10.12
N ASN D 510 40.77 0.95 11.29
CA ASN D 510 40.27 1.78 12.38
C ASN D 510 41.25 2.90 12.68
N VAL D 511 40.72 4.04 13.13
CA VAL D 511 41.56 5.20 13.43
C VAL D 511 42.52 4.91 14.56
N GLN D 512 42.20 3.96 15.44
CA GLN D 512 43.11 3.59 16.51
C GLN D 512 44.41 3.00 15.96
N ASP D 513 44.36 2.35 14.81
CA ASP D 513 45.51 1.69 14.19
C ASP D 513 45.86 2.44 12.91
N LYS D 514 46.69 3.46 13.05
CA LYS D 514 47.18 4.23 11.91
C LYS D 514 48.44 3.55 11.36
N ARG D 515 48.43 3.28 10.06
CA ARG D 515 49.54 2.60 9.39
C ARG D 515 50.51 3.64 8.83
N PHE D 516 51.30 4.22 9.73
CA PHE D 516 52.21 5.31 9.39
C PHE D 516 53.21 4.88 8.31
N ILE D 517 53.45 5.77 7.35
CA ILE D 517 54.45 5.52 6.32
C ILE D 517 55.85 5.79 6.86
N LYS E 21 10.37 41.35 -45.96
CA LYS E 21 9.03 41.65 -46.53
C LYS E 21 7.94 41.57 -45.48
N ASN E 22 8.10 40.63 -44.54
CA ASN E 22 7.08 40.41 -43.52
C ASN E 22 6.96 41.64 -42.63
N GLU E 23 5.73 42.16 -42.51
CA GLU E 23 5.48 43.30 -41.63
C GLU E 23 5.64 42.92 -40.16
N GLU E 24 5.45 41.65 -39.81
CA GLU E 24 5.66 41.22 -38.44
C GLU E 24 7.09 41.44 -37.99
N LEU E 25 8.07 41.15 -38.85
CA LEU E 25 9.47 41.36 -38.49
C LEU E 25 9.78 42.83 -38.29
N ARG E 26 9.27 43.69 -39.18
CA ARG E 26 9.48 45.13 -39.02
C ARG E 26 8.87 45.63 -37.73
N LEU E 27 7.64 45.20 -37.41
CA LEU E 27 7.01 45.62 -36.18
C LEU E 27 7.78 45.12 -34.96
N TYR E 28 8.23 43.88 -34.99
CA TYR E 28 8.97 43.31 -33.87
C TYR E 28 10.27 44.07 -33.63
N HIS E 29 11.00 44.37 -34.71
CA HIS E 29 12.24 45.13 -34.55
C HIS E 29 11.96 46.54 -34.06
N HIS E 30 10.88 47.16 -34.54
CA HIS E 30 10.53 48.51 -34.09
C HIS E 30 10.19 48.53 -32.62
N LEU E 31 9.49 47.50 -32.12
CA LEU E 31 9.05 47.49 -30.73
C LEU E 31 10.13 47.05 -29.75
N PHE E 32 10.98 46.09 -30.14
CA PHE E 32 11.84 45.39 -29.19
C PHE E 32 13.33 45.67 -29.37
N ASN E 33 13.72 46.57 -30.27
CA ASN E 33 15.14 46.83 -30.46
C ASN E 33 15.75 47.52 -29.24
N ASN E 34 14.96 48.34 -28.54
CA ASN E 34 15.45 49.16 -27.42
C ASN E 34 14.47 49.01 -26.25
N TYR E 35 14.13 47.75 -25.92
CA TYR E 35 13.14 47.42 -24.92
C TYR E 35 13.79 46.61 -23.80
N ASP E 36 13.42 46.93 -22.56
CA ASP E 36 13.97 46.28 -21.37
C ASP E 36 12.87 45.51 -20.65
N PRO E 37 12.83 44.17 -20.70
CA PRO E 37 11.78 43.46 -19.95
C PRO E 37 11.96 43.48 -18.45
N GLY E 38 13.13 43.91 -17.94
CA GLY E 38 13.35 43.94 -16.50
C GLY E 38 12.70 45.11 -15.79
N SER E 39 12.36 46.17 -16.52
CA SER E 39 11.79 47.38 -15.93
C SER E 39 10.28 47.41 -16.12
N ARG E 40 9.58 47.94 -15.12
CA ARG E 40 8.13 48.01 -15.18
C ARG E 40 7.69 49.01 -16.26
N PRO E 41 6.51 48.81 -16.87
CA PRO E 41 6.02 49.81 -17.84
C PRO E 41 5.37 51.02 -17.16
N VAL E 42 6.20 51.89 -16.59
CA VAL E 42 5.76 53.10 -15.93
C VAL E 42 6.69 54.24 -16.30
N ARG E 43 6.11 55.42 -16.52
CA ARG E 43 6.90 56.59 -16.86
C ARG E 43 7.63 57.16 -15.65
N GLU E 44 7.08 56.99 -14.45
CA GLU E 44 7.67 57.43 -13.20
C GLU E 44 7.79 56.25 -12.24
N PRO E 45 8.82 56.22 -11.37
CA PRO E 45 8.91 55.09 -10.43
C PRO E 45 7.76 54.99 -9.46
N GLU E 46 7.08 56.10 -9.15
CA GLU E 46 5.99 56.09 -8.19
C GLU E 46 4.66 55.63 -8.78
N ASP E 47 4.55 55.54 -10.10
CA ASP E 47 3.33 55.06 -10.73
C ASP E 47 3.15 53.56 -10.49
N THR E 48 1.90 53.11 -10.64
CA THR E 48 1.52 51.73 -10.44
C THR E 48 1.03 51.13 -11.75
N VAL E 49 1.38 49.87 -11.97
CA VAL E 49 0.88 49.10 -13.11
C VAL E 49 -0.39 48.38 -12.69
N THR E 50 -1.48 48.63 -13.40
CA THR E 50 -2.75 47.98 -13.13
C THR E 50 -2.86 46.72 -13.99
N ILE E 51 -3.10 45.59 -13.34
CA ILE E 51 -3.23 44.29 -14.01
C ILE E 51 -4.68 43.86 -13.89
N SER E 52 -5.35 43.69 -15.03
CA SER E 52 -6.70 43.12 -15.05
C SER E 52 -6.58 41.60 -15.06
N LEU E 53 -7.20 40.95 -14.07
CA LEU E 53 -7.05 39.51 -13.85
C LEU E 53 -8.37 38.80 -14.09
N LYS E 54 -8.27 37.63 -14.72
CA LYS E 54 -9.37 36.67 -14.85
C LYS E 54 -8.79 35.28 -14.71
N VAL E 55 -9.54 34.39 -14.05
CA VAL E 55 -9.14 33.00 -13.88
C VAL E 55 -10.27 32.14 -14.42
N THR E 56 -9.99 31.36 -15.46
CA THR E 56 -10.96 30.45 -16.04
C THR E 56 -10.65 29.03 -15.58
N LEU E 57 -11.62 28.39 -14.93
CA LEU E 57 -11.49 26.99 -14.53
C LEU E 57 -12.01 26.12 -15.67
N THR E 58 -11.16 25.22 -16.18
CA THR E 58 -11.58 24.27 -17.20
C THR E 58 -11.87 22.89 -16.63
N ASN E 59 -11.25 22.52 -15.51
CA ASN E 59 -11.49 21.22 -14.92
C ASN E 59 -11.04 21.25 -13.47
N LEU E 60 -11.99 21.07 -12.54
CA LEU E 60 -11.64 20.72 -11.17
C LEU E 60 -11.20 19.27 -11.19
N ILE E 61 -9.88 19.04 -11.24
CA ILE E 61 -9.39 17.69 -11.46
C ILE E 61 -9.68 16.81 -10.27
N SER E 62 -9.28 17.23 -9.07
CA SER E 62 -9.53 16.35 -7.93
C SER E 62 -9.32 17.10 -6.62
N LEU E 63 -9.83 16.51 -5.54
CA LEU E 63 -9.52 16.89 -4.18
C LEU E 63 -8.98 15.65 -3.47
N ASN E 64 -7.68 15.63 -3.21
CA ASN E 64 -7.01 14.53 -2.51
C ASN E 64 -7.14 14.83 -1.02
N GLU E 65 -8.08 14.12 -0.38
CA GLU E 65 -8.35 14.34 1.04
C GLU E 65 -7.15 13.98 1.91
N LYS E 66 -6.46 12.88 1.59
CA LYS E 66 -5.33 12.45 2.39
C LYS E 66 -4.21 13.48 2.37
N GLU E 67 -3.91 14.03 1.20
CA GLU E 67 -2.90 15.08 1.07
C GLU E 67 -3.47 16.48 1.30
N GLU E 68 -4.80 16.61 1.43
CA GLU E 68 -5.46 17.91 1.58
C GLU E 68 -5.05 18.85 0.44
N THR E 69 -5.12 18.33 -0.78
CA THR E 69 -4.61 19.03 -1.96
C THR E 69 -5.69 19.09 -3.03
N LEU E 70 -5.95 20.29 -3.54
CA LEU E 70 -6.88 20.49 -4.64
C LEU E 70 -6.09 20.64 -5.93
N THR E 71 -6.40 19.81 -6.92
CA THR E 71 -5.76 19.87 -8.24
C THR E 71 -6.76 20.42 -9.24
N THR E 72 -6.37 21.52 -9.90
CA THR E 72 -7.23 22.24 -10.84
C THR E 72 -6.48 22.55 -12.12
N SER E 73 -7.22 22.65 -13.22
CA SER E 73 -6.72 23.11 -14.51
C SER E 73 -7.38 24.45 -14.85
N VAL E 74 -6.56 25.47 -15.10
CA VAL E 74 -7.05 26.83 -15.25
C VAL E 74 -6.31 27.53 -16.38
N TRP E 75 -6.90 28.62 -16.85
CA TRP E 75 -6.24 29.63 -17.68
C TRP E 75 -6.17 30.90 -16.84
N ILE E 76 -4.97 31.47 -16.72
CA ILE E 76 -4.74 32.67 -15.93
C ILE E 76 -4.60 33.84 -16.90
N GLY E 77 -5.71 34.50 -17.20
CA GLY E 77 -5.67 35.64 -18.11
C GLY E 77 -5.31 36.92 -17.41
N ILE E 78 -4.23 37.58 -17.83
CA ILE E 78 -3.85 38.88 -17.32
C ILE E 78 -3.71 39.84 -18.48
N ASP E 79 -4.26 41.04 -18.31
CA ASP E 79 -4.20 42.11 -19.29
C ASP E 79 -3.59 43.34 -18.66
N TRP E 80 -2.79 44.08 -19.41
CA TRP E 80 -2.27 45.35 -18.91
C TRP E 80 -1.82 46.21 -20.08
N GLN E 81 -1.30 47.39 -19.76
CA GLN E 81 -0.79 48.34 -20.73
C GLN E 81 0.72 48.45 -20.60
N ASP E 82 1.41 48.36 -21.73
CA ASP E 82 2.85 48.60 -21.82
C ASP E 82 3.03 49.69 -22.86
N TYR E 83 3.22 50.92 -22.40
CA TYR E 83 3.30 52.06 -23.32
C TYR E 83 4.48 51.92 -24.28
N ARG E 84 5.52 51.21 -23.88
CA ARG E 84 6.67 51.00 -24.76
C ARG E 84 6.32 50.12 -25.95
N LEU E 85 5.27 49.30 -25.85
CA LEU E 85 4.87 48.27 -26.86
C LEU E 85 3.64 48.74 -27.65
N ASN E 86 3.42 50.06 -27.69
CA ASN E 86 2.32 50.70 -28.47
C ASN E 86 2.74 50.88 -29.93
N TYR E 87 1.83 50.55 -30.84
CA TYR E 87 1.93 50.76 -32.31
C TYR E 87 0.54 50.95 -32.90
N SER E 88 0.47 51.42 -34.15
CA SER E 88 -0.76 51.56 -34.93
C SER E 88 -0.72 50.62 -36.12
N LYS E 89 -1.88 50.04 -36.44
CA LYS E 89 -1.96 49.13 -37.58
C LYS E 89 -1.61 49.83 -38.89
N ASP E 90 -2.01 51.10 -39.03
CA ASP E 90 -1.82 51.82 -40.29
C ASP E 90 -0.35 51.94 -40.67
N ASP E 91 0.54 51.95 -39.68
CA ASP E 91 1.97 52.06 -39.93
C ASP E 91 2.64 50.71 -40.20
N PHE E 92 1.92 49.59 -40.08
CA PHE E 92 2.52 48.27 -40.18
C PHE E 92 1.62 47.33 -40.97
N GLY E 93 1.09 47.80 -42.10
CA GLY E 93 0.37 46.94 -43.01
C GLY E 93 -0.91 46.38 -42.48
N GLY E 94 -1.51 47.01 -41.47
CA GLY E 94 -2.77 46.53 -40.92
C GLY E 94 -2.65 45.48 -39.85
N ILE E 95 -1.46 45.24 -39.30
CA ILE E 95 -1.32 44.27 -38.23
C ILE E 95 -1.97 44.81 -36.97
N GLU E 96 -2.86 44.00 -36.38
CA GLU E 96 -3.57 44.35 -35.16
C GLU E 96 -3.18 43.49 -33.97
N THR E 97 -2.42 42.42 -34.17
CA THR E 97 -2.00 41.54 -33.08
C THR E 97 -0.64 40.97 -33.43
N LEU E 98 0.25 40.90 -32.44
CA LEU E 98 1.57 40.30 -32.59
C LEU E 98 1.77 39.30 -31.46
N ARG E 99 2.03 38.04 -31.83
CA ARG E 99 2.39 37.02 -30.86
C ARG E 99 3.88 37.10 -30.58
N VAL E 100 4.25 37.18 -29.31
CA VAL E 100 5.65 37.33 -28.91
C VAL E 100 5.92 36.36 -27.77
N PRO E 101 7.10 35.72 -27.68
CA PRO E 101 7.39 34.92 -26.48
C PRO E 101 7.34 35.76 -25.23
N SER E 102 6.77 35.18 -24.16
CA SER E 102 6.57 35.93 -22.93
C SER E 102 7.88 36.35 -22.29
N GLU E 103 8.97 35.64 -22.57
CA GLU E 103 10.27 35.99 -21.98
C GLU E 103 10.80 37.32 -22.47
N LEU E 104 10.32 37.83 -23.61
CA LEU E 104 10.82 39.07 -24.17
C LEU E 104 10.12 40.32 -23.64
N VAL E 105 9.00 40.17 -22.92
CA VAL E 105 8.24 41.30 -22.39
C VAL E 105 8.32 41.28 -20.87
N TRP E 106 8.14 42.45 -20.28
CA TRP E 106 7.94 42.51 -18.83
C TRP E 106 6.64 41.80 -18.47
N LEU E 107 6.67 41.06 -17.36
CA LEU E 107 5.51 40.40 -16.80
C LEU E 107 5.37 40.79 -15.34
N PRO E 108 4.15 40.78 -14.79
CA PRO E 108 3.99 41.08 -13.36
C PRO E 108 4.34 39.93 -12.44
N GLU E 109 4.62 38.74 -12.97
CA GLU E 109 5.07 37.58 -12.18
C GLU E 109 4.00 37.15 -11.18
N ILE E 110 2.81 36.85 -11.70
CA ILE E 110 1.73 36.35 -10.86
C ILE E 110 1.99 34.89 -10.55
N VAL E 111 1.82 34.53 -9.27
CA VAL E 111 2.03 33.18 -8.77
C VAL E 111 0.86 32.81 -7.87
N LEU E 112 0.65 31.51 -7.72
CA LEU E 112 -0.28 30.96 -6.73
C LEU E 112 0.50 30.81 -5.43
N GLU E 113 0.21 31.68 -4.47
CA GLU E 113 0.98 31.68 -3.22
C GLU E 113 0.72 30.43 -2.40
N ASN E 114 -0.52 29.95 -2.39
CA ASN E 114 -0.92 28.83 -1.54
C ASN E 114 -0.80 27.48 -2.24
N ASN E 115 0.14 27.34 -3.16
CA ASN E 115 0.47 26.03 -3.72
C ASN E 115 1.10 25.15 -2.66
N ILE E 116 0.93 23.83 -2.83
CA ILE E 116 1.45 22.84 -1.88
C ILE E 116 2.67 22.10 -2.42
N ASP E 117 2.89 22.08 -3.74
CA ASP E 117 3.94 21.28 -4.35
C ASP E 117 5.17 22.10 -4.73
N GLY E 118 5.22 23.38 -4.40
CA GLY E 118 6.33 24.23 -4.79
C GLY E 118 6.24 24.78 -6.20
N GLN E 119 5.17 24.48 -6.94
CA GLN E 119 4.99 24.99 -8.29
C GLN E 119 4.23 26.32 -8.20
N PHE E 120 4.98 27.41 -8.22
CA PHE E 120 4.38 28.74 -8.12
C PHE E 120 3.85 29.24 -9.46
N GLY E 121 4.60 29.05 -10.54
CA GLY E 121 4.27 29.64 -11.82
C GLY E 121 3.35 28.79 -12.67
N VAL E 122 3.09 29.29 -13.88
CA VAL E 122 2.21 28.60 -14.82
C VAL E 122 2.92 27.39 -15.42
N ALA E 123 2.14 26.53 -16.07
CA ALA E 123 2.67 25.26 -16.57
C ALA E 123 3.36 25.43 -17.92
N TYR E 124 2.79 26.22 -18.82
CA TYR E 124 3.31 26.42 -20.17
C TYR E 124 3.48 27.90 -20.41
N ASP E 125 4.69 28.31 -20.79
CA ASP E 125 5.01 29.72 -21.06
C ASP E 125 4.53 30.05 -22.48
N ALA E 126 3.24 30.35 -22.59
CA ALA E 126 2.65 30.68 -23.88
C ALA E 126 3.10 32.05 -24.33
N ASN E 127 2.89 32.33 -25.61
CA ASN E 127 3.14 33.67 -26.14
C ASN E 127 2.18 34.68 -25.53
N VAL E 128 2.66 35.90 -25.37
CA VAL E 128 1.80 37.05 -25.13
C VAL E 128 1.28 37.55 -26.47
N LEU E 129 0.12 38.20 -26.43
CA LEU E 129 -0.46 38.88 -27.56
C LEU E 129 -0.37 40.38 -27.31
N VAL E 130 0.31 41.09 -28.20
CA VAL E 130 0.46 42.54 -28.12
C VAL E 130 -0.48 43.12 -29.17
N TYR E 131 -1.51 43.82 -28.70
CA TYR E 131 -2.43 44.51 -29.59
C TYR E 131 -1.99 45.96 -29.79
N GLU E 132 -2.53 46.58 -30.83
CA GLU E 132 -2.27 48.00 -31.04
C GLU E 132 -2.86 48.80 -29.88
N GLY E 133 -2.15 49.87 -29.50
CA GLY E 133 -2.52 50.67 -28.36
C GLY E 133 -1.76 50.36 -27.08
N GLY E 134 -0.78 49.46 -27.14
CA GLY E 134 -0.02 49.10 -25.96
C GLY E 134 -0.65 48.04 -25.09
N SER E 135 -1.77 47.46 -25.50
CA SER E 135 -2.42 46.43 -24.71
C SER E 135 -1.67 45.11 -24.85
N VAL E 136 -1.39 44.47 -23.71
CA VAL E 136 -0.71 43.19 -23.65
C VAL E 136 -1.61 42.21 -22.93
N THR E 137 -1.82 41.04 -23.54
CA THR E 137 -2.65 39.98 -22.99
C THR E 137 -1.81 38.71 -22.87
N TRP E 138 -2.00 37.98 -21.78
CA TRP E 138 -1.32 36.70 -21.55
C TRP E 138 -2.33 35.74 -20.94
N LEU E 139 -2.53 34.60 -21.61
CA LEU E 139 -3.51 33.59 -21.17
C LEU E 139 -2.90 32.19 -21.15
N PRO E 140 -1.91 31.95 -20.29
CA PRO E 140 -1.27 30.64 -20.27
C PRO E 140 -2.18 29.63 -19.59
N PRO E 141 -1.97 28.33 -19.85
CA PRO E 141 -2.64 27.31 -19.06
C PRO E 141 -1.82 26.96 -17.81
N ALA E 142 -2.47 26.28 -16.88
CA ALA E 142 -1.77 25.88 -15.66
C ALA E 142 -2.51 24.72 -14.99
N ILE E 143 -1.72 23.80 -14.43
CA ILE E 143 -2.19 22.80 -13.48
C ILE E 143 -1.68 23.25 -12.11
N TYR E 144 -2.60 23.54 -11.20
CA TYR E 144 -2.25 24.01 -9.87
C TYR E 144 -2.66 22.99 -8.82
N ARG E 145 -1.74 22.74 -7.89
CA ARG E 145 -1.97 21.85 -6.74
C ARG E 145 -1.90 22.74 -5.49
N SER E 146 -3.08 23.10 -4.98
CA SER E 146 -3.23 24.09 -3.92
C SER E 146 -3.59 23.41 -2.61
N VAL E 147 -3.32 24.13 -1.52
CA VAL E 147 -3.63 23.67 -0.17
C VAL E 147 -5.11 23.90 0.08
N CYS E 148 -5.81 22.85 0.52
CA CYS E 148 -7.21 22.94 0.94
C CYS E 148 -7.39 22.08 2.18
N ALA E 149 -7.51 22.70 3.34
CA ALA E 149 -7.81 21.95 4.56
C ALA E 149 -9.22 21.39 4.48
N VAL E 150 -9.34 20.09 4.74
CA VAL E 150 -10.60 19.37 4.56
C VAL E 150 -11.34 19.33 5.90
N GLU E 151 -12.56 19.85 5.90
CA GLU E 151 -13.43 19.76 7.07
C GLU E 151 -14.14 18.41 7.01
N VAL E 152 -13.80 17.51 7.94
CA VAL E 152 -14.20 16.11 7.83
C VAL E 152 -15.52 15.80 8.53
N THR E 153 -16.14 16.79 9.19
CA THR E 153 -17.19 16.49 10.17
C THR E 153 -18.38 15.78 9.54
N TYR E 154 -18.79 16.21 8.35
CA TYR E 154 -19.99 15.71 7.70
C TYR E 154 -19.70 14.83 6.48
N PHE E 155 -18.48 14.30 6.35
CA PHE E 155 -18.13 13.38 5.28
C PHE E 155 -19.03 12.15 5.37
N PRO E 156 -19.61 11.65 4.26
CA PRO E 156 -19.50 12.05 2.85
C PRO E 156 -20.53 13.10 2.40
N PHE E 157 -21.28 13.70 3.31
CA PHE E 157 -22.25 14.75 2.99
C PHE E 157 -21.68 16.13 3.24
N ASP E 158 -20.38 16.30 2.99
CA ASP E 158 -19.66 17.51 3.33
C ASP E 158 -19.57 18.45 2.13
N TRP E 159 -19.30 19.71 2.43
CA TRP E 159 -18.93 20.71 1.44
C TRP E 159 -17.63 21.37 1.89
N GLN E 160 -16.82 21.81 0.93
CA GLN E 160 -15.44 22.28 1.14
C GLN E 160 -15.36 23.73 0.69
N ASN E 161 -14.35 24.45 1.18
CA ASN E 161 -14.05 25.86 0.87
C ASN E 161 -12.57 25.95 0.54
N CYS E 162 -12.22 25.72 -0.72
CA CYS E 162 -10.83 25.57 -1.22
C CYS E 162 -10.42 26.88 -1.91
N SER E 163 -9.45 27.59 -1.35
CA SER E 163 -9.07 28.92 -1.79
C SER E 163 -7.92 28.86 -2.79
N LEU E 164 -7.93 29.80 -3.73
CA LEU E 164 -6.85 30.01 -4.70
C LEU E 164 -6.37 31.45 -4.50
N ILE E 165 -5.15 31.61 -4.01
CA ILE E 165 -4.59 32.92 -3.68
C ILE E 165 -3.52 33.25 -4.70
N PHE E 166 -3.69 34.36 -5.41
CA PHE E 166 -2.79 34.81 -6.46
C PHE E 166 -2.17 36.14 -6.04
N ARG E 167 -0.86 36.26 -6.25
CA ARG E 167 -0.17 37.51 -5.95
C ARG E 167 1.05 37.65 -6.83
N SER E 168 1.56 38.87 -6.95
CA SER E 168 2.84 39.07 -7.60
C SER E 168 3.97 38.63 -6.66
N GLN E 169 4.85 37.77 -7.17
CA GLN E 169 5.96 37.28 -6.35
C GLN E 169 6.98 38.37 -6.08
N THR E 170 7.08 39.38 -6.94
CA THR E 170 8.16 40.35 -6.92
C THR E 170 7.74 41.73 -6.41
N TYR E 171 6.57 42.22 -6.83
CA TYR E 171 6.22 43.63 -6.68
C TYR E 171 5.21 43.82 -5.56
N ASN E 172 5.31 44.96 -4.88
CA ASN E 172 4.35 45.35 -3.87
C ASN E 172 3.15 46.03 -4.51
N ALA E 173 2.16 46.39 -3.67
CA ALA E 173 0.91 46.93 -4.17
C ALA E 173 1.12 48.28 -4.85
N GLU E 174 2.03 49.10 -4.34
CA GLU E 174 2.29 50.40 -4.96
C GLU E 174 2.93 50.27 -6.33
N GLU E 175 3.62 49.17 -6.62
CA GLU E 175 4.24 48.93 -7.90
C GLU E 175 3.32 48.22 -8.89
N VAL E 176 2.60 47.18 -8.44
CA VAL E 176 1.64 46.46 -9.27
C VAL E 176 0.38 46.21 -8.44
N GLU E 177 -0.77 46.53 -9.02
CA GLU E 177 -2.07 46.30 -8.39
C GLU E 177 -2.94 45.45 -9.31
N PHE E 178 -3.99 44.88 -8.73
CA PHE E 178 -4.90 43.98 -9.42
C PHE E 178 -6.30 44.58 -9.49
N THR E 179 -6.95 44.37 -10.63
CA THR E 179 -8.38 44.62 -10.78
C THR E 179 -8.98 43.42 -11.51
N PHE E 180 -10.27 43.19 -11.28
CA PHE E 180 -10.96 42.11 -11.98
C PHE E 180 -11.31 42.54 -13.40
N ALA E 181 -11.28 41.58 -14.32
CA ALA E 181 -11.69 41.85 -15.69
C ALA E 181 -13.19 42.13 -15.73
N VAL E 182 -13.62 42.78 -16.82
CA VAL E 182 -15.01 43.17 -17.02
C VAL E 182 -15.54 42.47 -18.26
N ASP E 183 -16.85 42.22 -18.25
CA ASP E 183 -17.52 41.54 -19.35
C ASP E 183 -17.95 42.57 -20.41
N ASN E 184 -18.79 42.14 -21.35
CA ASN E 184 -19.21 43.03 -22.43
C ASN E 184 -20.00 44.22 -21.89
N ASP E 185 -20.86 43.99 -20.90
CA ASP E 185 -21.71 45.04 -20.35
C ASP E 185 -20.98 45.97 -19.39
N GLY E 186 -19.67 45.80 -19.19
CA GLY E 186 -18.95 46.61 -18.23
C GLY E 186 -19.09 46.16 -16.79
N LYS E 187 -19.51 44.92 -16.57
CA LYS E 187 -19.72 44.39 -15.23
C LYS E 187 -18.48 43.63 -14.79
N THR E 188 -17.96 43.95 -13.61
CA THR E 188 -16.76 43.29 -13.10
C THR E 188 -17.01 41.80 -12.89
N ILE E 189 -16.09 40.99 -13.40
CA ILE E 189 -16.17 39.52 -13.23
C ILE E 189 -15.35 39.20 -11.99
N ASN E 190 -16.00 39.33 -10.82
CA ASN E 190 -15.38 39.04 -9.54
C ASN E 190 -15.70 37.61 -9.10
N LYS E 191 -15.34 36.67 -9.98
CA LYS E 191 -15.55 35.24 -9.73
C LYS E 191 -14.66 34.45 -10.68
N ILE E 192 -14.61 33.15 -10.45
CA ILE E 192 -13.96 32.25 -11.40
C ILE E 192 -14.79 32.23 -12.68
N ASP E 193 -14.15 32.49 -13.81
CA ASP E 193 -14.85 32.46 -15.09
C ASP E 193 -15.05 31.02 -15.55
N ILE E 194 -16.18 30.77 -16.19
CA ILE E 194 -16.50 29.47 -16.77
C ILE E 194 -16.89 29.69 -18.22
N ASP E 195 -16.13 29.11 -19.14
CA ASP E 195 -16.46 29.09 -20.56
C ASP E 195 -17.06 27.74 -20.88
N THR E 196 -18.28 27.73 -21.42
CA THR E 196 -18.97 26.48 -21.69
C THR E 196 -18.25 25.64 -22.74
N GLU E 197 -17.51 26.28 -23.64
CA GLU E 197 -16.75 25.55 -24.64
C GLU E 197 -15.55 24.81 -24.06
N ALA E 198 -15.08 25.19 -22.87
CA ALA E 198 -13.86 24.62 -22.30
C ALA E 198 -14.04 24.35 -20.81
N TYR E 199 -15.17 23.76 -20.43
CA TYR E 199 -15.44 23.37 -19.04
C TYR E 199 -15.78 21.89 -18.96
N THR E 200 -15.22 21.22 -17.96
CA THR E 200 -15.48 19.82 -17.67
C THR E 200 -16.02 19.72 -16.25
N GLU E 201 -17.13 19.01 -16.08
CA GLU E 201 -17.75 18.83 -14.77
C GLU E 201 -17.13 17.63 -14.06
N ASN E 202 -16.80 17.82 -12.78
CA ASN E 202 -16.28 16.73 -11.96
C ASN E 202 -17.42 15.84 -11.50
N GLY E 203 -17.19 14.53 -11.54
CA GLY E 203 -18.24 13.57 -11.21
C GLY E 203 -18.55 13.47 -9.73
N GLU E 204 -17.63 13.90 -8.87
CA GLU E 204 -17.79 13.80 -7.42
C GLU E 204 -18.00 15.14 -6.74
N TRP E 205 -17.66 16.25 -7.39
CA TRP E 205 -17.65 17.57 -6.77
C TRP E 205 -18.38 18.55 -7.66
N ALA E 206 -19.52 19.04 -7.19
CA ALA E 206 -20.21 20.17 -7.81
C ALA E 206 -19.65 21.46 -7.25
N ILE E 207 -19.60 22.49 -8.10
CA ILE E 207 -19.08 23.81 -7.72
C ILE E 207 -20.29 24.71 -7.51
N ASP E 208 -20.61 24.95 -6.24
CA ASP E 208 -21.77 25.78 -5.92
C ASP E 208 -21.45 27.27 -6.05
N PHE E 209 -20.28 27.69 -5.54
CA PHE E 209 -19.91 29.12 -5.61
C PHE E 209 -18.42 29.26 -5.90
N CYS E 210 -18.07 30.41 -6.46
CA CYS E 210 -16.67 30.74 -6.71
C CYS E 210 -16.42 32.25 -6.69
N PRO E 211 -16.74 32.95 -5.60
CA PRO E 211 -16.47 34.39 -5.56
C PRO E 211 -14.98 34.68 -5.53
N GLY E 212 -14.60 35.81 -6.12
CA GLY E 212 -13.25 36.34 -6.06
C GLY E 212 -13.26 37.68 -5.35
N VAL E 213 -12.21 37.94 -4.57
CA VAL E 213 -12.08 39.17 -3.79
C VAL E 213 -10.64 39.66 -3.91
N ILE E 214 -10.48 40.95 -4.13
CA ILE E 214 -9.17 41.59 -4.12
C ILE E 214 -8.94 42.17 -2.72
N ARG E 215 -7.90 41.69 -2.05
CA ARG E 215 -7.57 42.11 -0.68
C ARG E 215 -6.32 42.98 -0.71
N ARG E 216 -6.35 44.05 0.08
CA ARG E 216 -5.22 44.94 0.29
C ARG E 216 -4.98 45.06 1.79
N HIS E 217 -3.71 45.06 2.19
CA HIS E 217 -3.37 45.06 3.61
C HIS E 217 -1.94 45.54 3.78
N HIS E 218 -1.49 45.55 5.03
CA HIS E 218 -0.13 45.94 5.42
C HIS E 218 0.17 47.38 4.99
N GLY E 219 -0.87 48.23 4.90
CA GLY E 219 -0.71 49.61 4.53
C GLY E 219 -0.29 50.54 5.63
N GLY E 220 -0.08 50.04 6.85
CA GLY E 220 0.33 50.90 7.94
C GLY E 220 1.72 51.47 7.74
N ALA E 221 1.98 52.61 8.38
CA ALA E 221 3.27 53.26 8.25
C ALA E 221 4.39 52.39 8.81
N THR E 222 4.16 51.78 9.97
CA THR E 222 5.16 50.86 10.53
C THR E 222 5.31 49.63 9.66
N ASP E 223 4.22 49.19 9.02
CA ASP E 223 4.28 48.01 8.17
C ASP E 223 5.20 48.23 6.97
N GLY E 224 5.17 49.43 6.38
CA GLY E 224 5.94 49.74 5.20
C GLY E 224 5.07 49.70 3.95
N PRO E 225 5.60 49.26 2.81
CA PRO E 225 4.79 49.26 1.59
C PRO E 225 3.62 48.29 1.70
N GLY E 226 2.49 48.67 1.10
CA GLY E 226 1.32 47.84 1.14
C GLY E 226 1.43 46.61 0.27
N GLU E 227 0.62 45.60 0.61
CA GLU E 227 0.57 44.34 -0.11
C GLU E 227 -0.86 44.08 -0.56
N THR E 228 -1.00 43.30 -1.63
CA THR E 228 -2.30 42.98 -2.18
C THR E 228 -2.27 41.58 -2.79
N ASP E 229 -3.44 40.96 -2.85
CA ASP E 229 -3.58 39.68 -3.54
C ASP E 229 -5.04 39.49 -3.94
N VAL E 230 -5.29 38.43 -4.71
CA VAL E 230 -6.63 38.08 -5.17
C VAL E 230 -6.92 36.66 -4.70
N ILE E 231 -8.02 36.49 -3.97
CA ILE E 231 -8.41 35.19 -3.43
C ILE E 231 -9.74 34.79 -4.05
N TYR E 232 -9.76 33.64 -4.70
CA TYR E 232 -10.98 32.99 -5.14
C TYR E 232 -11.33 31.88 -4.16
N SER E 233 -12.62 31.67 -3.91
CA SER E 233 -13.09 30.71 -2.91
C SER E 233 -14.06 29.73 -3.57
N LEU E 234 -13.56 28.55 -3.97
CA LEU E 234 -14.40 27.51 -4.54
C LEU E 234 -15.15 26.84 -3.39
N ILE E 235 -16.45 27.13 -3.30
CA ILE E 235 -17.36 26.41 -2.42
C ILE E 235 -17.94 25.26 -3.24
N ILE E 236 -17.52 24.04 -2.89
CA ILE E 236 -17.81 22.84 -3.66
C ILE E 236 -18.55 21.85 -2.78
N ARG E 237 -19.52 21.15 -3.38
CA ARG E 237 -20.37 20.20 -2.67
C ARG E 237 -20.10 18.81 -3.21
N ARG E 238 -19.82 17.86 -2.31
CA ARG E 238 -19.62 16.48 -2.72
C ARG E 238 -20.93 15.84 -3.14
N LYS E 239 -20.86 15.04 -4.22
CA LYS E 239 -22.01 14.24 -4.65
C LYS E 239 -21.90 12.88 -3.97
N PRO E 240 -22.71 12.55 -2.97
CA PRO E 240 -22.41 11.41 -2.10
C PRO E 240 -22.99 10.06 -2.53
N LEU E 241 -23.49 9.93 -3.76
CA LEU E 241 -24.22 8.73 -4.15
C LEU E 241 -23.33 7.49 -4.07
N PHE E 242 -22.08 7.62 -4.51
CA PHE E 242 -21.13 6.51 -4.48
C PHE E 242 -20.92 5.99 -3.07
N TYR E 243 -20.64 6.90 -2.13
CA TYR E 243 -20.38 6.50 -0.75
C TYR E 243 -21.63 5.95 -0.07
N VAL E 244 -22.81 6.46 -0.43
CA VAL E 244 -24.04 5.90 0.10
C VAL E 244 -24.22 4.47 -0.38
N ILE E 245 -24.00 4.22 -1.67
CA ILE E 245 -24.25 2.89 -2.21
C ILE E 245 -23.23 1.90 -1.67
N ASN E 246 -21.95 2.27 -1.66
CA ASN E 246 -20.89 1.29 -1.47
C ASN E 246 -20.36 1.18 -0.04
N ILE E 247 -20.64 2.16 0.82
CA ILE E 247 -20.11 2.18 2.19
C ILE E 247 -21.23 2.24 3.22
N ILE E 248 -22.08 3.26 3.14
CA ILE E 248 -23.02 3.53 4.23
C ILE E 248 -24.07 2.42 4.33
N VAL E 249 -24.68 2.05 3.20
CA VAL E 249 -25.77 1.06 3.24
C VAL E 249 -25.26 -0.30 3.71
N PRO E 250 -24.17 -0.87 3.16
CA PRO E 250 -23.66 -2.13 3.73
C PRO E 250 -23.27 -2.02 5.19
N CYS E 251 -22.66 -0.90 5.60
CA CYS E 251 -22.27 -0.75 7.00
C CYS E 251 -23.50 -0.76 7.90
N VAL E 252 -24.55 -0.05 7.49
CA VAL E 252 -25.78 -0.01 8.28
C VAL E 252 -26.41 -1.39 8.37
N LEU E 253 -26.42 -2.14 7.27
CA LEU E 253 -27.07 -3.45 7.30
C LEU E 253 -26.30 -4.45 8.17
N ILE E 254 -24.97 -4.54 7.99
CA ILE E 254 -24.19 -5.46 8.83
C ILE E 254 -24.18 -4.99 10.28
N SER E 255 -24.35 -3.69 10.52
CA SER E 255 -24.45 -3.22 11.89
C SER E 255 -25.79 -3.58 12.51
N GLY E 256 -26.87 -3.53 11.71
CA GLY E 256 -28.16 -3.99 12.18
C GLY E 256 -28.24 -5.48 12.42
N LEU E 257 -27.38 -6.26 11.75
CA LEU E 257 -27.33 -7.70 12.02
C LEU E 257 -27.00 -8.03 13.48
N VAL E 258 -26.39 -7.11 14.23
CA VAL E 258 -26.05 -7.40 15.62
C VAL E 258 -27.28 -7.67 16.46
N LEU E 259 -28.43 -7.08 16.12
CA LEU E 259 -29.64 -7.29 16.89
C LEU E 259 -30.22 -8.69 16.71
N LEU E 260 -29.77 -9.45 15.70
CA LEU E 260 -30.28 -10.79 15.48
C LEU E 260 -29.82 -11.78 16.55
N ALA E 261 -28.72 -11.49 17.24
CA ALA E 261 -28.21 -12.39 18.28
C ALA E 261 -29.18 -12.56 19.43
N TYR E 262 -30.12 -11.63 19.61
CA TYR E 262 -31.12 -11.74 20.66
C TYR E 262 -32.18 -12.81 20.38
N PHE E 263 -32.40 -13.14 19.12
CA PHE E 263 -33.40 -14.14 18.74
C PHE E 263 -32.83 -15.53 18.58
N LEU E 264 -31.50 -15.72 18.76
CA LEU E 264 -30.92 -17.05 18.70
C LEU E 264 -31.06 -17.76 20.06
N PRO E 265 -31.13 -19.09 20.09
CA PRO E 265 -31.26 -19.77 21.38
C PRO E 265 -30.01 -19.66 22.23
N ALA E 266 -30.21 -19.67 23.54
CA ALA E 266 -29.12 -19.64 24.51
C ALA E 266 -28.70 -21.04 24.91
N GLN E 267 -28.46 -21.89 23.91
CA GLN E 267 -28.04 -23.28 24.07
C GLN E 267 -26.58 -23.41 23.63
N ALA E 268 -26.05 -24.63 23.71
CA ALA E 268 -24.67 -24.86 23.32
C ALA E 268 -24.45 -24.55 21.83
N GLY E 269 -25.39 -24.93 20.98
CA GLY E 269 -25.26 -24.73 19.54
C GLY E 269 -25.98 -23.50 19.02
N GLY E 270 -26.30 -22.55 19.90
CA GLY E 270 -27.03 -21.37 19.48
C GLY E 270 -26.19 -20.39 18.68
N GLN E 271 -24.90 -20.27 19.01
CA GLN E 271 -23.97 -19.39 18.31
C GLN E 271 -24.32 -17.91 18.47
N LYS E 272 -24.84 -17.53 19.63
CA LYS E 272 -25.15 -16.11 19.91
C LYS E 272 -23.81 -15.37 19.92
N CYS E 273 -22.85 -15.84 20.71
CA CYS E 273 -21.52 -15.18 20.84
C CYS E 273 -20.77 -15.24 19.51
N THR E 274 -21.02 -16.24 18.67
CA THR E 274 -20.40 -16.35 17.34
C THR E 274 -20.90 -15.17 16.52
N VAL E 275 -22.21 -15.04 16.33
CA VAL E 275 -22.81 -13.98 15.47
C VAL E 275 -22.39 -12.60 15.98
N SER E 276 -22.36 -12.33 17.28
CA SER E 276 -22.12 -10.99 17.81
C SER E 276 -20.66 -10.57 17.59
N ILE E 277 -19.71 -11.44 17.98
CA ILE E 277 -18.30 -11.09 17.84
C ILE E 277 -17.93 -10.95 16.37
N ASN E 278 -18.53 -11.76 15.49
CA ASN E 278 -18.17 -11.65 14.08
C ASN E 278 -18.75 -10.39 13.45
N VAL E 279 -19.92 -9.94 13.91
CA VAL E 279 -20.42 -8.64 13.48
C VAL E 279 -19.48 -7.53 13.93
N LEU E 280 -18.93 -7.65 15.15
CA LEU E 280 -17.94 -6.68 15.60
C LEU E 280 -16.70 -6.69 14.69
N LEU E 281 -16.27 -7.89 14.27
CA LEU E 281 -15.13 -7.98 13.35
C LEU E 281 -15.45 -7.30 12.02
N ALA E 282 -16.65 -7.51 11.50
CA ALA E 282 -17.05 -6.85 10.26
C ALA E 282 -17.05 -5.34 10.41
N GLN E 283 -17.52 -4.84 11.56
CA GLN E 283 -17.47 -3.41 11.82
C GLN E 283 -16.03 -2.90 11.84
N THR E 284 -15.12 -3.67 12.41
CA THR E 284 -13.70 -3.28 12.39
C THR E 284 -13.16 -3.22 10.96
N VAL E 285 -13.55 -4.18 10.12
CA VAL E 285 -13.13 -4.16 8.73
C VAL E 285 -13.68 -2.91 8.05
N PHE E 286 -14.90 -2.50 8.37
CA PHE E 286 -15.47 -1.29 7.78
C PHE E 286 -14.76 -0.03 8.28
N LEU E 287 -14.30 -0.06 9.53
CA LEU E 287 -13.46 1.02 10.04
C LEU E 287 -12.19 1.15 9.22
N PHE E 288 -11.56 0.01 8.91
CA PHE E 288 -10.40 0.05 8.02
C PHE E 288 -10.80 0.54 6.62
N LEU E 289 -12.01 0.21 6.18
CA LEU E 289 -12.45 0.62 4.85
C LEU E 289 -12.57 2.13 4.75
N ILE E 290 -13.08 2.76 5.81
CA ILE E 290 -13.24 4.21 5.80
C ILE E 290 -11.95 4.92 6.21
N ALA E 291 -11.00 4.23 6.83
CA ALA E 291 -9.70 4.85 7.11
C ALA E 291 -8.99 5.24 5.81
N GLN E 292 -9.07 4.38 4.78
CA GLN E 292 -8.34 4.63 3.54
C GLN E 292 -9.02 5.67 2.64
N LYS E 293 -10.10 6.32 3.07
CA LYS E 293 -10.81 7.33 2.30
C LYS E 293 -10.84 8.71 2.94
N ILE E 294 -10.69 8.80 4.26
CA ILE E 294 -10.85 10.05 4.99
C ILE E 294 -9.50 10.75 5.17
N PRO E 295 -9.46 12.06 5.43
CA PRO E 295 -8.20 12.68 5.83
C PRO E 295 -7.64 12.08 7.10
N GLU E 296 -6.38 12.41 7.39
CA GLU E 296 -5.63 11.86 8.50
C GLU E 296 -5.49 12.88 9.63
N THR E 297 -6.45 13.80 9.73
CA THR E 297 -6.38 14.94 10.64
C THR E 297 -7.19 14.68 11.90
N SER E 298 -7.02 15.57 12.88
CA SER E 298 -7.49 15.36 14.25
C SER E 298 -8.22 16.58 14.80
N LEU E 299 -8.76 17.43 13.93
CA LEU E 299 -9.59 18.55 14.38
C LEU E 299 -11.03 18.15 14.62
N SER E 300 -11.51 17.08 13.99
CA SER E 300 -12.85 16.58 14.20
C SER E 300 -12.90 15.13 13.76
N VAL E 301 -13.91 14.41 14.22
CA VAL E 301 -14.15 13.02 13.85
C VAL E 301 -15.15 13.00 12.70
N PRO E 302 -14.90 12.26 11.61
CA PRO E 302 -15.91 12.20 10.55
C PRO E 302 -17.18 11.52 11.00
N LEU E 303 -18.29 11.90 10.36
CA LEU E 303 -19.60 11.39 10.75
C LEU E 303 -19.66 9.89 10.59
N LEU E 304 -19.10 9.37 9.49
CA LEU E 304 -19.07 7.92 9.30
C LEU E 304 -18.25 7.26 10.40
N GLY E 305 -17.14 7.89 10.80
CA GLY E 305 -16.37 7.37 11.93
C GLY E 305 -17.15 7.36 13.22
N ARG E 306 -17.90 8.44 13.49
CA ARG E 306 -18.70 8.49 14.71
C ARG E 306 -19.76 7.39 14.70
N PHE E 307 -20.41 7.19 13.55
CA PHE E 307 -21.41 6.12 13.45
C PHE E 307 -20.77 4.76 13.67
N LEU E 308 -19.60 4.54 13.08
CA LEU E 308 -18.95 3.23 13.23
C LEU E 308 -18.51 2.98 14.67
N ILE E 309 -17.97 3.99 15.34
CA ILE E 309 -17.56 3.80 16.73
C ILE E 309 -18.78 3.59 17.61
N PHE E 310 -19.88 4.29 17.31
CA PHE E 310 -21.11 4.09 18.07
C PHE E 310 -21.62 2.66 17.94
N VAL E 311 -21.73 2.16 16.71
CA VAL E 311 -22.25 0.81 16.53
C VAL E 311 -21.25 -0.24 17.03
N MET E 312 -19.96 0.06 17.01
CA MET E 312 -18.98 -0.87 17.59
C MET E 312 -19.15 -0.95 19.10
N VAL E 313 -19.37 0.18 19.77
CA VAL E 313 -19.64 0.15 21.20
C VAL E 313 -20.94 -0.60 21.48
N VAL E 314 -21.96 -0.40 20.64
CA VAL E 314 -23.22 -1.09 20.81
C VAL E 314 -23.02 -2.60 20.65
N ALA E 315 -22.22 -3.01 19.66
CA ALA E 315 -21.97 -4.43 19.45
C ALA E 315 -21.18 -5.04 20.60
N THR E 316 -20.24 -4.28 21.18
CA THR E 316 -19.53 -4.74 22.36
C THR E 316 -20.47 -4.95 23.54
N LEU E 317 -21.36 -3.98 23.77
CA LEU E 317 -22.34 -4.12 24.84
C LEU E 317 -23.25 -5.31 24.58
N ILE E 318 -23.62 -5.55 23.32
CA ILE E 318 -24.48 -6.69 22.99
C ILE E 318 -23.73 -8.01 23.15
N VAL E 319 -22.42 -8.03 22.90
CA VAL E 319 -21.64 -9.23 23.19
C VAL E 319 -21.67 -9.53 24.69
N MET E 320 -21.48 -8.50 25.51
CA MET E 320 -21.59 -8.67 26.96
C MET E 320 -22.99 -9.14 27.36
N ASN E 321 -24.01 -8.60 26.70
CA ASN E 321 -25.39 -9.00 26.98
C ASN E 321 -25.61 -10.47 26.63
N CYS E 322 -25.06 -10.91 25.49
CA CYS E 322 -25.19 -12.32 25.10
C CYS E 322 -24.49 -13.22 26.11
N VAL E 323 -23.32 -12.79 26.59
CA VAL E 323 -22.61 -13.58 27.60
C VAL E 323 -23.44 -13.68 28.88
N ILE E 324 -24.05 -12.57 29.31
CA ILE E 324 -24.85 -12.58 30.53
C ILE E 324 -26.07 -13.48 30.35
N VAL E 325 -26.73 -13.40 29.18
CA VAL E 325 -27.91 -14.20 28.94
C VAL E 325 -27.55 -15.68 28.88
N LEU E 326 -26.40 -16.01 28.27
CA LEU E 326 -25.94 -17.40 28.27
C LEU E 326 -25.66 -17.88 29.69
N ASN E 327 -25.06 -17.01 30.51
CA ASN E 327 -24.80 -17.39 31.89
C ASN E 327 -26.10 -17.68 32.63
N VAL E 328 -27.11 -16.83 32.45
CA VAL E 328 -28.37 -16.99 33.17
C VAL E 328 -29.11 -18.23 32.67
N SER E 329 -29.15 -18.45 31.36
CA SER E 329 -29.99 -19.50 30.80
C SER E 329 -29.51 -20.89 31.16
N GLN E 330 -28.20 -21.09 31.26
CA GLN E 330 -27.61 -22.41 31.42
C GLN E 330 -27.37 -22.79 32.87
N ARG E 331 -27.88 -22.01 33.82
CA ARG E 331 -27.76 -22.40 35.23
C ARG E 331 -28.59 -23.65 35.51
N THR E 332 -28.05 -24.51 36.38
CA THR E 332 -28.63 -25.79 36.73
C THR E 332 -28.54 -25.97 38.24
N PRO E 333 -29.44 -26.77 38.86
CA PRO E 333 -29.42 -26.85 40.33
C PRO E 333 -28.13 -27.36 40.93
N THR E 334 -27.36 -28.19 40.23
CA THR E 334 -26.21 -28.84 40.84
C THR E 334 -25.12 -27.84 41.24
N THR E 335 -25.08 -26.67 40.58
CA THR E 335 -24.10 -25.63 40.88
C THR E 335 -24.73 -24.28 41.22
N HIS E 336 -26.06 -24.16 41.17
CA HIS E 336 -26.74 -22.91 41.44
C HIS E 336 -27.99 -23.15 42.27
N ALA E 337 -28.37 -22.11 43.00
CA ALA E 337 -29.59 -22.09 43.80
C ALA E 337 -30.53 -21.04 43.22
N MET E 338 -31.83 -21.36 43.16
CA MET E 338 -32.84 -20.48 42.53
C MET E 338 -32.97 -19.16 43.28
N SER E 339 -32.43 -18.07 42.74
CA SER E 339 -32.58 -16.72 43.27
C SER E 339 -34.07 -16.34 43.20
N PRO E 340 -34.81 -16.32 44.32
CA PRO E 340 -36.25 -16.04 44.20
C PRO E 340 -36.56 -14.62 43.74
N ARG E 341 -35.72 -13.65 44.15
CA ARG E 341 -35.95 -12.27 43.77
C ARG E 341 -35.85 -12.11 42.25
N LEU E 342 -34.82 -12.69 41.65
CA LEU E 342 -34.65 -12.57 40.20
C LEU E 342 -35.78 -13.27 39.46
N ARG E 343 -36.23 -14.43 39.95
CA ARG E 343 -37.37 -15.10 39.35
C ARG E 343 -38.62 -14.23 39.41
N HIS E 344 -38.90 -13.62 40.57
CA HIS E 344 -40.07 -12.76 40.67
C HIS E 344 -39.96 -11.56 39.76
N VAL E 345 -38.77 -10.96 39.66
CA VAL E 345 -38.60 -9.79 38.82
C VAL E 345 -38.81 -10.13 37.35
N LEU E 346 -38.25 -11.26 36.90
CA LEU E 346 -38.19 -11.53 35.47
C LEU E 346 -39.42 -12.28 34.95
N LEU E 347 -39.94 -13.25 35.70
CA LEU E 347 -41.03 -14.08 35.21
C LEU E 347 -42.41 -13.61 35.66
N GLU E 348 -42.49 -12.73 36.66
CA GLU E 348 -43.77 -12.24 37.17
C GLU E 348 -43.92 -10.74 36.94
N LEU E 349 -42.95 -9.94 37.42
CA LEU E 349 -43.08 -8.50 37.32
C LEU E 349 -42.95 -8.03 35.88
N LEU E 350 -41.98 -8.58 35.13
CA LEU E 350 -41.76 -8.12 33.77
C LEU E 350 -42.95 -8.40 32.86
N PRO E 351 -43.53 -9.62 32.83
CA PRO E 351 -44.74 -9.82 32.03
C PRO E 351 -45.90 -8.92 32.44
N ARG E 352 -46.06 -8.67 33.74
CA ARG E 352 -47.15 -7.82 34.19
C ARG E 352 -46.93 -6.37 33.76
N LEU E 353 -45.67 -5.94 33.72
CA LEU E 353 -45.35 -4.61 33.22
C LEU E 353 -45.59 -4.51 31.71
N LEU E 354 -45.39 -5.59 30.98
CA LEU E 354 -45.59 -5.59 29.53
C LEU E 354 -47.05 -5.79 29.19
N ALA E 417 -41.69 -61.22 51.68
CA ALA E 417 -40.51 -62.03 51.46
C ALA E 417 -39.28 -61.13 51.31
N PRO E 418 -38.07 -61.67 51.55
CA PRO E 418 -36.87 -60.83 51.34
C PRO E 418 -36.75 -60.34 49.90
N GLU E 419 -36.97 -61.22 48.93
CA GLU E 419 -36.93 -60.80 47.53
C GLU E 419 -38.01 -59.76 47.23
N VAL E 420 -39.21 -59.97 47.77
CA VAL E 420 -40.30 -59.04 47.54
C VAL E 420 -39.96 -57.66 48.10
N ARG E 421 -39.45 -57.62 49.33
CA ARG E 421 -39.14 -56.34 49.95
C ARG E 421 -38.00 -55.64 49.22
N CYS E 422 -36.97 -56.40 48.83
CA CYS E 422 -35.87 -55.80 48.08
C CYS E 422 -36.32 -55.26 46.73
N CYS E 423 -37.19 -55.99 46.03
CA CYS E 423 -37.73 -55.51 44.76
C CYS E 423 -38.58 -54.25 44.95
N VAL E 424 -39.38 -54.21 46.01
CA VAL E 424 -40.17 -53.00 46.29
C VAL E 424 -39.25 -51.82 46.56
N ASP E 425 -38.18 -52.03 47.32
CA ASP E 425 -37.22 -50.97 47.57
C ASP E 425 -36.57 -50.50 46.28
N ALA E 426 -36.22 -51.44 45.39
CA ALA E 426 -35.63 -51.09 44.11
C ALA E 426 -36.57 -50.24 43.27
N VAL E 427 -37.84 -50.66 43.18
CA VAL E 427 -38.80 -49.93 42.37
C VAL E 427 -39.04 -48.54 42.94
N ASN E 428 -39.07 -48.43 44.27
CA ASN E 428 -39.20 -47.13 44.90
C ASN E 428 -38.02 -46.24 44.57
N PHE E 429 -36.81 -46.82 44.53
CA PHE E 429 -35.63 -46.04 44.17
C PHE E 429 -35.72 -45.51 42.74
N VAL E 430 -36.20 -46.35 41.82
CA VAL E 430 -36.40 -45.91 40.43
C VAL E 430 -37.38 -44.74 40.40
N ALA E 431 -38.51 -44.87 41.11
CA ALA E 431 -39.52 -43.81 41.06
C ALA E 431 -39.00 -42.51 41.68
N GLU E 432 -38.25 -42.62 42.77
CA GLU E 432 -37.72 -41.42 43.43
C GLU E 432 -36.71 -40.73 42.52
N SER E 433 -35.84 -41.52 41.86
CA SER E 433 -34.88 -40.91 40.95
C SER E 433 -35.57 -40.23 39.78
N THR E 434 -36.66 -40.83 39.28
CA THR E 434 -37.43 -40.21 38.21
C THR E 434 -38.01 -38.88 38.67
N ARG E 435 -38.54 -38.84 39.89
CA ARG E 435 -39.12 -37.60 40.42
C ARG E 435 -38.04 -36.52 40.57
N ASP E 436 -36.86 -36.91 41.05
CA ASP E 436 -35.77 -35.93 41.19
C ASP E 436 -35.36 -35.38 39.83
N GLN E 437 -35.29 -36.25 38.82
CA GLN E 437 -34.98 -35.78 37.47
C GLN E 437 -36.03 -34.80 36.98
N GLU E 438 -37.31 -35.08 37.26
CA GLU E 438 -38.36 -34.16 36.85
C GLU E 438 -38.21 -32.79 37.52
N ALA E 439 -37.93 -32.73 38.81
CA ALA E 439 -37.83 -31.45 39.56
C ALA E 439 -36.62 -30.66 39.07
N THR E 440 -35.50 -31.34 38.83
CA THR E 440 -34.28 -30.70 38.32
C THR E 440 -34.63 -30.11 36.96
N GLY E 441 -35.38 -30.83 36.13
CA GLY E 441 -35.75 -30.37 34.78
C GLY E 441 -36.73 -29.21 34.84
N GLU E 442 -37.54 -29.11 35.89
CA GLU E 442 -38.49 -27.99 36.09
C GLU E 442 -37.69 -26.75 36.54
N GLU E 443 -36.60 -26.93 37.30
CA GLU E 443 -35.75 -25.77 37.66
C GLU E 443 -34.97 -25.28 36.43
N VAL E 444 -34.48 -26.18 35.57
CA VAL E 444 -33.73 -25.80 34.37
C VAL E 444 -34.63 -25.04 33.41
N SER E 445 -35.88 -25.49 33.26
CA SER E 445 -36.83 -24.80 32.39
C SER E 445 -37.09 -23.39 32.90
N ASP E 446 -37.20 -23.21 34.22
CA ASP E 446 -37.36 -21.86 34.76
C ASP E 446 -36.16 -20.98 34.43
N TRP E 447 -34.95 -21.52 34.54
CA TRP E 447 -33.75 -20.74 34.19
C TRP E 447 -33.79 -20.33 32.72
N VAL E 448 -34.17 -21.26 31.85
CA VAL E 448 -34.24 -20.96 30.41
C VAL E 448 -35.29 -19.87 30.14
N ARG E 449 -36.43 -19.94 30.83
CA ARG E 449 -37.48 -18.94 30.64
C ARG E 449 -37.00 -17.57 31.09
N MET E 450 -36.28 -17.51 32.21
CA MET E 450 -35.70 -16.25 32.64
C MET E 450 -34.75 -15.69 31.59
N GLY E 451 -33.90 -16.55 31.03
CA GLY E 451 -33.02 -16.10 29.96
C GLY E 451 -33.78 -15.54 28.77
N ASN E 452 -34.89 -16.19 28.41
CA ASN E 452 -35.69 -15.70 27.27
C ASN E 452 -36.28 -14.32 27.56
N ALA E 453 -36.81 -14.13 28.77
CA ALA E 453 -37.38 -12.84 29.12
C ALA E 453 -36.32 -11.73 29.09
N LEU E 454 -35.14 -12.02 29.67
CA LEU E 454 -34.05 -11.05 29.61
C LEU E 454 -33.66 -10.75 28.17
N ASP E 455 -33.62 -11.77 27.32
CA ASP E 455 -33.27 -11.58 25.91
C ASP E 455 -34.25 -10.66 25.22
N ASN E 456 -35.56 -10.84 25.47
CA ASN E 456 -36.57 -10.00 24.83
C ASN E 456 -36.43 -8.53 25.27
N ILE E 457 -36.35 -8.30 26.58
CA ILE E 457 -36.28 -6.93 27.09
C ILE E 457 -35.01 -6.25 26.58
N CYS E 458 -33.89 -6.98 26.62
CA CYS E 458 -32.64 -6.40 26.15
C CYS E 458 -32.67 -6.15 24.64
N PHE E 459 -33.37 -7.00 23.87
CA PHE E 459 -33.52 -6.72 22.45
C PHE E 459 -34.21 -5.40 22.21
N TRP E 460 -35.32 -5.16 22.91
CA TRP E 460 -36.03 -3.91 22.69
C TRP E 460 -35.19 -2.71 23.10
N ALA E 461 -34.49 -2.79 24.23
CA ALA E 461 -33.63 -1.69 24.64
C ALA E 461 -32.52 -1.44 23.62
N ALA E 462 -31.88 -2.50 23.13
CA ALA E 462 -30.79 -2.34 22.18
C ALA E 462 -31.29 -1.78 20.85
N LEU E 463 -32.45 -2.23 20.39
CA LEU E 463 -33.01 -1.69 19.16
C LEU E 463 -33.28 -0.20 19.29
N VAL E 464 -33.85 0.22 20.43
CA VAL E 464 -34.14 1.64 20.62
C VAL E 464 -32.84 2.44 20.60
N LEU E 465 -31.81 1.96 21.32
CA LEU E 465 -30.55 2.68 21.38
C LEU E 465 -29.92 2.80 19.99
N PHE E 466 -29.87 1.68 19.26
CA PHE E 466 -29.26 1.67 17.93
C PHE E 466 -29.98 2.63 16.98
N SER E 467 -31.32 2.54 16.95
CA SER E 467 -32.09 3.39 16.05
C SER E 467 -31.90 4.87 16.40
N VAL E 468 -31.97 5.21 17.69
CA VAL E 468 -31.86 6.61 18.09
C VAL E 468 -30.48 7.16 17.72
N GLY E 469 -29.42 6.41 18.04
CA GLY E 469 -28.09 6.90 17.76
C GLY E 469 -27.82 7.06 16.28
N SER E 470 -28.19 6.06 15.47
CA SER E 470 -27.99 6.15 14.03
C SER E 470 -28.80 7.30 13.44
N SER E 471 -30.04 7.47 13.89
CA SER E 471 -30.89 8.54 13.38
C SER E 471 -30.29 9.90 13.68
N LEU E 472 -29.81 10.09 14.91
CA LEU E 472 -29.22 11.38 15.27
C LEU E 472 -27.95 11.64 14.45
N ILE E 473 -27.09 10.63 14.31
CA ILE E 473 -25.82 10.82 13.63
C ILE E 473 -26.06 11.18 12.16
N PHE E 474 -26.99 10.49 11.49
CA PHE E 474 -27.23 10.77 10.08
C PHE E 474 -28.12 12.00 9.86
N LEU E 475 -28.96 12.35 10.84
CA LEU E 475 -29.67 13.62 10.80
C LEU E 475 -28.71 14.79 10.94
N GLY E 476 -27.57 14.57 11.59
CA GLY E 476 -26.50 15.56 11.53
C GLY E 476 -26.07 15.84 10.11
N ALA E 477 -26.00 14.80 9.28
CA ALA E 477 -25.69 14.99 7.86
C ALA E 477 -26.86 15.58 7.09
N TYR E 478 -28.10 15.27 7.49
CA TYR E 478 -29.25 15.74 6.73
C TYR E 478 -29.34 17.27 6.71
N PHE E 479 -28.96 17.93 7.79
CA PHE E 479 -29.03 19.39 7.89
C PHE E 479 -27.76 20.08 7.43
N ASN E 480 -26.76 19.34 6.97
CA ASN E 480 -25.53 19.95 6.46
C ASN E 480 -25.75 20.34 5.00
N ARG E 481 -25.67 21.64 4.74
CA ARG E 481 -25.87 22.17 3.37
C ARG E 481 -24.98 23.39 3.20
N VAL E 482 -24.61 23.72 1.96
CA VAL E 482 -23.83 24.92 1.66
C VAL E 482 -24.67 26.11 2.13
N PRO E 483 -24.13 27.06 2.90
CA PRO E 483 -24.97 28.18 3.36
C PRO E 483 -25.50 29.02 2.21
N ASP E 484 -26.63 29.67 2.46
CA ASP E 484 -27.22 30.55 1.45
C ASP E 484 -26.38 31.81 1.34
N LEU E 485 -25.40 31.80 0.43
CA LEU E 485 -24.48 32.91 0.29
C LEU E 485 -25.01 33.95 -0.70
N PRO E 486 -24.59 35.25 -0.57
CA PRO E 486 -25.06 36.29 -1.49
C PRO E 486 -24.17 36.46 -2.74
N TYR E 487 -23.88 35.35 -3.42
CA TYR E 487 -23.12 35.36 -4.66
C TYR E 487 -23.89 34.63 -5.74
N ALA E 488 -23.59 34.99 -6.99
CA ALA E 488 -24.17 34.29 -8.13
C ALA E 488 -23.62 32.87 -8.20
N PRO E 489 -24.36 31.92 -8.77
CA PRO E 489 -23.83 30.56 -8.90
C PRO E 489 -22.63 30.53 -9.85
N CYS E 490 -21.72 29.60 -9.59
CA CYS E 490 -20.48 29.54 -10.36
C CYS E 490 -20.75 29.17 -11.81
N ILE E 491 -21.53 28.12 -12.03
CA ILE E 491 -21.87 27.63 -13.37
C ILE E 491 -23.28 28.12 -13.68
N GLN E 492 -23.42 28.81 -14.80
CA GLN E 492 -24.74 29.23 -15.24
C GLN E 492 -25.56 28.01 -15.65
N PRO E 493 -26.84 27.89 -15.26
CA PRO E 493 -27.56 26.67 -15.67
C PRO E 493 -27.80 26.59 -17.17
#